data_6J32
#
_entry.id   6J32
#
_cell.length_a   242.900
_cell.length_b   242.900
_cell.length_c   242.900
_cell.angle_alpha   90.000
_cell.angle_beta   90.000
_cell.angle_gamma   90.000
#
_symmetry.space_group_name_H-M   'I 2 3'
#
loop_
_entity.id
_entity.type
_entity.pdbx_description
1 polymer Kcn28
2 water water
#
_entity_poly.entity_id   1
_entity_poly.type   'polypeptide(L)'
_entity_poly.pdbx_seq_one_letter_code
;GSHMPRPGHIAMVSVPSRGHLHPSLELIRELVARGHRVTYANDPSVAAAVTETGAELVPYTSALPSTDTTEGRVTDQIAQ
MDVFLDDAVGMLPQLRAAYEEDRPDVFLYDVLAYPARVLAMNWGIPSIQISPTWVMPEKYRERMAPVVEQLKQDPRGAAH
YRRFDAWLEDSGVPGIDAGDLVNLPERSLVLVPRFLQPDADDVDEKRFTFIGPCLGRRAHQGDWKRPAGAEKVALVSLGS
HLTNQLPFYETCVEVFAALPDWHLVLQIGRHVDAGELGELPPNVEVHNWVPQLAVLEQADVFVTHGGMGGIQEGLFSGVP
MVVAPQANDQPANAESVVGLGIARRIDIATVTPDRLRAAVVELASDPAVAERLSGLRRELRAHGGTMRAADLIERQLPA
;
_entity_poly.pdbx_strand_id   A,B,C,D
#
# COMPACT_ATOMS: atom_id res chain seq x y z
N PRO A 5 12.27 19.71 17.78
CA PRO A 5 13.20 19.98 18.87
C PRO A 5 14.53 19.25 18.73
N ARG A 6 14.95 18.61 19.82
CA ARG A 6 16.15 17.78 19.81
C ARG A 6 15.91 16.51 18.99
N PRO A 7 16.92 16.04 18.26
CA PRO A 7 16.75 14.85 17.41
C PRO A 7 16.20 13.66 18.18
N GLY A 8 15.14 13.05 17.64
CA GLY A 8 14.53 11.90 18.26
C GLY A 8 14.30 10.79 17.25
N HIS A 9 13.65 9.73 17.73
CA HIS A 9 13.37 8.54 16.93
C HIS A 9 11.88 8.52 16.60
N ILE A 10 11.56 8.63 15.32
CA ILE A 10 10.18 8.59 14.82
C ILE A 10 10.01 7.32 14.01
N ALA A 11 9.01 6.52 14.37
CA ALA A 11 8.75 5.25 13.70
C ALA A 11 7.49 5.36 12.87
N MET A 12 7.63 5.24 11.56
CA MET A 12 6.51 5.24 10.64
C MET A 12 6.22 3.81 10.21
N VAL A 13 4.94 3.44 10.20
CA VAL A 13 4.50 2.11 9.81
C VAL A 13 3.41 2.25 8.76
N SER A 14 3.57 1.57 7.64
CA SER A 14 2.57 1.59 6.59
C SER A 14 2.53 0.23 5.91
N VAL A 15 1.81 0.15 4.78
CA VAL A 15 1.61 -1.09 4.05
C VAL A 15 2.02 -0.86 2.60
N PRO A 16 2.30 -1.94 1.85
CA PRO A 16 2.79 -1.77 0.47
C PRO A 16 1.75 -1.24 -0.51
N SER A 17 0.46 -1.25 -0.17
CA SER A 17 -0.58 -0.84 -1.10
C SER A 17 -0.34 0.59 -1.61
N ARG A 18 -0.69 0.82 -2.89
CA ARG A 18 -0.24 2.03 -3.58
C ARG A 18 -0.78 3.30 -2.94
N GLY A 19 -2.05 3.28 -2.51
CA GLY A 19 -2.64 4.44 -1.90
C GLY A 19 -2.23 4.71 -0.47
N HIS A 20 -1.39 3.86 0.12
CA HIS A 20 -0.98 4.01 1.50
C HIS A 20 0.51 4.31 1.66
N LEU A 21 1.22 4.50 0.56
CA LEU A 21 2.65 4.77 0.59
C LEU A 21 2.99 6.16 0.08
N HIS A 22 2.50 6.52 -1.10
CA HIS A 22 2.83 7.82 -1.69
C HIS A 22 2.34 9.03 -0.87
N PRO A 23 1.17 9.03 -0.24
CA PRO A 23 0.69 10.26 0.40
C PRO A 23 1.60 10.83 1.48
N SER A 24 2.42 10.02 2.14
CA SER A 24 3.23 10.51 3.26
C SER A 24 4.71 10.53 2.97
N LEU A 25 5.12 10.30 1.72
CA LEU A 25 6.56 10.26 1.39
C LEU A 25 7.25 11.57 1.76
N GLU A 26 6.68 12.70 1.34
CA GLU A 26 7.31 13.99 1.60
C GLU A 26 7.29 14.36 3.08
N LEU A 27 6.29 13.88 3.81
CA LEU A 27 6.25 14.13 5.25
C LEU A 27 7.42 13.42 5.95
N ILE A 28 7.70 12.18 5.57
CA ILE A 28 8.82 11.47 6.19
C ILE A 28 10.14 12.12 5.79
N ARG A 29 10.27 12.52 4.51
CA ARG A 29 11.48 13.22 4.08
C ARG A 29 11.70 14.51 4.86
N GLU A 30 10.61 15.25 5.12
CA GLU A 30 10.73 16.48 5.88
C GLU A 30 11.17 16.20 7.32
N LEU A 31 10.67 15.11 7.91
CA LEU A 31 11.10 14.76 9.26
C LEU A 31 12.57 14.38 9.31
N VAL A 32 13.08 13.75 8.25
CA VAL A 32 14.51 13.45 8.20
C VAL A 32 15.32 14.73 8.04
N ALA A 33 14.86 15.64 7.17
CA ALA A 33 15.58 16.88 6.95
C ALA A 33 15.69 17.74 8.20
N ARG A 34 14.83 17.50 9.19
CA ARG A 34 14.87 18.25 10.44
C ARG A 34 15.80 17.63 11.47
N GLY A 35 16.61 16.65 11.08
CA GLY A 35 17.62 16.09 11.95
C GLY A 35 17.18 14.92 12.81
N HIS A 36 15.99 14.36 12.55
CA HIS A 36 15.49 13.25 13.35
C HIS A 36 15.90 11.91 12.74
N ARG A 37 15.93 10.89 13.59
CA ARG A 37 16.08 9.51 13.13
C ARG A 37 14.68 8.97 12.84
N VAL A 38 14.40 8.70 11.58
CA VAL A 38 13.08 8.23 11.17
C VAL A 38 13.24 6.82 10.64
N THR A 39 12.60 5.86 11.32
CA THR A 39 12.53 4.50 10.84
C THR A 39 11.16 4.28 10.20
N TYR A 40 11.14 3.54 9.10
CA TYR A 40 9.93 3.31 8.32
C TYR A 40 9.77 1.80 8.13
N ALA A 41 8.77 1.23 8.79
CA ALA A 41 8.49 -0.20 8.69
C ALA A 41 7.47 -0.43 7.58
N ASN A 42 7.86 -1.23 6.59
CA ASN A 42 6.97 -1.57 5.49
C ASN A 42 7.47 -2.87 4.87
N ASP A 43 6.70 -3.37 3.92
CA ASP A 43 7.10 -4.59 3.23
C ASP A 43 8.28 -4.30 2.30
N PRO A 44 9.22 -5.23 2.16
CA PRO A 44 10.40 -4.97 1.31
C PRO A 44 10.06 -4.73 -0.15
N SER A 45 8.85 -5.03 -0.59
CA SER A 45 8.48 -4.76 -1.98
C SER A 45 8.46 -3.28 -2.31
N VAL A 46 8.35 -2.40 -1.31
CA VAL A 46 8.36 -0.97 -1.54
C VAL A 46 9.61 -0.35 -0.92
N ALA A 47 10.67 -1.15 -0.81
CA ALA A 47 11.92 -0.66 -0.22
C ALA A 47 12.50 0.51 -1.01
N ALA A 48 12.25 0.57 -2.32
CA ALA A 48 12.75 1.68 -3.11
C ALA A 48 12.15 3.00 -2.61
N ALA A 49 10.83 3.08 -2.53
CA ALA A 49 10.18 4.32 -2.11
C ALA A 49 10.53 4.68 -0.67
N VAL A 50 10.62 3.66 0.20
CA VAL A 50 10.92 3.93 1.61
C VAL A 50 12.33 4.50 1.76
N THR A 51 13.32 3.88 1.12
CA THR A 51 14.70 4.34 1.32
C THR A 51 14.93 5.70 0.68
N GLU A 52 14.29 5.97 -0.47
CA GLU A 52 14.48 7.23 -1.15
C GLU A 52 14.10 8.41 -0.26
N THR A 53 13.17 8.18 0.66
CA THR A 53 12.79 9.20 1.63
C THR A 53 13.97 9.61 2.51
N GLY A 54 14.91 8.71 2.73
CA GLY A 54 15.97 8.93 3.68
C GLY A 54 15.73 8.29 5.02
N ALA A 55 14.66 7.51 5.16
CA ALA A 55 14.33 6.86 6.40
C ALA A 55 14.94 5.46 6.45
N GLU A 56 15.13 4.96 7.67
CA GLU A 56 15.64 3.62 7.88
C GLU A 56 14.54 2.60 7.58
N LEU A 57 14.76 1.75 6.58
CA LEU A 57 13.77 0.74 6.27
C LEU A 57 13.81 -0.36 7.32
N VAL A 58 12.65 -0.66 7.91
CA VAL A 58 12.49 -1.74 8.86
C VAL A 58 11.56 -2.77 8.25
N PRO A 59 12.09 -3.85 7.67
CA PRO A 59 11.23 -4.75 6.89
C PRO A 59 10.34 -5.61 7.78
N TYR A 60 9.11 -5.81 7.31
CA TYR A 60 8.23 -6.83 7.84
C TYR A 60 7.47 -7.43 6.67
N THR A 61 7.05 -8.68 6.82
CA THR A 61 6.38 -9.37 5.74
C THR A 61 4.89 -9.05 5.78
N SER A 62 4.38 -8.50 4.70
CA SER A 62 2.97 -8.14 4.61
C SER A 62 2.17 -9.31 4.07
N ALA A 63 0.99 -9.51 4.65
CA ALA A 63 0.08 -10.54 4.18
C ALA A 63 -0.97 -9.98 3.22
N LEU A 64 -0.91 -8.68 2.91
CA LEU A 64 -1.82 -8.02 2.00
C LEU A 64 -1.45 -8.36 0.55
N PRO A 65 -2.44 -8.53 -0.34
CA PRO A 65 -2.17 -8.86 -1.74
C PRO A 65 -1.47 -7.73 -2.51
N THR A 75 -12.11 -11.36 -2.55
CA THR A 75 -13.25 -12.12 -3.04
C THR A 75 -14.56 -11.53 -2.52
N ASP A 76 -15.04 -12.07 -1.40
CA ASP A 76 -16.27 -11.61 -0.79
C ASP A 76 -15.99 -10.43 0.14
N GLN A 77 -17.05 -9.87 0.73
CA GLN A 77 -16.88 -8.80 1.70
C GLN A 77 -16.28 -9.35 2.98
N ILE A 78 -16.84 -10.45 3.47
CA ILE A 78 -16.29 -11.11 4.65
C ILE A 78 -14.94 -11.74 4.32
N ALA A 79 -14.77 -12.19 3.08
CA ALA A 79 -13.46 -12.71 2.66
C ALA A 79 -12.42 -11.59 2.65
N GLN A 80 -12.81 -10.40 2.21
CA GLN A 80 -11.89 -9.26 2.23
C GLN A 80 -11.54 -8.87 3.66
N MET A 81 -12.51 -8.96 4.58
CA MET A 81 -12.25 -8.66 5.99
C MET A 81 -11.32 -9.68 6.63
N ASP A 82 -11.32 -10.92 6.11
CA ASP A 82 -10.46 -11.95 6.69
C ASP A 82 -8.98 -11.67 6.37
N VAL A 83 -8.69 -11.27 5.14
CA VAL A 83 -7.30 -11.01 4.74
C VAL A 83 -6.73 -9.81 5.51
N PHE A 84 -7.53 -8.76 5.69
CA PHE A 84 -7.05 -7.59 6.43
C PHE A 84 -6.77 -7.95 7.88
N LEU A 85 -7.58 -8.84 8.47
CA LEU A 85 -7.32 -9.28 9.83
C LEU A 85 -6.04 -10.11 9.90
N ASP A 86 -5.79 -10.94 8.88
CA ASP A 86 -4.57 -11.72 8.86
C ASP A 86 -3.35 -10.82 8.84
N ASP A 87 -3.41 -9.72 8.10
CA ASP A 87 -2.28 -8.80 8.04
C ASP A 87 -2.05 -8.13 9.38
N ALA A 88 -3.13 -7.73 10.07
CA ALA A 88 -2.97 -7.14 11.39
C ALA A 88 -2.40 -8.15 12.38
N VAL A 89 -2.87 -9.40 12.32
CA VAL A 89 -2.36 -10.44 13.20
C VAL A 89 -0.88 -10.68 12.93
N GLY A 90 -0.50 -10.74 11.65
CA GLY A 90 0.89 -10.96 11.30
C GLY A 90 1.79 -9.76 11.52
N MET A 91 1.24 -8.55 11.39
CA MET A 91 2.08 -7.35 11.48
C MET A 91 2.59 -7.11 12.89
N LEU A 92 1.73 -7.29 13.89
CA LEU A 92 2.10 -6.91 15.25
C LEU A 92 3.35 -7.61 15.77
N PRO A 93 3.51 -8.94 15.65
CA PRO A 93 4.75 -9.56 16.17
C PRO A 93 5.99 -9.08 15.47
N GLN A 94 5.93 -8.79 14.17
CA GLN A 94 7.10 -8.30 13.45
C GLN A 94 7.49 -6.90 13.92
N LEU A 95 6.51 -6.03 14.16
CA LEU A 95 6.83 -4.71 14.70
C LEU A 95 7.38 -4.84 16.12
N ARG A 96 6.83 -5.76 16.92
CA ARG A 96 7.32 -5.95 18.28
C ARG A 96 8.78 -6.38 18.27
N ALA A 97 9.12 -7.38 17.46
CA ALA A 97 10.50 -7.86 17.41
C ALA A 97 11.44 -6.77 16.90
N ALA A 98 11.01 -6.00 15.91
CA ALA A 98 11.89 -4.99 15.33
C ALA A 98 12.17 -3.85 16.30
N TYR A 99 11.17 -3.45 17.08
CA TYR A 99 11.26 -2.26 17.93
C TYR A 99 11.38 -2.58 19.42
N GLU A 100 11.50 -3.87 19.78
CA GLU A 100 11.48 -4.24 21.20
C GLU A 100 12.58 -3.55 21.98
N GLU A 101 13.80 -3.57 21.46
CA GLU A 101 14.95 -2.98 22.14
C GLU A 101 15.39 -1.67 21.50
N ASP A 102 14.59 -1.14 20.56
CA ASP A 102 14.89 0.11 19.87
C ASP A 102 13.62 0.96 19.80
N ARG A 103 13.04 1.21 20.97
CA ARG A 103 11.72 1.83 21.03
C ARG A 103 11.78 3.29 20.60
N PRO A 104 10.81 3.75 19.82
CA PRO A 104 10.83 5.12 19.32
C PRO A 104 10.12 6.07 20.28
N ASP A 105 10.34 7.37 20.05
CA ASP A 105 9.64 8.37 20.85
C ASP A 105 8.17 8.48 20.46
N VAL A 106 7.84 8.25 19.20
CA VAL A 106 6.46 8.35 18.73
C VAL A 106 6.25 7.35 17.60
N PHE A 107 5.04 6.82 17.51
CA PHE A 107 4.64 5.88 16.47
C PHE A 107 3.72 6.59 15.48
N LEU A 108 4.11 6.61 14.21
CA LEU A 108 3.25 7.04 13.12
C LEU A 108 2.75 5.81 12.37
N TYR A 109 1.45 5.76 12.08
CA TYR A 109 0.92 4.58 11.40
C TYR A 109 -0.18 4.96 10.42
N ASP A 110 -0.11 4.34 9.25
CA ASP A 110 -1.18 4.41 8.25
C ASP A 110 -2.44 3.73 8.79
N VAL A 111 -3.58 4.06 8.18
CA VAL A 111 -4.86 3.54 8.65
C VAL A 111 -4.89 2.01 8.67
N LEU A 112 -4.17 1.37 7.76
CA LEU A 112 -4.14 -0.10 7.73
C LEU A 112 -3.02 -0.67 8.58
N ALA A 113 -2.25 0.16 9.27
CA ALA A 113 -1.15 -0.29 10.11
C ALA A 113 -1.43 0.04 11.58
N TYR A 114 -2.70 -0.10 11.98
CA TYR A 114 -3.12 0.14 13.35
C TYR A 114 -2.48 -0.79 14.38
N PRO A 115 -1.93 -1.96 14.02
CA PRO A 115 -1.13 -2.70 15.02
C PRO A 115 -0.03 -1.87 15.65
N ALA A 116 0.48 -0.86 14.94
CA ALA A 116 1.46 0.04 15.54
C ALA A 116 0.87 0.79 16.74
N ARG A 117 -0.42 1.13 16.68
CA ARG A 117 -1.05 1.78 17.82
C ARG A 117 -1.08 0.84 19.02
N VAL A 118 -1.34 -0.44 18.79
CA VAL A 118 -1.32 -1.42 19.86
C VAL A 118 0.06 -1.46 20.52
N LEU A 119 1.13 -1.40 19.72
CA LEU A 119 2.47 -1.37 20.29
C LEU A 119 2.68 -0.13 21.13
N ALA A 120 2.20 1.02 20.65
CA ALA A 120 2.38 2.26 21.40
C ALA A 120 1.62 2.22 22.71
N MET A 121 0.42 1.61 22.71
CA MET A 121 -0.33 1.49 23.95
C MET A 121 0.36 0.56 24.94
N ASN A 122 0.92 -0.55 24.44
CA ASN A 122 1.63 -1.47 25.33
C ASN A 122 2.85 -0.81 25.96
N TRP A 123 3.55 0.02 25.19
CA TRP A 123 4.81 0.62 25.62
C TRP A 123 4.66 2.06 26.11
N GLY A 124 3.44 2.55 26.26
CA GLY A 124 3.23 3.92 26.70
C GLY A 124 3.90 4.95 25.82
N ILE A 125 3.78 4.79 24.51
CA ILE A 125 4.44 5.66 23.53
C ILE A 125 3.34 6.40 22.78
N PRO A 126 3.49 7.69 22.49
CA PRO A 126 2.45 8.38 21.72
C PRO A 126 2.37 7.84 20.31
N SER A 127 1.14 7.76 19.78
CA SER A 127 0.90 7.30 18.42
C SER A 127 0.05 8.30 17.68
N ILE A 128 0.31 8.42 16.37
CA ILE A 128 -0.39 9.35 15.49
C ILE A 128 -0.79 8.59 14.24
N GLN A 129 -2.08 8.61 13.93
CA GLN A 129 -2.56 8.00 12.69
C GLN A 129 -2.33 8.93 11.51
N ILE A 130 -1.85 8.37 10.41
CA ILE A 130 -1.64 9.11 9.17
C ILE A 130 -2.66 8.59 8.16
N SER A 131 -3.70 9.38 7.90
CA SER A 131 -4.76 8.95 7.01
C SER A 131 -4.48 9.47 5.60
N PRO A 132 -4.32 8.60 4.61
CA PRO A 132 -4.00 9.08 3.25
C PRO A 132 -5.19 9.64 2.49
N THR A 133 -6.40 9.48 3.01
CA THR A 133 -7.59 10.01 2.36
C THR A 133 -8.59 10.36 3.46
N TRP A 134 -9.82 10.67 3.08
CA TRP A 134 -10.81 11.07 4.07
C TRP A 134 -11.14 9.91 5.01
N VAL A 135 -11.46 10.27 6.25
CA VAL A 135 -11.76 9.30 7.29
C VAL A 135 -13.27 9.06 7.35
N MET A 136 -13.70 8.10 8.15
CA MET A 136 -15.12 7.81 8.27
C MET A 136 -15.73 8.71 9.34
N PRO A 137 -16.75 9.50 9.00
CA PRO A 137 -17.35 10.43 9.97
C PRO A 137 -17.96 9.74 11.18
N GLU A 138 -18.14 10.54 12.22
CA GLU A 138 -18.61 10.08 13.52
C GLU A 138 -20.05 9.56 13.49
N LYS A 139 -20.84 9.96 12.49
CA LYS A 139 -22.17 9.38 12.27
C LYS A 139 -22.30 8.46 11.06
N TYR A 140 -21.39 8.52 10.09
CA TYR A 140 -21.53 7.66 8.91
C TYR A 140 -21.43 6.19 9.28
N ARG A 141 -20.73 5.86 10.36
CA ARG A 141 -20.62 4.48 10.81
C ARG A 141 -21.98 3.91 11.25
N GLU A 142 -22.74 4.67 12.03
CA GLU A 142 -24.01 4.15 12.56
C GLU A 142 -25.04 3.89 11.47
N ARG A 143 -25.00 4.59 10.35
CA ARG A 143 -25.90 4.23 9.26
C ARG A 143 -25.58 2.82 8.77
N MET A 144 -24.32 2.43 8.78
CA MET A 144 -23.90 1.07 8.48
C MET A 144 -23.86 0.18 9.71
N ALA A 145 -24.10 0.73 10.89
CA ALA A 145 -24.10 -0.09 12.09
C ALA A 145 -25.12 -1.21 12.05
N PRO A 146 -26.35 -1.03 11.54
CA PRO A 146 -27.20 -2.20 11.35
C PRO A 146 -26.55 -3.22 10.43
N VAL A 147 -26.00 -2.78 9.30
CA VAL A 147 -25.39 -3.70 8.35
C VAL A 147 -24.23 -4.45 9.00
N VAL A 148 -23.49 -3.79 9.89
CA VAL A 148 -22.45 -4.49 10.63
C VAL A 148 -23.07 -5.50 11.58
N GLU A 149 -24.12 -5.10 12.30
CA GLU A 149 -24.82 -6.00 13.22
C GLU A 149 -25.73 -6.99 12.49
N GLN A 150 -26.30 -6.57 11.35
CA GLN A 150 -27.09 -7.43 10.49
C GLN A 150 -26.23 -8.32 9.61
N LEU A 151 -24.91 -8.26 9.77
CA LEU A 151 -24.00 -9.20 9.16
C LEU A 151 -23.52 -10.26 10.15
N LYS A 152 -23.67 -10.00 11.44
CA LYS A 152 -23.39 -10.91 12.54
C LYS A 152 -24.42 -12.03 12.64
N GLN A 153 -25.33 -12.04 11.66
CA GLN A 153 -26.32 -13.09 11.48
C GLN A 153 -25.76 -14.20 10.60
N ASP A 154 -25.03 -13.81 9.55
CA ASP A 154 -24.12 -14.71 8.87
C ASP A 154 -23.12 -15.26 9.88
N PRO A 155 -22.93 -16.58 9.98
CA PRO A 155 -21.92 -17.11 10.90
C PRO A 155 -20.50 -16.73 10.50
N ARG A 156 -20.35 -15.94 9.44
CA ARG A 156 -19.07 -15.46 8.96
C ARG A 156 -18.73 -14.11 9.58
N GLY A 157 -19.72 -13.22 9.70
CA GLY A 157 -19.51 -11.94 10.36
C GLY A 157 -19.39 -12.01 11.87
N ALA A 158 -19.95 -13.07 12.49
CA ALA A 158 -19.91 -13.19 13.93
C ALA A 158 -18.79 -14.08 14.42
N ALA A 159 -18.01 -14.65 13.51
CA ALA A 159 -16.78 -15.35 13.85
C ALA A 159 -15.56 -14.50 13.53
N HIS A 160 -15.68 -13.64 12.53
CA HIS A 160 -14.62 -12.70 12.20
C HIS A 160 -14.42 -11.68 13.32
N TYR A 161 -15.50 -11.00 13.73
CA TYR A 161 -15.42 -10.08 14.86
C TYR A 161 -14.97 -10.77 16.13
N ARG A 162 -15.48 -11.98 16.40
CA ARG A 162 -15.02 -12.72 17.57
C ARG A 162 -13.52 -12.95 17.50
N ARG A 163 -13.02 -13.26 16.30
CA ARG A 163 -11.58 -13.35 16.08
C ARG A 163 -10.90 -12.01 16.32
N PHE A 164 -11.54 -10.92 15.87
CA PHE A 164 -11.00 -9.58 16.10
C PHE A 164 -10.98 -9.26 17.60
N ASP A 165 -12.11 -9.52 18.27
CA ASP A 165 -12.19 -9.25 19.71
C ASP A 165 -11.17 -10.09 20.48
N ALA A 166 -11.00 -11.36 20.09
CA ALA A 166 -10.03 -12.22 20.77
C ALA A 166 -8.62 -11.70 20.59
N TRP A 167 -8.29 -11.19 19.40
CA TRP A 167 -6.96 -10.66 19.16
C TRP A 167 -6.67 -9.45 20.04
N LEU A 168 -7.67 -8.59 20.26
CA LEU A 168 -7.48 -7.44 21.14
C LEU A 168 -7.17 -7.89 22.56
N GLU A 169 -7.88 -8.93 23.04
CA GLU A 169 -7.60 -9.46 24.36
C GLU A 169 -6.22 -10.12 24.41
N ASP A 170 -5.85 -10.82 23.34
CA ASP A 170 -4.52 -11.44 23.28
C ASP A 170 -3.42 -10.40 23.24
N SER A 171 -3.66 -9.25 22.63
CA SER A 171 -2.62 -8.25 22.40
C SER A 171 -2.43 -7.27 23.55
N GLY A 172 -3.19 -7.40 24.63
CA GLY A 172 -3.00 -6.55 25.78
C GLY A 172 -3.78 -5.26 25.78
N VAL A 173 -4.82 -5.17 24.95
CA VAL A 173 -5.66 -3.97 24.86
C VAL A 173 -7.12 -4.37 24.95
N PRO A 174 -7.57 -4.91 26.09
CA PRO A 174 -8.98 -5.30 26.19
C PRO A 174 -9.94 -4.13 26.30
N GLY A 175 -9.46 -2.99 26.81
CA GLY A 175 -10.31 -1.85 27.05
C GLY A 175 -10.62 -0.98 25.84
N ILE A 176 -10.60 -1.54 24.63
CA ILE A 176 -10.91 -0.78 23.43
C ILE A 176 -11.74 -1.64 22.50
N ASP A 177 -12.64 -0.99 21.77
CA ASP A 177 -13.52 -1.62 20.81
C ASP A 177 -12.78 -1.88 19.50
N ALA A 178 -13.27 -2.86 18.74
CA ALA A 178 -12.69 -3.13 17.43
C ALA A 178 -12.83 -1.94 16.50
N GLY A 179 -13.84 -1.09 16.73
CA GLY A 179 -13.99 0.15 15.98
C GLY A 179 -13.12 1.26 16.52
N ASP A 180 -13.00 1.38 17.84
CA ASP A 180 -12.25 2.49 18.44
C ASP A 180 -10.79 2.46 18.03
N LEU A 181 -10.09 1.37 18.34
CA LEU A 181 -8.81 1.15 17.66
C LEU A 181 -9.12 0.81 16.21
N VAL A 182 -8.54 1.57 15.29
CA VAL A 182 -8.73 1.59 13.83
C VAL A 182 -9.41 2.91 13.45
N ASN A 183 -10.61 3.15 13.98
CA ASN A 183 -11.43 4.27 13.53
C ASN A 183 -11.54 5.41 14.55
N LEU A 184 -10.95 5.27 15.73
CA LEU A 184 -10.92 6.35 16.72
C LEU A 184 -9.51 6.48 17.29
N PRO A 185 -8.56 6.94 16.49
CA PRO A 185 -7.19 7.07 17.00
C PRO A 185 -7.12 8.17 18.05
N GLU A 186 -6.03 8.16 18.81
CA GLU A 186 -5.75 9.27 19.70
C GLU A 186 -5.58 10.57 18.94
N ARG A 187 -4.68 10.57 17.96
CA ARG A 187 -4.41 11.72 17.11
C ARG A 187 -4.31 11.23 15.69
N SER A 188 -4.77 12.04 14.74
CA SER A 188 -4.75 11.63 13.35
C SER A 188 -4.45 12.82 12.46
N LEU A 189 -3.66 12.57 11.42
CA LEU A 189 -3.36 13.56 10.39
C LEU A 189 -4.05 13.11 9.12
N VAL A 190 -5.03 13.89 8.67
CA VAL A 190 -5.82 13.57 7.49
C VAL A 190 -5.20 14.32 6.32
N LEU A 191 -4.64 13.58 5.36
CA LEU A 191 -3.89 14.20 4.27
C LEU A 191 -4.79 14.61 3.11
N VAL A 192 -5.98 15.13 3.40
CA VAL A 192 -6.85 15.75 2.40
C VAL A 192 -7.35 17.06 2.97
N PRO A 193 -7.74 18.00 2.11
CA PRO A 193 -8.38 19.22 2.61
C PRO A 193 -9.80 18.92 3.08
N ARG A 194 -10.33 19.83 3.90
CA ARG A 194 -11.65 19.60 4.47
C ARG A 194 -12.71 19.51 3.39
N PHE A 195 -12.53 20.21 2.26
CA PHE A 195 -13.53 20.19 1.21
C PHE A 195 -13.51 18.91 0.38
N LEU A 196 -12.53 18.01 0.61
CA LEU A 196 -12.55 16.67 0.04
C LEU A 196 -12.93 15.62 1.08
N GLN A 197 -13.37 16.04 2.27
CA GLN A 197 -13.78 15.12 3.32
C GLN A 197 -15.30 15.13 3.41
N PRO A 198 -15.98 14.04 3.09
CA PRO A 198 -17.44 14.02 3.23
C PRO A 198 -17.85 14.16 4.69
N ASP A 199 -18.91 14.92 4.93
CA ASP A 199 -19.45 15.12 6.27
C ASP A 199 -18.39 15.65 7.22
N ALA A 200 -17.68 16.69 6.78
CA ALA A 200 -16.55 17.22 7.56
C ALA A 200 -17.00 17.71 8.93
N ASP A 201 -18.23 18.21 9.04
CA ASP A 201 -18.71 18.72 10.33
C ASP A 201 -18.80 17.60 11.37
N ASP A 202 -19.00 16.37 10.93
CA ASP A 202 -19.05 15.23 11.82
C ASP A 202 -17.67 14.69 12.15
N VAL A 203 -16.61 15.36 11.73
CA VAL A 203 -15.26 14.96 12.07
C VAL A 203 -14.81 15.81 13.23
N ASP A 204 -14.43 15.18 14.33
CA ASP A 204 -14.01 15.89 15.53
C ASP A 204 -12.59 16.38 15.31
N GLU A 205 -12.43 17.68 15.12
CA GLU A 205 -11.11 18.22 14.81
C GLU A 205 -10.27 18.46 16.06
N LYS A 206 -10.80 18.13 17.24
CA LYS A 206 -9.94 17.93 18.40
C LYS A 206 -9.04 16.71 18.20
N ARG A 207 -9.53 15.72 17.46
CA ARG A 207 -8.85 14.46 17.22
C ARG A 207 -8.20 14.38 15.85
N PHE A 208 -8.93 14.71 14.80
CA PHE A 208 -8.42 14.67 13.43
C PHE A 208 -8.03 16.06 12.97
N THR A 209 -6.91 16.16 12.26
CA THR A 209 -6.45 17.43 11.69
C THR A 209 -6.40 17.30 10.18
N PHE A 210 -7.13 18.15 9.47
CA PHE A 210 -7.11 18.17 8.03
C PHE A 210 -5.85 18.90 7.57
N ILE A 211 -4.93 18.17 6.94
CA ILE A 211 -3.63 18.70 6.58
C ILE A 211 -3.61 19.05 5.10
N GLY A 212 -4.38 18.32 4.30
CA GLY A 212 -4.24 18.39 2.87
C GLY A 212 -3.08 17.54 2.44
N PRO A 213 -2.79 17.52 1.15
CA PRO A 213 -1.67 16.69 0.66
C PRO A 213 -0.35 17.22 1.20
N CYS A 214 0.61 16.31 1.31
CA CYS A 214 1.95 16.66 1.76
C CYS A 214 2.88 16.67 0.56
N LEU A 215 3.30 17.86 0.15
CA LEU A 215 4.10 18.07 -1.04
C LEU A 215 5.46 18.62 -0.66
N GLY A 216 6.39 18.63 -1.61
CA GLY A 216 7.67 19.26 -1.34
C GLY A 216 8.41 19.55 -2.61
N ARG A 217 8.06 20.66 -3.27
CA ARG A 217 8.65 21.05 -4.54
C ARG A 217 8.35 19.97 -5.59
N ARG A 218 8.69 20.20 -6.85
CA ARG A 218 8.46 19.19 -7.87
C ARG A 218 9.79 18.66 -8.37
N ALA A 219 9.94 17.34 -8.35
CA ALA A 219 11.18 16.68 -8.71
C ALA A 219 11.35 16.53 -10.23
N HIS A 220 10.63 17.32 -11.03
CA HIS A 220 10.71 17.21 -12.49
C HIS A 220 10.21 15.84 -12.91
N GLN A 221 11.03 14.80 -12.68
CA GLN A 221 10.81 13.39 -13.03
C GLN A 221 10.67 13.18 -14.52
N GLY A 222 11.03 14.16 -15.32
CA GLY A 222 10.92 14.05 -16.76
C GLY A 222 9.93 15.07 -17.26
N ASP A 223 10.43 16.17 -17.82
CA ASP A 223 9.56 17.24 -18.27
C ASP A 223 8.78 16.82 -19.51
N TRP A 224 7.74 17.61 -19.81
CA TRP A 224 6.85 17.33 -20.92
C TRP A 224 6.29 18.69 -21.36
N LYS A 225 6.84 19.22 -22.45
CA LYS A 225 6.38 20.51 -22.96
C LYS A 225 5.21 20.31 -23.92
N ARG A 226 4.36 21.33 -23.98
CA ARG A 226 3.21 21.28 -24.87
C ARG A 226 3.70 21.21 -26.31
N PRO A 227 3.07 20.40 -27.16
CA PRO A 227 3.38 20.46 -28.59
C PRO A 227 3.05 21.83 -29.17
N ALA A 228 3.97 22.35 -29.98
CA ALA A 228 3.77 23.66 -30.59
C ALA A 228 2.52 23.64 -31.46
N GLY A 229 1.71 24.70 -31.34
CA GLY A 229 0.45 24.74 -32.07
C GLY A 229 -0.64 23.90 -31.44
N ALA A 230 -0.57 23.64 -30.14
CA ALA A 230 -1.64 22.97 -29.42
C ALA A 230 -2.40 24.00 -28.59
N GLU A 231 -3.72 24.08 -28.78
CA GLU A 231 -4.51 25.08 -28.07
C GLU A 231 -4.75 24.67 -26.63
N LYS A 232 -5.31 23.48 -26.40
CA LYS A 232 -5.50 22.95 -25.06
C LYS A 232 -5.14 21.47 -25.03
N VAL A 233 -4.51 21.04 -23.94
CA VAL A 233 -3.99 19.68 -23.80
C VAL A 233 -4.87 18.93 -22.81
N ALA A 234 -5.14 17.66 -23.12
CA ALA A 234 -5.95 16.79 -22.27
C ALA A 234 -5.17 15.56 -21.86
N LEU A 235 -5.38 15.12 -20.63
CA LEU A 235 -4.74 13.92 -20.09
C LEU A 235 -5.82 12.93 -19.66
N VAL A 236 -5.76 11.71 -20.18
CA VAL A 236 -6.66 10.63 -19.80
C VAL A 236 -5.83 9.55 -19.12
N SER A 237 -6.10 9.34 -17.83
CA SER A 237 -5.41 8.35 -17.02
C SER A 237 -6.37 7.95 -15.91
N LEU A 238 -6.66 6.66 -15.79
CA LEU A 238 -7.64 6.22 -14.82
C LEU A 238 -7.06 6.30 -13.42
N GLY A 239 -7.73 7.06 -12.56
CA GLY A 239 -7.24 7.53 -11.28
C GLY A 239 -7.03 6.56 -10.14
N SER A 240 -5.75 6.39 -9.78
CA SER A 240 -5.34 5.75 -8.54
C SER A 240 -5.71 4.27 -8.48
N HIS A 241 -4.82 3.43 -9.04
CA HIS A 241 -4.69 1.97 -8.91
C HIS A 241 -4.78 1.31 -10.28
N LEU A 242 -5.64 0.31 -10.43
CA LEU A 242 -5.61 -0.61 -11.56
C LEU A 242 -6.63 -0.19 -12.61
N THR A 243 -6.27 -0.43 -13.87
CA THR A 243 -7.16 -0.15 -14.99
C THR A 243 -7.36 -1.39 -15.83
N ASN A 244 -8.47 -1.39 -16.57
CA ASN A 244 -8.81 -2.51 -17.45
C ASN A 244 -9.69 -2.09 -18.61
N GLN A 245 -10.00 -0.79 -18.77
CA GLN A 245 -11.05 -0.36 -19.68
C GLN A 245 -10.46 -0.14 -21.06
N LEU A 246 -10.43 -1.22 -21.86
CA LEU A 246 -10.02 -1.09 -23.26
C LEU A 246 -11.04 -0.34 -24.10
N PRO A 247 -12.36 -0.63 -24.01
CA PRO A 247 -13.29 0.06 -24.91
C PRO A 247 -13.32 1.57 -24.70
N PHE A 248 -13.22 2.02 -23.44
CA PHE A 248 -13.22 3.45 -23.18
C PHE A 248 -11.97 4.12 -23.77
N TYR A 249 -10.85 3.39 -23.86
CA TYR A 249 -9.66 3.97 -24.46
C TYR A 249 -9.89 4.33 -25.92
N GLU A 250 -10.57 3.45 -26.66
CA GLU A 250 -10.87 3.75 -28.06
C GLU A 250 -11.79 4.95 -28.20
N THR A 251 -12.78 5.07 -27.32
CA THR A 251 -13.68 6.21 -27.35
C THR A 251 -12.93 7.51 -27.10
N CYS A 252 -11.92 7.48 -26.22
CA CYS A 252 -11.09 8.66 -26.02
C CYS A 252 -10.36 9.02 -27.30
N VAL A 253 -9.73 8.04 -27.94
CA VAL A 253 -9.11 8.27 -29.24
C VAL A 253 -10.16 8.67 -30.27
N GLU A 254 -11.35 8.06 -30.17
CA GLU A 254 -12.43 8.42 -31.09
C GLU A 254 -12.83 9.88 -30.92
N VAL A 255 -13.04 10.31 -29.68
CA VAL A 255 -13.43 11.69 -29.42
C VAL A 255 -12.35 12.65 -29.87
N PHE A 256 -11.10 12.41 -29.45
CA PHE A 256 -10.03 13.34 -29.80
C PHE A 256 -9.58 13.20 -31.24
N ALA A 257 -9.98 12.14 -31.93
CA ALA A 257 -9.87 12.13 -33.38
C ALA A 257 -10.95 13.07 -33.90
N ALA A 258 -10.58 13.93 -34.83
CA ALA A 258 -11.43 14.98 -35.40
C ALA A 258 -11.66 16.10 -34.40
N LEU A 259 -11.07 16.03 -33.20
CA LEU A 259 -11.00 17.17 -32.31
C LEU A 259 -9.62 17.78 -32.45
N PRO A 260 -9.39 18.66 -33.41
CA PRO A 260 -8.05 19.22 -33.62
C PRO A 260 -7.79 20.30 -32.58
N ASP A 261 -6.60 20.88 -32.66
CA ASP A 261 -6.16 21.93 -31.76
C ASP A 261 -5.98 21.41 -30.34
N TRP A 262 -6.63 20.30 -30.01
CA TRP A 262 -6.44 19.61 -28.74
C TRP A 262 -5.40 18.52 -28.90
N HIS A 263 -4.68 18.23 -27.82
CA HIS A 263 -3.68 17.17 -27.81
C HIS A 263 -4.02 16.20 -26.69
N LEU A 264 -4.37 14.97 -27.05
CA LEU A 264 -4.72 13.94 -26.09
C LEU A 264 -3.46 13.20 -25.64
N VAL A 265 -3.31 13.06 -24.33
CA VAL A 265 -2.21 12.31 -23.74
C VAL A 265 -2.85 11.16 -22.97
N LEU A 266 -2.96 10.00 -23.62
CA LEU A 266 -3.66 8.86 -23.08
C LEU A 266 -2.69 7.91 -22.41
N GLN A 267 -3.02 7.47 -21.19
CA GLN A 267 -2.25 6.49 -20.45
C GLN A 267 -3.05 5.19 -20.40
N ILE A 268 -2.50 4.15 -21.04
CA ILE A 268 -3.19 2.88 -21.11
C ILE A 268 -2.97 2.07 -19.83
N GLY A 269 -1.88 2.32 -19.12
CA GLY A 269 -1.76 1.72 -17.81
C GLY A 269 -1.07 0.38 -17.78
N ARG A 270 -0.31 0.16 -16.72
CA ARG A 270 0.35 -1.09 -16.34
C ARG A 270 0.04 -2.29 -17.25
N HIS A 271 -1.04 -3.02 -16.94
CA HIS A 271 -1.42 -4.24 -17.63
C HIS A 271 -2.13 -3.94 -18.95
N VAL A 272 -2.63 -5.01 -19.60
CA VAL A 272 -3.52 -5.00 -20.77
C VAL A 272 -3.26 -3.89 -21.79
N ASP A 273 -2.03 -3.38 -21.84
CA ASP A 273 -1.66 -2.37 -22.83
C ASP A 273 -1.97 -2.84 -24.25
N ALA A 274 -1.99 -4.15 -24.49
CA ALA A 274 -2.21 -4.68 -25.82
C ALA A 274 -3.59 -4.29 -26.34
N GLY A 275 -3.65 -4.09 -27.66
CA GLY A 275 -4.83 -3.60 -28.33
C GLY A 275 -4.62 -2.16 -28.73
N GLU A 276 -3.55 -1.90 -29.46
CA GLU A 276 -3.25 -0.56 -29.96
C GLU A 276 -4.22 -0.26 -31.11
N LEU A 277 -4.02 0.87 -31.79
CA LEU A 277 -4.81 1.19 -32.97
C LEU A 277 -3.86 1.69 -34.04
N GLY A 278 -3.64 0.85 -35.05
CA GLY A 278 -2.77 1.07 -36.19
C GLY A 278 -1.93 2.32 -36.24
N GLU A 279 -2.45 3.40 -36.83
CA GLU A 279 -1.68 4.62 -36.97
C GLU A 279 -1.68 5.51 -35.73
N LEU A 280 -2.84 5.68 -35.07
CA LEU A 280 -3.04 6.71 -34.03
C LEU A 280 -2.96 8.09 -34.67
N PRO A 281 -4.02 8.88 -34.56
CA PRO A 281 -4.01 10.23 -35.17
C PRO A 281 -2.91 11.07 -34.56
N PRO A 282 -2.48 12.13 -35.25
CA PRO A 282 -1.46 13.01 -34.67
C PRO A 282 -1.93 13.77 -33.44
N ASN A 283 -3.24 13.75 -33.17
CA ASN A 283 -3.76 14.40 -31.97
C ASN A 283 -3.45 13.59 -30.71
N VAL A 284 -3.28 12.28 -30.84
CA VAL A 284 -3.21 11.38 -29.70
C VAL A 284 -1.81 10.79 -29.59
N GLU A 285 -1.21 10.93 -28.41
CA GLU A 285 0.01 10.24 -28.04
C GLU A 285 -0.30 9.35 -26.84
N VAL A 286 0.19 8.12 -26.88
CA VAL A 286 -0.25 7.06 -25.97
C VAL A 286 0.95 6.50 -25.23
N HIS A 287 0.82 6.35 -23.91
CA HIS A 287 1.87 5.83 -23.05
C HIS A 287 1.28 4.79 -22.11
N ASN A 288 2.15 3.94 -21.58
CA ASN A 288 1.75 3.06 -20.47
C ASN A 288 1.85 3.75 -19.12
N TRP A 289 2.70 4.77 -19.02
CA TRP A 289 2.85 5.57 -17.81
C TRP A 289 3.33 6.95 -18.23
N VAL A 290 2.72 7.99 -17.67
CA VAL A 290 3.14 9.35 -17.98
C VAL A 290 3.55 10.03 -16.67
N PRO A 291 4.48 10.97 -16.70
CA PRO A 291 4.70 11.79 -15.50
C PRO A 291 3.50 12.68 -15.24
N GLN A 292 2.56 12.19 -14.43
CA GLN A 292 1.25 12.82 -14.33
C GLN A 292 1.35 14.27 -13.86
N LEU A 293 2.26 14.54 -12.92
CA LEU A 293 2.46 15.93 -12.49
C LEU A 293 2.97 16.80 -13.63
N ALA A 294 3.88 16.25 -14.45
CA ALA A 294 4.43 17.04 -15.54
C ALA A 294 3.39 17.33 -16.61
N VAL A 295 2.57 16.34 -16.96
CA VAL A 295 1.54 16.53 -17.98
C VAL A 295 0.43 17.43 -17.46
N LEU A 296 0.00 17.25 -16.20
CA LEU A 296 -1.05 18.08 -15.64
C LEU A 296 -0.65 19.55 -15.58
N GLU A 297 0.66 19.84 -15.60
CA GLU A 297 1.12 21.22 -15.61
C GLU A 297 0.70 21.96 -16.86
N GLN A 298 0.48 21.23 -17.96
CA GLN A 298 0.08 21.85 -19.23
C GLN A 298 -1.29 21.35 -19.70
N ALA A 299 -2.05 20.69 -18.82
CA ALA A 299 -3.33 20.14 -19.20
C ALA A 299 -4.45 21.15 -18.96
N ASP A 300 -5.51 21.02 -19.76
CA ASP A 300 -6.70 21.86 -19.63
C ASP A 300 -7.92 21.06 -19.19
N VAL A 301 -7.86 19.74 -19.25
CA VAL A 301 -8.87 18.87 -18.68
C VAL A 301 -8.19 17.56 -18.31
N PHE A 302 -8.70 16.90 -17.29
CA PHE A 302 -8.08 15.67 -16.78
C PHE A 302 -9.17 14.64 -16.56
N VAL A 303 -9.10 13.53 -17.27
CA VAL A 303 -10.04 12.43 -17.09
C VAL A 303 -9.42 11.44 -16.12
N THR A 304 -10.20 11.01 -15.13
CA THR A 304 -9.68 10.18 -14.05
C THR A 304 -10.80 9.31 -13.50
N HIS A 305 -10.40 8.35 -12.67
CA HIS A 305 -11.33 7.43 -12.02
C HIS A 305 -11.88 7.99 -10.72
N GLY A 306 -11.32 9.09 -10.22
CA GLY A 306 -11.76 9.65 -8.97
C GLY A 306 -10.99 9.17 -7.76
N GLY A 307 -9.80 8.62 -7.95
CA GLY A 307 -8.93 8.34 -6.83
C GLY A 307 -8.42 9.62 -6.20
N MET A 308 -8.26 9.57 -4.87
CA MET A 308 -7.85 10.77 -4.15
C MET A 308 -6.50 11.28 -4.63
N GLY A 309 -5.62 10.36 -5.06
CA GLY A 309 -4.32 10.79 -5.53
C GLY A 309 -4.41 11.64 -6.79
N GLY A 310 -5.20 11.19 -7.77
CA GLY A 310 -5.35 11.95 -8.99
C GLY A 310 -6.12 13.25 -8.78
N ILE A 311 -7.16 13.20 -7.95
CA ILE A 311 -7.98 14.38 -7.69
C ILE A 311 -7.15 15.48 -7.04
N GLN A 312 -6.38 15.12 -6.01
CA GLN A 312 -5.53 16.12 -5.36
C GLN A 312 -4.44 16.61 -6.29
N GLU A 313 -3.97 15.75 -7.20
CA GLU A 313 -2.98 16.21 -8.16
C GLU A 313 -3.63 17.08 -9.24
N GLY A 314 -4.85 16.75 -9.65
CA GLY A 314 -5.57 17.63 -10.56
C GLY A 314 -5.90 18.97 -9.92
N LEU A 315 -6.27 18.96 -8.64
CA LEU A 315 -6.57 20.20 -7.93
C LEU A 315 -5.34 21.10 -7.84
N PHE A 316 -4.19 20.53 -7.49
CA PHE A 316 -2.99 21.34 -7.31
C PHE A 316 -2.56 22.02 -8.60
N SER A 317 -2.82 21.39 -9.74
CA SER A 317 -2.46 21.95 -11.04
C SER A 317 -3.54 22.85 -11.61
N GLY A 318 -4.67 23.00 -10.93
CA GLY A 318 -5.75 23.84 -11.44
C GLY A 318 -6.34 23.34 -12.73
N VAL A 319 -6.58 22.04 -12.83
CA VAL A 319 -7.09 21.41 -14.05
C VAL A 319 -8.47 20.84 -13.76
N PRO A 320 -9.51 21.24 -14.51
CA PRO A 320 -10.83 20.63 -14.30
C PRO A 320 -10.78 19.16 -14.64
N MET A 321 -11.69 18.40 -14.04
CA MET A 321 -11.62 16.95 -14.11
C MET A 321 -12.94 16.36 -14.61
N VAL A 322 -12.83 15.34 -15.44
CA VAL A 322 -13.96 14.49 -15.81
C VAL A 322 -13.76 13.17 -15.08
N VAL A 323 -14.64 12.87 -14.13
CA VAL A 323 -14.44 11.77 -13.19
C VAL A 323 -15.33 10.61 -13.60
N ALA A 324 -14.75 9.42 -13.71
CA ALA A 324 -15.48 8.19 -14.06
C ALA A 324 -15.27 7.21 -12.92
N PRO A 325 -16.01 7.37 -11.82
CA PRO A 325 -15.79 6.51 -10.66
C PRO A 325 -16.22 5.09 -10.93
N GLN A 326 -15.53 4.14 -10.28
CA GLN A 326 -15.85 2.72 -10.41
C GLN A 326 -16.18 2.13 -9.06
N ALA A 327 -15.20 1.96 -8.16
CA ALA A 327 -15.52 1.42 -6.84
C ALA A 327 -14.88 2.25 -5.74
N ASN A 328 -14.61 1.58 -4.61
CA ASN A 328 -14.01 2.19 -3.43
C ASN A 328 -14.45 3.62 -3.14
N ASP A 329 -13.48 4.51 -2.97
CA ASP A 329 -13.72 5.91 -2.62
C ASP A 329 -14.24 6.72 -3.80
N GLN A 330 -14.12 6.19 -5.02
CA GLN A 330 -14.32 7.01 -6.21
C GLN A 330 -15.72 7.61 -6.35
N PRO A 331 -16.82 6.92 -6.02
CA PRO A 331 -18.12 7.61 -6.11
C PRO A 331 -18.24 8.81 -5.19
N ALA A 332 -17.82 8.66 -3.94
CA ALA A 332 -17.87 9.78 -3.00
C ALA A 332 -16.94 10.91 -3.44
N ASN A 333 -15.76 10.57 -3.95
CA ASN A 333 -14.84 11.60 -4.43
C ASN A 333 -15.42 12.35 -5.62
N ALA A 334 -16.12 11.65 -6.51
CA ALA A 334 -16.72 12.31 -7.66
C ALA A 334 -17.76 13.35 -7.22
N GLU A 335 -18.64 12.99 -6.28
CA GLU A 335 -19.61 13.98 -5.80
C GLU A 335 -18.93 15.18 -5.16
N SER A 336 -17.81 14.96 -4.45
CA SER A 336 -17.13 16.08 -3.81
C SER A 336 -16.65 17.10 -4.85
N VAL A 337 -15.93 16.62 -5.88
CA VAL A 337 -15.41 17.54 -6.87
C VAL A 337 -16.53 18.09 -7.76
N VAL A 338 -17.61 17.33 -7.95
CA VAL A 338 -18.77 17.86 -8.65
C VAL A 338 -19.44 18.94 -7.81
N GLY A 339 -19.57 18.70 -6.50
CA GLY A 339 -20.12 19.70 -5.60
C GLY A 339 -19.28 20.96 -5.49
N LEU A 340 -18.00 20.88 -5.84
CA LEU A 340 -17.12 22.04 -5.85
C LEU A 340 -17.19 22.82 -7.14
N GLY A 341 -17.98 22.36 -8.11
CA GLY A 341 -18.12 23.06 -9.37
C GLY A 341 -16.90 23.03 -10.26
N ILE A 342 -16.14 21.93 -10.21
CA ILE A 342 -14.90 21.86 -10.99
C ILE A 342 -14.80 20.54 -11.74
N ALA A 343 -15.88 19.76 -11.74
CA ALA A 343 -15.78 18.43 -12.32
C ALA A 343 -17.14 17.97 -12.82
N ARG A 344 -17.11 17.05 -13.78
CA ARG A 344 -18.29 16.37 -14.29
C ARG A 344 -18.11 14.87 -14.14
N ARG A 345 -19.21 14.18 -13.85
CA ARG A 345 -19.21 12.74 -13.59
C ARG A 345 -19.82 12.01 -14.77
N ILE A 346 -19.13 10.98 -15.25
CA ILE A 346 -19.59 10.16 -16.37
C ILE A 346 -19.57 8.70 -15.93
N ASP A 347 -20.35 7.89 -16.63
CA ASP A 347 -20.43 6.45 -16.38
C ASP A 347 -19.77 5.75 -17.57
N ILE A 348 -18.56 5.24 -17.34
CA ILE A 348 -17.72 4.72 -18.43
C ILE A 348 -18.46 3.69 -19.28
N ALA A 349 -19.40 2.96 -18.68
CA ALA A 349 -20.14 1.96 -19.44
C ALA A 349 -21.06 2.61 -20.47
N THR A 350 -21.68 3.74 -20.13
CA THR A 350 -22.76 4.29 -20.94
C THR A 350 -22.41 5.59 -21.64
N VAL A 351 -21.33 6.28 -21.27
CA VAL A 351 -21.04 7.61 -21.82
C VAL A 351 -21.06 7.49 -23.34
N THR A 352 -21.51 8.53 -24.02
CA THR A 352 -21.48 8.50 -25.46
C THR A 352 -20.36 9.40 -25.95
N PRO A 353 -19.86 9.17 -27.17
CA PRO A 353 -18.78 10.02 -27.69
C PRO A 353 -19.13 11.49 -27.77
N ASP A 354 -20.37 11.82 -28.12
CA ASP A 354 -20.77 13.23 -28.18
C ASP A 354 -20.75 13.86 -26.80
N ARG A 355 -21.29 13.15 -25.78
CA ARG A 355 -21.29 13.67 -24.43
C ARG A 355 -19.87 13.83 -23.87
N LEU A 356 -18.97 12.93 -24.26
CA LEU A 356 -17.59 13.03 -23.77
C LEU A 356 -16.95 14.34 -24.22
N ARG A 357 -17.05 14.66 -25.52
CA ARG A 357 -16.45 15.91 -25.99
C ARG A 357 -17.15 17.12 -25.37
N ALA A 358 -18.45 17.01 -25.09
CA ALA A 358 -19.18 18.12 -24.48
C ALA A 358 -18.67 18.40 -23.07
N ALA A 359 -18.63 17.38 -22.21
CA ALA A 359 -18.12 17.57 -20.86
C ALA A 359 -16.70 18.08 -20.88
N VAL A 360 -15.89 17.60 -21.82
CA VAL A 360 -14.51 18.05 -21.93
C VAL A 360 -14.45 19.51 -22.39
N VAL A 361 -15.19 19.85 -23.45
CA VAL A 361 -15.08 21.18 -24.03
C VAL A 361 -15.68 22.23 -23.09
N GLU A 362 -16.73 21.86 -22.34
CA GLU A 362 -17.31 22.80 -21.39
C GLU A 362 -16.33 23.10 -20.27
N LEU A 363 -15.75 22.06 -19.67
CA LEU A 363 -14.86 22.24 -18.53
C LEU A 363 -13.66 23.11 -18.87
N ALA A 364 -13.03 22.86 -20.03
CA ALA A 364 -11.83 23.63 -20.38
C ALA A 364 -12.15 25.07 -20.77
N SER A 365 -13.37 25.33 -21.24
CA SER A 365 -13.73 26.68 -21.68
C SER A 365 -14.34 27.53 -20.58
N ASP A 366 -15.08 26.93 -19.65
CA ASP A 366 -15.83 27.67 -18.64
C ASP A 366 -14.89 28.46 -17.73
N PRO A 367 -14.96 29.79 -17.74
CA PRO A 367 -14.06 30.57 -16.87
C PRO A 367 -14.48 30.57 -15.41
N ALA A 368 -15.75 30.29 -15.11
CA ALA A 368 -16.15 30.15 -13.71
C ALA A 368 -15.49 28.93 -13.07
N VAL A 369 -15.36 27.84 -13.83
CA VAL A 369 -14.65 26.67 -13.33
C VAL A 369 -13.20 27.01 -13.06
N ALA A 370 -12.59 27.81 -13.95
CA ALA A 370 -11.19 28.19 -13.76
C ALA A 370 -11.01 29.03 -12.50
N GLU A 371 -11.96 29.93 -12.22
CA GLU A 371 -11.86 30.76 -11.03
C GLU A 371 -12.02 29.94 -9.75
N ARG A 372 -12.90 28.93 -9.78
CA ARG A 372 -13.06 28.07 -8.61
C ARG A 372 -11.79 27.27 -8.35
N LEU A 373 -11.11 26.82 -9.40
CA LEU A 373 -9.85 26.11 -9.21
C LEU A 373 -8.80 26.99 -8.56
N SER A 374 -8.70 28.25 -8.98
CA SER A 374 -7.75 29.16 -8.36
C SER A 374 -8.02 29.28 -6.87
N GLY A 375 -9.30 29.40 -6.49
CA GLY A 375 -9.63 29.47 -5.09
C GLY A 375 -9.33 28.18 -4.35
N LEU A 376 -9.66 27.04 -4.97
CA LEU A 376 -9.37 25.76 -4.33
C LEU A 376 -7.87 25.53 -4.18
N ARG A 377 -7.07 26.02 -5.13
CA ARG A 377 -5.62 25.98 -4.95
C ARG A 377 -5.19 26.79 -3.73
N ARG A 378 -5.82 27.94 -3.51
CA ARG A 378 -5.49 28.76 -2.36
C ARG A 378 -5.96 28.11 -1.06
N GLU A 379 -7.12 27.48 -1.07
CA GLU A 379 -7.61 26.80 0.12
C GLU A 379 -6.74 25.59 0.46
N LEU A 380 -6.21 24.94 -0.56
CA LEU A 380 -5.38 23.75 -0.38
C LEU A 380 -4.17 24.05 0.50
N ARG A 381 -3.40 25.09 0.14
CA ARG A 381 -2.19 25.42 0.89
C ARG A 381 -2.50 25.81 2.32
N ALA A 382 -3.62 26.50 2.55
CA ALA A 382 -3.93 27.03 3.87
C ALA A 382 -4.17 25.94 4.90
N HIS A 383 -4.33 24.68 4.48
CA HIS A 383 -4.51 23.60 5.45
C HIS A 383 -3.22 23.25 6.18
N GLY A 384 -2.07 23.69 5.68
CA GLY A 384 -0.81 23.51 6.39
C GLY A 384 0.22 22.65 5.69
N GLY A 385 -0.22 21.53 5.10
CA GLY A 385 0.69 20.68 4.39
C GLY A 385 1.74 20.06 5.31
N THR A 386 2.84 19.63 4.69
CA THR A 386 3.85 18.85 5.41
C THR A 386 4.47 19.65 6.54
N MET A 387 4.67 20.96 6.34
CA MET A 387 5.29 21.76 7.38
C MET A 387 4.43 21.77 8.64
N ARG A 388 3.11 21.91 8.49
CA ARG A 388 2.25 21.81 9.66
C ARG A 388 2.23 20.39 10.23
N ALA A 389 2.20 19.38 9.36
CA ALA A 389 2.16 18.01 9.85
C ALA A 389 3.45 17.67 10.60
N ALA A 390 4.59 18.07 10.05
CA ALA A 390 5.85 17.82 10.73
C ALA A 390 5.91 18.55 12.07
N ASP A 391 5.41 19.79 12.12
CA ASP A 391 5.37 20.54 13.37
C ASP A 391 4.46 19.88 14.40
N LEU A 392 3.31 19.38 13.96
CA LEU A 392 2.40 18.71 14.89
C LEU A 392 3.01 17.40 15.41
N ILE A 393 3.75 16.71 14.55
CA ILE A 393 4.41 15.47 14.96
C ILE A 393 5.54 15.76 15.95
N GLU A 394 6.33 16.80 15.68
CA GLU A 394 7.43 17.17 16.58
C GLU A 394 6.94 17.58 17.97
N ARG A 395 5.69 18.04 18.10
CA ARG A 395 5.19 18.37 19.43
C ARG A 395 5.09 17.14 20.31
N GLN A 396 4.94 15.95 19.71
CA GLN A 396 4.82 14.71 20.47
C GLN A 396 6.17 14.12 20.87
N LEU A 397 7.26 14.81 20.58
CA LEU A 397 8.63 14.47 20.93
C LEU A 397 9.03 15.14 22.24
N PRO A 398 9.85 14.47 23.06
CA PRO A 398 10.30 15.04 24.34
C PRO A 398 11.25 16.22 24.16
N PRO B 5 20.96 -24.59 31.47
CA PRO B 5 20.47 -23.54 32.36
C PRO B 5 20.96 -22.16 31.92
N ARG B 6 22.05 -21.66 32.53
CA ARG B 6 22.84 -20.50 32.12
C ARG B 6 22.51 -20.08 30.69
N PRO B 7 21.93 -18.89 30.49
CA PRO B 7 21.47 -18.50 29.14
C PRO B 7 22.53 -18.67 28.05
N GLY B 8 22.14 -19.35 26.98
CA GLY B 8 23.00 -19.62 25.85
C GLY B 8 22.31 -19.31 24.54
N HIS B 9 22.95 -19.65 23.42
CA HIS B 9 22.42 -19.38 22.09
C HIS B 9 21.90 -20.68 21.47
N ILE B 10 20.59 -20.73 21.21
CA ILE B 10 19.94 -21.87 20.58
C ILE B 10 19.47 -21.43 19.21
N ALA B 11 19.89 -22.13 18.17
CA ALA B 11 19.55 -21.80 16.79
C ALA B 11 18.61 -22.85 16.22
N MET B 12 17.40 -22.41 15.87
CA MET B 12 16.41 -23.26 15.22
C MET B 12 16.38 -22.95 13.74
N VAL B 13 16.30 -24.01 12.91
CA VAL B 13 16.26 -23.88 11.46
C VAL B 13 15.08 -24.70 10.94
N SER B 14 14.24 -24.09 10.12
CA SER B 14 13.10 -24.81 9.53
C SER B 14 12.85 -24.29 8.13
N VAL B 15 11.72 -24.70 7.55
CA VAL B 15 11.34 -24.39 6.18
C VAL B 15 9.97 -23.73 6.22
N PRO B 16 9.57 -23.03 5.15
CA PRO B 16 8.32 -22.25 5.21
C PRO B 16 7.04 -23.07 5.23
N SER B 17 7.08 -24.34 4.86
CA SER B 17 5.86 -25.14 4.79
C SER B 17 5.15 -25.18 6.15
N ARG B 18 3.82 -25.15 6.12
CA ARG B 18 3.03 -24.93 7.34
C ARG B 18 3.20 -26.07 8.34
N GLY B 19 3.30 -27.31 7.84
CA GLY B 19 3.47 -28.46 8.70
C GLY B 19 4.86 -28.63 9.27
N HIS B 20 5.77 -27.74 8.92
CA HIS B 20 7.13 -27.74 9.45
C HIS B 20 7.38 -26.51 10.32
N LEU B 21 6.34 -25.73 10.55
CA LEU B 21 6.44 -24.51 11.34
C LEU B 21 5.61 -24.58 12.61
N HIS B 22 4.33 -24.91 12.50
CA HIS B 22 3.44 -24.93 13.66
C HIS B 22 3.84 -25.94 14.73
N PRO B 23 4.32 -27.15 14.43
CA PRO B 23 4.55 -28.13 15.50
C PRO B 23 5.55 -27.68 16.56
N SER B 24 6.47 -26.77 16.25
CA SER B 24 7.53 -26.41 17.19
C SER B 24 7.44 -24.98 17.69
N LEU B 25 6.36 -24.25 17.37
CA LEU B 25 6.25 -22.87 17.80
C LEU B 25 6.29 -22.76 19.33
N GLU B 26 5.48 -23.56 20.02
CA GLU B 26 5.41 -23.47 21.47
C GLU B 26 6.70 -23.95 22.12
N LEU B 27 7.42 -24.87 21.48
CA LEU B 27 8.71 -25.29 22.01
C LEU B 27 9.71 -24.14 21.97
N ILE B 28 9.74 -23.39 20.86
CA ILE B 28 10.67 -22.27 20.78
C ILE B 28 10.29 -21.20 21.80
N ARG B 29 8.98 -20.95 21.96
CA ARG B 29 8.52 -19.99 22.95
C ARG B 29 8.95 -20.38 24.36
N GLU B 30 8.88 -21.67 24.68
CA GLU B 30 9.31 -22.12 26.00
C GLU B 30 10.81 -21.92 26.19
N LEU B 31 11.60 -22.15 25.14
CA LEU B 31 13.04 -21.95 25.24
C LEU B 31 13.35 -20.46 25.43
N VAL B 32 12.56 -19.58 24.81
CA VAL B 32 12.73 -18.14 25.04
C VAL B 32 12.32 -17.80 26.46
N ALA B 33 11.20 -18.35 26.92
CA ALA B 33 10.73 -18.07 28.28
C ALA B 33 11.70 -18.55 29.33
N ARG B 34 12.62 -19.45 28.98
CA ARG B 34 13.63 -19.95 29.89
C ARG B 34 14.91 -19.11 29.86
N GLY B 35 14.89 -17.96 29.21
CA GLY B 35 16.00 -17.03 29.25
C GLY B 35 17.09 -17.23 28.23
N HIS B 36 16.89 -18.07 27.23
CA HIS B 36 17.92 -18.33 26.25
C HIS B 36 17.79 -17.36 25.07
N ARG B 37 18.90 -17.16 24.37
CA ARG B 37 18.88 -16.46 23.10
C ARG B 37 18.56 -17.48 22.02
N VAL B 38 17.40 -17.34 21.39
CA VAL B 38 16.95 -18.27 20.37
C VAL B 38 16.87 -17.54 19.04
N THR B 39 17.67 -17.97 18.08
CA THR B 39 17.56 -17.50 16.71
C THR B 39 16.83 -18.54 15.90
N TYR B 40 15.98 -18.09 14.99
CA TYR B 40 15.14 -18.96 14.18
C TYR B 40 15.36 -18.59 12.71
N ALA B 41 16.02 -19.48 11.98
CA ALA B 41 16.31 -19.26 10.56
C ALA B 41 15.19 -19.86 9.71
N ASN B 42 14.52 -19.02 8.94
CA ASN B 42 13.46 -19.47 8.05
C ASN B 42 13.29 -18.44 6.95
N ASP B 43 12.43 -18.76 6.00
CA ASP B 43 12.14 -17.83 4.92
C ASP B 43 11.30 -16.66 5.44
N PRO B 44 11.54 -15.45 4.94
CA PRO B 44 10.76 -14.28 5.45
C PRO B 44 9.27 -14.36 5.16
N SER B 45 8.84 -15.24 4.26
CA SER B 45 7.41 -15.38 4.00
C SER B 45 6.65 -15.87 5.21
N VAL B 46 7.36 -16.47 6.17
CA VAL B 46 6.74 -16.99 7.37
C VAL B 46 7.23 -16.23 8.62
N ALA B 47 7.70 -15.00 8.42
CA ALA B 47 8.27 -14.20 9.50
C ALA B 47 7.27 -13.88 10.61
N ALA B 48 5.98 -13.80 10.31
CA ALA B 48 5.01 -13.50 11.37
C ALA B 48 5.04 -14.57 12.45
N ALA B 49 4.92 -15.85 12.04
CA ALA B 49 4.90 -16.94 13.01
C ALA B 49 6.21 -17.05 13.75
N VAL B 50 7.33 -16.82 13.06
CA VAL B 50 8.64 -16.92 13.71
C VAL B 50 8.79 -15.85 14.80
N THR B 51 8.44 -14.60 14.46
CA THR B 51 8.63 -13.51 15.41
C THR B 51 7.66 -13.61 16.59
N GLU B 52 6.44 -14.09 16.36
CA GLU B 52 5.48 -14.18 17.46
C GLU B 52 6.00 -15.09 18.56
N THR B 53 6.84 -16.05 18.19
CA THR B 53 7.48 -16.94 19.14
C THR B 53 8.35 -16.18 20.13
N GLY B 54 8.90 -15.03 19.72
CA GLY B 54 9.85 -14.30 20.51
C GLY B 54 11.30 -14.53 20.14
N ALA B 55 11.57 -15.30 19.09
CA ALA B 55 12.92 -15.60 18.67
C ALA B 55 13.40 -14.60 17.62
N GLU B 56 14.71 -14.50 17.51
CA GLU B 56 15.35 -13.65 16.49
C GLU B 56 15.21 -14.32 15.13
N LEU B 57 14.50 -13.68 14.21
CA LEU B 57 14.36 -14.23 12.87
C LEU B 57 15.67 -14.07 12.11
N VAL B 58 16.16 -15.16 11.55
CA VAL B 58 17.36 -15.13 10.70
C VAL B 58 16.92 -15.49 9.29
N PRO B 59 16.70 -14.50 8.42
CA PRO B 59 16.08 -14.81 7.13
C PRO B 59 17.05 -15.48 6.19
N TYR B 60 16.54 -16.45 5.44
CA TYR B 60 17.24 -17.02 4.30
C TYR B 60 16.19 -17.28 3.23
N THR B 61 16.64 -17.30 1.98
CA THR B 61 15.73 -17.51 0.85
C THR B 61 15.56 -19.00 0.62
N SER B 62 14.32 -19.48 0.75
CA SER B 62 14.01 -20.88 0.55
C SER B 62 13.65 -21.12 -0.91
N ALA B 63 14.12 -22.24 -1.45
CA ALA B 63 13.79 -22.64 -2.82
C ALA B 63 12.62 -23.60 -2.89
N LEU B 64 12.02 -23.97 -1.75
CA LEU B 64 10.86 -24.86 -1.76
C LEU B 64 9.61 -24.08 -2.18
N PRO B 65 8.74 -24.69 -3.00
CA PRO B 65 7.49 -24.04 -3.44
C PRO B 65 6.47 -23.88 -2.31
N THR B 75 3.28 -36.74 -9.39
CA THR B 75 3.74 -36.12 -10.63
C THR B 75 4.97 -36.84 -11.18
N ASP B 76 6.02 -36.93 -10.36
CA ASP B 76 7.26 -37.59 -10.76
C ASP B 76 8.07 -37.85 -9.49
N GLN B 77 8.56 -39.08 -9.36
CA GLN B 77 9.32 -39.45 -8.17
C GLN B 77 10.71 -38.83 -8.15
N ILE B 78 11.44 -38.93 -9.26
CA ILE B 78 12.79 -38.36 -9.32
C ILE B 78 12.76 -36.83 -9.39
N ALA B 79 11.72 -36.24 -9.99
CA ALA B 79 11.67 -34.78 -10.08
C ALA B 79 11.55 -34.14 -8.71
N GLN B 80 10.76 -34.73 -7.81
CA GLN B 80 10.60 -34.18 -6.48
C GLN B 80 11.91 -34.20 -5.69
N MET B 81 12.73 -35.23 -5.91
CA MET B 81 14.00 -35.34 -5.19
C MET B 81 15.00 -34.27 -5.61
N ASP B 82 14.92 -33.78 -6.85
CA ASP B 82 15.85 -32.75 -7.30
C ASP B 82 15.55 -31.40 -6.65
N VAL B 83 14.27 -31.04 -6.55
CA VAL B 83 13.89 -29.75 -5.97
C VAL B 83 14.30 -29.66 -4.51
N PHE B 84 14.12 -30.75 -3.76
CA PHE B 84 14.52 -30.76 -2.35
C PHE B 84 16.03 -30.63 -2.21
N LEU B 85 16.79 -31.24 -3.13
CA LEU B 85 18.24 -31.13 -3.06
C LEU B 85 18.72 -29.71 -3.35
N ASP B 86 18.07 -29.03 -4.29
CA ASP B 86 18.45 -27.65 -4.58
C ASP B 86 18.28 -26.75 -3.37
N ASP B 87 17.18 -26.92 -2.63
CA ASP B 87 16.96 -26.09 -1.45
C ASP B 87 17.98 -26.38 -0.36
N ALA B 88 18.32 -27.65 -0.16
CA ALA B 88 19.37 -27.99 0.79
C ALA B 88 20.70 -27.38 0.36
N VAL B 89 21.00 -27.44 -0.94
CA VAL B 89 22.23 -26.84 -1.47
C VAL B 89 22.20 -25.34 -1.27
N GLY B 90 21.06 -24.70 -1.54
CA GLY B 90 20.96 -23.27 -1.37
C GLY B 90 20.92 -22.82 0.09
N MET B 91 20.40 -23.68 0.97
CA MET B 91 20.23 -23.30 2.37
C MET B 91 21.58 -23.22 3.10
N LEU B 92 22.47 -24.18 2.83
CA LEU B 92 23.70 -24.28 3.62
C LEU B 92 24.56 -23.02 3.57
N PRO B 93 24.90 -22.45 2.40
CA PRO B 93 25.72 -21.22 2.43
C PRO B 93 25.01 -20.06 3.10
N GLN B 94 23.69 -19.98 3.00
CA GLN B 94 22.97 -18.91 3.67
C GLN B 94 23.06 -19.07 5.19
N LEU B 95 22.94 -20.32 5.68
CA LEU B 95 23.10 -20.55 7.12
C LEU B 95 24.53 -20.29 7.56
N ARG B 96 25.52 -20.68 6.76
CA ARG B 96 26.91 -20.46 7.14
C ARG B 96 27.22 -18.98 7.25
N ALA B 97 26.80 -18.19 6.26
CA ALA B 97 27.07 -16.75 6.29
C ALA B 97 26.40 -16.10 7.50
N ALA B 98 25.18 -16.53 7.83
CA ALA B 98 24.45 -15.90 8.93
C ALA B 98 25.07 -16.22 10.28
N TYR B 99 25.56 -17.45 10.47
CA TYR B 99 26.01 -17.92 11.77
C TYR B 99 27.53 -18.03 11.92
N GLU B 100 28.30 -17.63 10.91
CA GLU B 100 29.75 -17.86 10.93
C GLU B 100 30.40 -17.19 12.14
N GLU B 101 30.06 -15.93 12.42
CA GLU B 101 30.64 -15.21 13.53
C GLU B 101 29.68 -15.10 14.71
N ASP B 102 28.55 -15.79 14.68
CA ASP B 102 27.56 -15.79 15.75
C ASP B 102 27.12 -17.22 16.00
N ARG B 103 28.09 -18.10 16.24
CA ARG B 103 27.83 -19.52 16.28
C ARG B 103 27.00 -19.89 17.51
N PRO B 104 26.05 -20.79 17.38
CA PRO B 104 25.19 -21.15 18.51
C PRO B 104 25.80 -22.29 19.33
N ASP B 105 25.25 -22.46 20.54
CA ASP B 105 25.66 -23.57 21.38
C ASP B 105 25.09 -24.89 20.86
N VAL B 106 23.91 -24.86 20.26
CA VAL B 106 23.27 -26.06 19.72
C VAL B 106 22.44 -25.67 18.51
N PHE B 107 22.34 -26.58 17.55
CA PHE B 107 21.52 -26.38 16.36
C PHE B 107 20.29 -27.27 16.45
N LEU B 108 19.11 -26.65 16.40
CA LEU B 108 17.85 -27.35 16.25
C LEU B 108 17.41 -27.22 14.80
N TYR B 109 17.02 -28.33 14.18
CA TYR B 109 16.67 -28.29 12.77
C TYR B 109 15.51 -29.23 12.47
N ASP B 110 14.58 -28.73 11.67
CA ASP B 110 13.51 -29.53 11.11
C ASP B 110 14.08 -30.62 10.21
N VAL B 111 13.28 -31.66 9.95
CA VAL B 111 13.74 -32.77 9.13
C VAL B 111 14.18 -32.29 7.74
N LEU B 112 13.57 -31.23 7.23
CA LEU B 112 13.94 -30.71 5.92
C LEU B 112 15.06 -29.67 5.98
N ALA B 113 15.58 -29.36 7.16
CA ALA B 113 16.65 -28.38 7.31
C ALA B 113 17.94 -29.04 7.80
N TYR B 114 18.22 -30.25 7.30
CA TYR B 114 19.43 -30.96 7.65
C TYR B 114 20.73 -30.25 7.26
N PRO B 115 20.75 -29.28 6.31
CA PRO B 115 21.98 -28.49 6.15
C PRO B 115 22.48 -27.88 7.44
N ALA B 116 21.59 -27.60 8.39
CA ALA B 116 22.02 -27.14 9.70
C ALA B 116 22.86 -28.19 10.42
N ARG B 117 22.55 -29.47 10.21
CA ARG B 117 23.40 -30.51 10.80
C ARG B 117 24.79 -30.51 10.18
N VAL B 118 24.86 -30.34 8.86
CA VAL B 118 26.15 -30.22 8.19
C VAL B 118 26.94 -29.07 8.77
N LEU B 119 26.27 -27.94 9.04
CA LEU B 119 26.95 -26.81 9.65
C LEU B 119 27.45 -27.17 11.05
N ALA B 120 26.63 -27.88 11.83
CA ALA B 120 27.02 -28.25 13.18
C ALA B 120 28.19 -29.23 13.18
N MET B 121 28.24 -30.12 12.21
CA MET B 121 29.37 -31.05 12.13
C MET B 121 30.67 -30.31 11.79
N ASN B 122 30.60 -29.32 10.90
CA ASN B 122 31.81 -28.56 10.56
C ASN B 122 32.36 -27.83 11.78
N TRP B 123 31.47 -27.32 12.62
CA TRP B 123 31.85 -26.46 13.73
C TRP B 123 31.92 -27.21 15.06
N GLY B 124 31.81 -28.53 15.04
CA GLY B 124 31.83 -29.29 16.28
C GLY B 124 30.76 -28.86 17.26
N ILE B 125 29.54 -28.64 16.77
CA ILE B 125 28.43 -28.16 17.59
C ILE B 125 27.37 -29.26 17.65
N PRO B 126 26.77 -29.51 18.81
CA PRO B 126 25.70 -30.53 18.87
C PRO B 126 24.47 -30.08 18.10
N SER B 127 23.82 -31.03 17.45
CA SER B 127 22.61 -30.76 16.69
C SER B 127 21.51 -31.72 17.10
N ILE B 128 20.27 -31.23 17.06
CA ILE B 128 19.10 -32.01 17.41
C ILE B 128 18.06 -31.84 16.30
N GLN B 129 17.62 -32.96 15.74
CA GLN B 129 16.56 -32.94 14.72
C GLN B 129 15.19 -32.82 15.37
N ILE B 130 14.34 -31.97 14.80
CA ILE B 130 12.97 -31.77 15.25
C ILE B 130 12.06 -32.34 14.18
N SER B 131 11.47 -33.51 14.43
CA SER B 131 10.60 -34.15 13.45
C SER B 131 9.15 -33.78 13.73
N PRO B 132 8.46 -33.11 12.80
CA PRO B 132 7.07 -32.70 13.06
C PRO B 132 6.06 -33.83 12.94
N THR B 133 6.48 -35.01 12.49
CA THR B 133 5.60 -36.17 12.37
C THR B 133 6.44 -37.42 12.63
N TRP B 134 5.87 -38.58 12.36
CA TRP B 134 6.59 -39.82 12.63
C TRP B 134 7.79 -39.96 11.69
N VAL B 135 8.84 -40.60 12.20
CA VAL B 135 10.06 -40.78 11.44
C VAL B 135 10.03 -42.13 10.75
N MET B 136 10.99 -42.37 9.87
CA MET B 136 11.08 -43.63 9.16
C MET B 136 11.90 -44.61 9.97
N PRO B 137 11.35 -45.76 10.38
CA PRO B 137 12.15 -46.73 11.12
C PRO B 137 13.27 -47.26 10.24
N GLU B 138 14.37 -47.63 10.87
CA GLU B 138 15.57 -48.06 10.14
C GLU B 138 15.41 -49.45 9.54
N LYS B 139 14.18 -49.96 9.50
CA LYS B 139 13.87 -51.13 8.68
C LYS B 139 13.18 -50.76 7.37
N TYR B 140 12.45 -49.64 7.33
CA TYR B 140 11.81 -49.22 6.09
C TYR B 140 12.84 -48.75 5.05
N ARG B 141 13.96 -48.16 5.51
CA ARG B 141 15.02 -47.79 4.58
C ARG B 141 15.65 -49.00 3.91
N GLU B 142 16.00 -50.02 4.72
CA GLU B 142 16.56 -51.23 4.12
C GLU B 142 15.52 -51.92 3.24
N ARG B 143 14.24 -51.79 3.59
CA ARG B 143 13.19 -52.22 2.67
C ARG B 143 13.16 -51.35 1.42
N MET B 144 13.54 -50.08 1.54
CA MET B 144 13.56 -49.16 0.42
C MET B 144 14.84 -49.23 -0.41
N ALA B 145 15.79 -50.06 -0.04
CA ALA B 145 17.01 -50.20 -0.84
C ALA B 145 16.74 -50.68 -2.26
N PRO B 146 15.82 -51.63 -2.53
CA PRO B 146 15.49 -51.94 -3.94
C PRO B 146 14.98 -50.75 -4.72
N VAL B 147 14.06 -49.96 -4.15
CA VAL B 147 13.56 -48.78 -4.86
C VAL B 147 14.70 -47.82 -5.17
N VAL B 148 15.70 -47.76 -4.30
CA VAL B 148 16.90 -47.00 -4.59
C VAL B 148 17.64 -47.63 -5.76
N GLU B 149 17.69 -48.97 -5.80
CA GLU B 149 18.37 -49.66 -6.88
C GLU B 149 17.60 -49.57 -8.19
N GLN B 150 16.27 -49.62 -8.12
CA GLN B 150 15.40 -49.49 -9.28
C GLN B 150 15.12 -48.04 -9.65
N LEU B 151 15.69 -47.07 -8.95
CA LEU B 151 15.63 -45.68 -9.38
C LEU B 151 16.89 -45.21 -10.06
N LYS B 152 18.03 -45.88 -9.84
CA LYS B 152 19.25 -45.56 -10.55
C LYS B 152 19.26 -46.05 -11.99
N GLN B 153 18.16 -46.63 -12.50
CA GLN B 153 18.16 -47.06 -13.88
C GLN B 153 17.65 -46.00 -14.86
N ASP B 154 16.74 -45.14 -14.42
CA ASP B 154 16.44 -43.91 -15.14
C ASP B 154 17.72 -43.08 -15.25
N PRO B 155 18.08 -42.54 -16.44
CA PRO B 155 19.28 -41.70 -16.52
C PRO B 155 19.17 -40.42 -15.68
N ARG B 156 18.07 -40.29 -14.96
CA ARG B 156 17.92 -39.29 -13.91
C ARG B 156 18.42 -39.88 -12.61
N GLY B 157 18.24 -41.19 -12.46
CA GLY B 157 18.79 -42.02 -11.40
C GLY B 157 20.29 -42.10 -11.41
N ALA B 158 20.95 -41.65 -12.49
CA ALA B 158 22.40 -41.61 -12.56
C ALA B 158 23.03 -40.21 -12.38
N ALA B 159 22.24 -39.14 -12.20
CA ALA B 159 22.77 -37.81 -11.89
C ALA B 159 22.44 -37.21 -10.51
N HIS B 160 21.26 -37.50 -9.93
CA HIS B 160 20.79 -36.85 -8.70
C HIS B 160 21.53 -37.26 -7.41
N TYR B 161 21.43 -38.53 -6.97
CA TYR B 161 22.08 -38.97 -5.73
C TYR B 161 23.57 -38.72 -5.80
N ARG B 162 24.14 -38.99 -6.96
CA ARG B 162 25.55 -38.76 -7.23
C ARG B 162 25.90 -37.29 -7.03
N ARG B 163 25.01 -36.38 -7.43
CA ARG B 163 25.16 -34.97 -7.07
C ARG B 163 25.09 -34.79 -5.56
N PHE B 164 24.19 -35.53 -4.90
CA PHE B 164 24.06 -35.46 -3.44
C PHE B 164 25.35 -35.90 -2.77
N ASP B 165 25.91 -37.03 -3.21
CA ASP B 165 27.16 -37.51 -2.64
C ASP B 165 28.28 -36.51 -2.84
N ALA B 166 28.32 -35.87 -4.02
CA ALA B 166 29.32 -34.85 -4.28
C ALA B 166 29.13 -33.65 -3.37
N TRP B 167 27.88 -33.28 -3.09
CA TRP B 167 27.60 -32.15 -2.21
C TRP B 167 28.15 -32.40 -0.81
N LEU B 168 28.07 -33.64 -0.33
CA LEU B 168 28.62 -33.96 0.99
C LEU B 168 30.13 -33.69 1.04
N GLU B 169 30.83 -34.01 -0.05
CA GLU B 169 32.27 -33.77 -0.11
C GLU B 169 32.59 -32.28 -0.07
N ASP B 170 31.79 -31.45 -0.76
CA ASP B 170 32.01 -30.01 -0.73
C ASP B 170 31.77 -29.43 0.65
N SER B 171 30.83 -29.99 1.40
CA SER B 171 30.38 -29.40 2.66
C SER B 171 31.24 -29.84 3.84
N GLY B 172 32.23 -30.70 3.62
CA GLY B 172 33.10 -31.11 4.69
C GLY B 172 32.62 -32.32 5.46
N VAL B 173 31.68 -33.08 4.92
CA VAL B 173 31.19 -34.27 5.61
C VAL B 173 31.18 -35.46 4.66
N PRO B 174 32.35 -35.90 4.18
CA PRO B 174 32.36 -37.08 3.31
C PRO B 174 32.12 -38.38 4.06
N GLY B 175 32.46 -38.40 5.36
CA GLY B 175 32.37 -39.61 6.15
C GLY B 175 30.97 -39.90 6.66
N ILE B 176 29.95 -39.44 5.93
CA ILE B 176 28.56 -39.70 6.29
C ILE B 176 27.78 -39.97 5.02
N ASP B 177 26.82 -40.88 5.10
CA ASP B 177 26.04 -41.26 3.93
C ASP B 177 24.94 -40.24 3.67
N ALA B 178 24.53 -40.14 2.40
CA ALA B 178 23.45 -39.24 2.03
C ALA B 178 22.12 -39.66 2.65
N GLY B 179 21.95 -40.95 2.93
CA GLY B 179 20.77 -41.41 3.65
C GLY B 179 20.91 -41.27 5.14
N ASP B 180 22.08 -41.63 5.67
CA ASP B 180 22.31 -41.56 7.11
C ASP B 180 22.21 -40.13 7.61
N LEU B 181 22.99 -39.23 7.03
CA LEU B 181 22.68 -37.81 7.19
C LEU B 181 21.37 -37.54 6.45
N VAL B 182 20.40 -36.99 7.19
CA VAL B 182 19.00 -36.73 6.85
C VAL B 182 18.13 -37.62 7.73
N ASN B 183 18.34 -38.94 7.68
CA ASN B 183 17.46 -39.90 8.33
C ASN B 183 18.06 -40.59 9.54
N LEU B 184 19.31 -40.30 9.89
CA LEU B 184 19.95 -40.88 11.08
C LEU B 184 20.64 -39.76 11.87
N PRO B 185 19.87 -38.89 12.50
CA PRO B 185 20.46 -37.77 13.26
C PRO B 185 21.18 -38.28 14.51
N GLU B 186 22.00 -37.40 15.08
CA GLU B 186 22.62 -37.70 16.37
C GLU B 186 21.55 -37.88 17.43
N ARG B 187 20.69 -36.88 17.59
CA ARG B 187 19.58 -36.89 18.52
C ARG B 187 18.38 -36.31 17.78
N SER B 188 17.19 -36.80 18.12
CA SER B 188 15.99 -36.35 17.42
C SER B 188 14.82 -36.27 18.39
N LEU B 189 14.01 -35.23 18.23
CA LEU B 189 12.79 -35.04 19.00
C LEU B 189 11.62 -35.25 18.05
N VAL B 190 10.85 -36.32 18.28
CA VAL B 190 9.73 -36.69 17.44
C VAL B 190 8.46 -36.16 18.11
N LEU B 191 7.80 -35.21 17.46
CA LEU B 191 6.67 -34.49 18.04
C LEU B 191 5.34 -35.20 17.82
N VAL B 192 5.33 -36.53 17.89
CA VAL B 192 4.09 -37.31 17.89
C VAL B 192 4.19 -38.34 19.01
N PRO B 193 3.08 -38.81 19.55
CA PRO B 193 3.14 -39.91 20.52
C PRO B 193 3.49 -41.22 19.83
N ARG B 194 3.94 -42.17 20.64
CA ARG B 194 4.38 -43.45 20.09
C ARG B 194 3.25 -44.20 19.39
N PHE B 195 1.99 -44.01 19.83
CA PHE B 195 0.90 -44.72 19.19
C PHE B 195 0.48 -44.12 17.85
N LEU B 196 1.07 -42.98 17.45
CA LEU B 196 0.90 -42.46 16.11
C LEU B 196 2.13 -42.65 15.25
N GLN B 197 3.11 -43.43 15.73
CA GLN B 197 4.33 -43.72 14.98
C GLN B 197 4.27 -45.14 14.46
N PRO B 198 4.21 -45.36 13.14
CA PRO B 198 4.20 -46.73 12.62
C PRO B 198 5.52 -47.43 12.92
N ASP B 199 5.42 -48.71 13.29
CA ASP B 199 6.58 -49.55 13.59
C ASP B 199 7.43 -48.92 14.69
N ALA B 200 6.77 -48.47 15.76
CA ALA B 200 7.48 -47.76 16.82
C ALA B 200 8.54 -48.62 17.47
N ASP B 201 8.29 -49.94 17.56
CA ASP B 201 9.28 -50.83 18.17
C ASP B 201 10.55 -50.94 17.33
N ASP B 202 10.44 -50.72 16.02
CA ASP B 202 11.59 -50.72 15.14
C ASP B 202 12.32 -49.38 15.11
N VAL B 203 11.93 -48.43 15.95
CA VAL B 203 12.56 -47.12 16.05
C VAL B 203 13.50 -47.14 17.25
N ASP B 204 14.76 -46.80 17.00
CA ASP B 204 15.77 -46.81 18.07
C ASP B 204 15.59 -45.57 18.93
N GLU B 205 15.10 -45.75 20.15
CA GLU B 205 14.83 -44.64 21.03
C GLU B 205 16.06 -44.19 21.82
N LYS B 206 17.20 -44.83 21.60
CA LYS B 206 18.46 -44.22 22.00
C LYS B 206 18.70 -42.94 21.22
N ARG B 207 18.19 -42.90 19.99
CA ARG B 207 18.35 -41.79 19.05
C ARG B 207 17.13 -40.89 18.96
N PHE B 208 15.94 -41.48 18.77
CA PHE B 208 14.71 -40.71 18.65
C PHE B 208 13.96 -40.71 19.96
N THR B 209 13.38 -39.56 20.32
CA THR B 209 12.56 -39.43 21.51
C THR B 209 11.15 -39.00 21.12
N PHE B 210 10.16 -39.81 21.50
CA PHE B 210 8.76 -39.47 21.24
C PHE B 210 8.30 -38.48 22.30
N ILE B 211 8.01 -37.25 21.86
CA ILE B 211 7.72 -36.15 22.77
C ILE B 211 6.21 -35.94 22.82
N GLY B 212 5.53 -36.25 21.72
CA GLY B 212 4.15 -35.85 21.55
C GLY B 212 4.13 -34.41 21.07
N PRO B 213 2.93 -33.87 20.87
CA PRO B 213 2.84 -32.48 20.39
C PRO B 213 3.35 -31.52 21.45
N CYS B 214 3.85 -30.38 20.99
CA CYS B 214 4.32 -29.33 21.89
C CYS B 214 3.23 -28.26 21.95
N LEU B 215 2.58 -28.16 23.11
CA LEU B 215 1.41 -27.32 23.29
C LEU B 215 1.74 -26.15 24.21
N GLY B 216 0.83 -25.19 24.27
CA GLY B 216 1.03 -24.00 25.08
C GLY B 216 -0.25 -23.25 25.44
N ARG B 217 -0.85 -23.56 26.59
CA ARG B 217 -2.08 -22.92 27.03
C ARG B 217 -3.26 -23.24 26.12
N ARG B 218 -4.43 -22.73 26.47
CA ARG B 218 -5.64 -22.94 25.68
C ARG B 218 -5.88 -21.64 24.94
N ALA B 219 -5.64 -21.68 23.63
CA ALA B 219 -5.63 -20.48 22.81
C ALA B 219 -7.05 -20.03 22.47
N HIS B 220 -7.14 -18.99 21.63
CA HIS B 220 -8.40 -18.41 21.22
C HIS B 220 -8.74 -18.82 19.79
N GLN B 221 -8.10 -18.16 18.82
CA GLN B 221 -8.38 -18.25 17.39
C GLN B 221 -9.76 -17.70 17.06
N GLY B 222 -10.39 -16.99 18.01
CA GLY B 222 -11.70 -16.39 17.82
C GLY B 222 -12.75 -16.96 18.75
N ASP B 223 -12.55 -18.19 19.23
CA ASP B 223 -13.47 -18.91 20.11
C ASP B 223 -14.78 -19.19 19.38
N TRP B 224 -15.59 -20.12 19.91
CA TRP B 224 -16.77 -20.58 19.19
C TRP B 224 -17.79 -21.14 20.16
N LYS B 225 -18.88 -20.41 20.41
CA LYS B 225 -19.93 -20.93 21.26
C LYS B 225 -20.94 -21.75 20.44
N ARG B 226 -21.48 -22.79 21.09
CA ARG B 226 -22.44 -23.67 20.43
C ARG B 226 -23.75 -22.96 20.13
N PRO B 227 -24.31 -23.14 18.94
CA PRO B 227 -25.69 -22.70 18.68
C PRO B 227 -26.72 -23.51 19.46
N ALA B 228 -27.67 -22.78 20.05
CA ALA B 228 -28.76 -23.40 20.80
C ALA B 228 -29.63 -24.28 19.90
N GLY B 229 -30.05 -25.42 20.44
CA GLY B 229 -30.83 -26.40 19.70
C GLY B 229 -30.04 -27.29 18.78
N ALA B 230 -28.74 -27.43 19.01
CA ALA B 230 -27.90 -28.42 18.37
C ALA B 230 -27.54 -29.46 19.42
N GLU B 231 -27.84 -30.73 19.16
CA GLU B 231 -27.55 -31.73 20.18
C GLU B 231 -26.07 -32.08 20.18
N LYS B 232 -25.52 -32.40 19.01
CA LYS B 232 -24.10 -32.68 18.85
C LYS B 232 -23.55 -31.93 17.64
N VAL B 233 -22.32 -31.43 17.78
CA VAL B 233 -21.70 -30.56 16.79
C VAL B 233 -20.63 -31.34 16.02
N ALA B 234 -20.58 -31.11 14.72
CA ALA B 234 -19.62 -31.75 13.84
C ALA B 234 -18.79 -30.70 13.10
N LEU B 235 -17.52 -31.01 12.88
CA LEU B 235 -16.61 -30.15 12.13
C LEU B 235 -16.05 -30.95 10.96
N VAL B 236 -16.19 -30.41 9.75
CA VAL B 236 -15.63 -31.00 8.54
C VAL B 236 -14.57 -30.05 7.99
N SER B 237 -13.32 -30.50 7.97
CA SER B 237 -12.20 -29.74 7.47
C SER B 237 -11.16 -30.73 6.98
N LEU B 238 -10.79 -30.64 5.70
CA LEU B 238 -9.91 -31.64 5.09
C LEU B 238 -8.45 -31.41 5.44
N GLY B 239 -7.72 -32.51 5.60
CA GLY B 239 -6.34 -32.58 6.04
C GLY B 239 -5.90 -31.58 7.08
N SER B 240 -4.70 -31.02 6.88
CA SER B 240 -4.25 -29.88 7.67
C SER B 240 -4.05 -28.63 6.83
N HIS B 241 -4.42 -28.63 5.54
CA HIS B 241 -4.50 -27.38 4.79
C HIS B 241 -5.28 -27.43 3.48
N LEU B 242 -4.69 -28.02 2.43
CA LEU B 242 -5.13 -27.79 1.06
C LEU B 242 -6.03 -28.89 0.53
N THR B 243 -7.09 -28.49 -0.17
CA THR B 243 -8.02 -29.38 -0.85
C THR B 243 -8.44 -28.75 -2.18
N ASN B 244 -9.10 -29.55 -3.01
CA ASN B 244 -9.61 -29.06 -4.29
C ASN B 244 -10.90 -29.76 -4.72
N GLN B 245 -11.44 -30.68 -3.92
CA GLN B 245 -12.55 -31.55 -4.32
C GLN B 245 -13.86 -30.97 -3.79
N LEU B 246 -14.54 -30.20 -4.64
CA LEU B 246 -15.87 -29.69 -4.30
C LEU B 246 -16.93 -30.79 -4.16
N PRO B 247 -16.99 -31.82 -5.02
CA PRO B 247 -18.15 -32.75 -4.96
C PRO B 247 -18.39 -33.41 -3.61
N PHE B 248 -17.34 -33.74 -2.85
CA PHE B 248 -17.55 -34.35 -1.53
C PHE B 248 -18.32 -33.44 -0.59
N TYR B 249 -18.19 -32.12 -0.76
CA TYR B 249 -18.85 -31.18 0.13
C TYR B 249 -20.37 -31.33 0.09
N GLU B 250 -20.93 -31.59 -1.08
CA GLU B 250 -22.39 -31.68 -1.20
C GLU B 250 -22.95 -32.81 -0.33
N THR B 251 -22.25 -33.94 -0.26
CA THR B 251 -22.72 -35.05 0.57
C THR B 251 -22.77 -34.68 2.05
N CYS B 252 -21.81 -33.88 2.52
CA CYS B 252 -21.77 -33.52 3.93
C CYS B 252 -23.01 -32.73 4.36
N VAL B 253 -23.33 -31.66 3.63
CA VAL B 253 -24.54 -30.90 3.94
C VAL B 253 -25.78 -31.74 3.69
N GLU B 254 -25.75 -32.62 2.68
CA GLU B 254 -26.87 -33.52 2.43
C GLU B 254 -27.15 -34.40 3.63
N VAL B 255 -26.10 -35.02 4.18
CA VAL B 255 -26.26 -35.89 5.35
C VAL B 255 -26.81 -35.11 6.53
N PHE B 256 -26.24 -33.95 6.81
CA PHE B 256 -26.63 -33.18 7.99
C PHE B 256 -27.97 -32.48 7.77
N ALA B 257 -28.12 -31.71 6.69
CA ALA B 257 -29.44 -31.21 6.33
C ALA B 257 -30.42 -32.38 6.15
N ALA B 258 -30.62 -33.15 7.22
CA ALA B 258 -31.50 -34.30 7.31
C ALA B 258 -31.37 -34.84 8.73
N LEU B 259 -30.32 -34.42 9.43
CA LEU B 259 -30.18 -34.58 10.87
C LEU B 259 -30.37 -33.21 11.49
N PRO B 260 -31.58 -32.83 11.92
CA PRO B 260 -31.78 -31.49 12.47
C PRO B 260 -31.23 -31.33 13.88
N ASP B 261 -30.81 -32.42 14.51
CA ASP B 261 -30.28 -32.42 15.87
C ASP B 261 -28.80 -32.08 15.91
N TRP B 262 -28.09 -32.25 14.81
CA TRP B 262 -26.68 -31.96 14.64
C TRP B 262 -26.44 -30.59 14.05
N HIS B 263 -25.27 -30.00 14.35
CA HIS B 263 -24.86 -28.71 13.79
C HIS B 263 -23.54 -28.91 13.06
N LEU B 264 -23.56 -28.73 11.75
CA LEU B 264 -22.38 -28.87 10.91
C LEU B 264 -21.62 -27.55 10.77
N VAL B 265 -20.31 -27.60 10.99
CA VAL B 265 -19.42 -26.46 10.76
C VAL B 265 -18.43 -26.90 9.69
N LEU B 266 -18.75 -26.56 8.43
CA LEU B 266 -17.99 -26.98 7.26
C LEU B 266 -16.98 -25.94 6.84
N GLN B 267 -15.74 -26.38 6.58
CA GLN B 267 -14.67 -25.53 6.07
C GLN B 267 -14.39 -25.92 4.63
N ILE B 268 -14.74 -25.04 3.69
CA ILE B 268 -14.57 -25.34 2.28
C ILE B 268 -13.17 -25.02 1.73
N GLY B 269 -12.44 -24.12 2.37
CA GLY B 269 -11.07 -23.84 1.95
C GLY B 269 -10.90 -22.67 1.00
N ARG B 270 -9.79 -21.94 1.18
CA ARG B 270 -9.45 -20.81 0.31
C ARG B 270 -9.55 -21.15 -1.18
N HIS B 271 -9.15 -22.36 -1.57
CA HIS B 271 -9.12 -22.75 -2.98
C HIS B 271 -10.48 -23.04 -3.58
N VAL B 272 -11.58 -22.65 -2.95
CA VAL B 272 -12.86 -22.84 -3.61
C VAL B 272 -13.65 -21.54 -3.45
N ASP B 273 -14.82 -21.60 -2.82
CA ASP B 273 -15.79 -20.52 -2.59
C ASP B 273 -16.63 -20.39 -3.85
N ALA B 274 -16.04 -20.72 -5.00
CA ALA B 274 -16.76 -20.73 -6.28
C ALA B 274 -17.69 -21.93 -6.28
N GLY B 275 -18.97 -21.68 -6.03
CA GLY B 275 -19.96 -22.74 -5.97
C GLY B 275 -20.43 -23.12 -4.58
N GLU B 276 -21.73 -22.95 -4.35
CA GLU B 276 -22.38 -23.31 -3.10
C GLU B 276 -23.72 -23.95 -3.46
N LEU B 277 -24.57 -24.19 -2.46
CA LEU B 277 -25.89 -24.79 -2.69
C LEU B 277 -26.94 -23.99 -1.93
N GLY B 278 -27.72 -23.23 -2.68
CA GLY B 278 -28.79 -22.47 -2.07
C GLY B 278 -28.32 -21.46 -1.03
N GLU B 279 -29.29 -21.08 -0.19
CA GLU B 279 -29.04 -20.15 0.89
C GLU B 279 -28.42 -20.83 2.11
N LEU B 280 -28.51 -22.18 2.18
CA LEU B 280 -28.02 -23.11 3.20
C LEU B 280 -29.01 -23.26 4.36
N PRO B 281 -29.24 -24.49 4.81
CA PRO B 281 -30.17 -24.72 5.92
C PRO B 281 -29.66 -24.06 7.19
N PRO B 282 -30.53 -23.82 8.19
CA PRO B 282 -30.06 -23.28 9.47
C PRO B 282 -29.18 -24.26 10.23
N ASN B 283 -29.14 -25.53 9.83
CA ASN B 283 -28.30 -26.53 10.46
C ASN B 283 -26.83 -26.40 10.06
N VAL B 284 -26.55 -25.86 8.87
CA VAL B 284 -25.22 -25.88 8.29
C VAL B 284 -24.68 -24.46 8.21
N GLU B 285 -23.49 -24.24 8.79
CA GLU B 285 -22.76 -23.00 8.63
C GLU B 285 -21.41 -23.30 7.97
N VAL B 286 -21.05 -22.50 6.98
CA VAL B 286 -19.97 -22.82 6.06
C VAL B 286 -18.96 -21.67 6.01
N HIS B 287 -17.67 -22.01 6.10
CA HIS B 287 -16.58 -21.05 6.02
C HIS B 287 -15.50 -21.58 5.09
N ASN B 288 -14.66 -20.65 4.60
CA ASN B 288 -13.42 -21.04 3.93
C ASN B 288 -12.32 -21.30 4.94
N TRP B 289 -12.42 -20.74 6.13
CA TRP B 289 -11.48 -21.00 7.21
C TRP B 289 -12.23 -20.84 8.53
N VAL B 290 -12.11 -21.82 9.40
CA VAL B 290 -12.73 -21.75 10.73
C VAL B 290 -11.65 -21.98 11.76
N PRO B 291 -11.78 -21.43 12.97
CA PRO B 291 -10.85 -21.78 14.05
C PRO B 291 -11.01 -23.22 14.49
N GLN B 292 -10.20 -24.12 13.89
CA GLN B 292 -10.41 -25.55 14.06
C GLN B 292 -10.33 -25.97 15.51
N LEU B 293 -9.38 -25.40 16.25
CA LEU B 293 -9.30 -25.67 17.68
C LEU B 293 -10.55 -25.19 18.42
N ALA B 294 -11.08 -24.03 18.00
CA ALA B 294 -12.25 -23.47 18.66
C ALA B 294 -13.49 -24.32 18.43
N VAL B 295 -13.69 -24.80 17.20
CA VAL B 295 -14.84 -25.66 16.91
C VAL B 295 -14.69 -27.00 17.61
N LEU B 296 -13.47 -27.53 17.65
CA LEU B 296 -13.20 -28.80 18.34
C LEU B 296 -13.52 -28.71 19.82
N GLU B 297 -13.61 -27.50 20.39
CA GLU B 297 -13.95 -27.38 21.80
C GLU B 297 -15.34 -27.92 22.10
N GLN B 298 -16.25 -27.82 21.13
CA GLN B 298 -17.65 -28.25 21.31
C GLN B 298 -18.08 -29.30 20.30
N ALA B 299 -17.12 -29.96 19.64
CA ALA B 299 -17.46 -30.89 18.58
C ALA B 299 -17.67 -32.30 19.11
N ASP B 300 -18.50 -33.07 18.38
CA ASP B 300 -18.74 -34.48 18.67
C ASP B 300 -18.23 -35.41 17.60
N VAL B 301 -17.89 -34.91 16.41
CA VAL B 301 -17.18 -35.71 15.41
C VAL B 301 -16.40 -34.75 14.52
N PHE B 302 -15.30 -35.24 13.97
CA PHE B 302 -14.39 -34.44 13.16
C PHE B 302 -14.04 -35.23 11.90
N VAL B 303 -14.41 -34.69 10.73
CA VAL B 303 -14.06 -35.29 9.45
C VAL B 303 -12.82 -34.60 8.92
N THR B 304 -11.82 -35.39 8.51
CA THR B 304 -10.54 -34.86 8.11
C THR B 304 -9.90 -35.82 7.11
N HIS B 305 -8.81 -35.37 6.49
CA HIS B 305 -8.07 -36.22 5.57
C HIS B 305 -6.99 -37.04 6.26
N GLY B 306 -6.70 -36.78 7.53
CA GLY B 306 -5.66 -37.54 8.21
C GLY B 306 -4.28 -36.92 8.25
N GLY B 307 -4.16 -35.61 8.10
CA GLY B 307 -2.89 -34.97 8.35
C GLY B 307 -2.55 -35.04 9.83
N MET B 308 -1.24 -35.16 10.12
CA MET B 308 -0.84 -35.31 11.52
C MET B 308 -1.27 -34.13 12.37
N GLY B 309 -1.27 -32.93 11.80
CA GLY B 309 -1.68 -31.77 12.57
C GLY B 309 -3.13 -31.86 13.00
N GLY B 310 -4.01 -32.23 12.06
CA GLY B 310 -5.41 -32.33 12.40
C GLY B 310 -5.71 -33.50 13.33
N ILE B 311 -5.05 -34.63 13.11
CA ILE B 311 -5.30 -35.82 13.91
C ILE B 311 -4.96 -35.56 15.38
N GLN B 312 -3.80 -34.95 15.63
CA GLN B 312 -3.40 -34.66 16.99
C GLN B 312 -4.33 -33.65 17.65
N GLU B 313 -4.91 -32.74 16.86
CA GLU B 313 -5.85 -31.77 17.42
C GLU B 313 -7.19 -32.42 17.74
N GLY B 314 -7.66 -33.32 16.89
CA GLY B 314 -8.86 -34.08 17.23
C GLY B 314 -8.63 -35.00 18.42
N LEU B 315 -7.45 -35.63 18.46
CA LEU B 315 -7.11 -36.48 19.59
C LEU B 315 -7.04 -35.69 20.89
N PHE B 316 -6.38 -34.53 20.86
CA PHE B 316 -6.24 -33.74 22.08
C PHE B 316 -7.59 -33.24 22.58
N SER B 317 -8.54 -33.01 21.67
CA SER B 317 -9.85 -32.53 22.04
C SER B 317 -10.81 -33.65 22.42
N GLY B 318 -10.36 -34.89 22.35
CA GLY B 318 -11.24 -36.02 22.66
C GLY B 318 -12.42 -36.10 21.72
N VAL B 319 -12.18 -35.90 20.43
CA VAL B 319 -13.22 -35.87 19.41
C VAL B 319 -12.98 -37.03 18.46
N PRO B 320 -13.93 -37.94 18.28
CA PRO B 320 -13.76 -39.01 17.31
C PRO B 320 -13.64 -38.44 15.90
N MET B 321 -12.99 -39.19 15.04
CA MET B 321 -12.63 -38.68 13.72
C MET B 321 -13.11 -39.61 12.62
N VAL B 322 -13.56 -39.01 11.53
CA VAL B 322 -13.83 -39.69 10.27
C VAL B 322 -12.73 -39.25 9.31
N VAL B 323 -11.86 -40.17 8.92
CA VAL B 323 -10.65 -39.84 8.18
C VAL B 323 -10.84 -40.24 6.72
N ALA B 324 -10.57 -39.29 5.80
CA ALA B 324 -10.67 -39.49 4.36
C ALA B 324 -9.30 -39.20 3.75
N PRO B 325 -8.37 -40.15 3.78
CA PRO B 325 -7.00 -39.87 3.34
C PRO B 325 -6.92 -39.59 1.84
N GLN B 326 -5.99 -38.70 1.48
CA GLN B 326 -5.79 -38.28 0.10
C GLN B 326 -4.37 -38.48 -0.41
N ALA B 327 -3.38 -37.83 0.22
CA ALA B 327 -2.02 -37.90 -0.30
C ALA B 327 -1.16 -38.71 0.67
N ASN B 328 0.14 -38.40 0.73
CA ASN B 328 1.05 -39.27 1.46
C ASN B 328 1.01 -38.97 2.94
N ASP B 329 1.21 -40.02 3.75
CA ASP B 329 1.13 -40.03 5.22
C ASP B 329 -0.30 -40.12 5.71
N GLN B 330 -1.27 -39.65 4.92
CA GLN B 330 -2.63 -39.65 5.44
C GLN B 330 -3.19 -41.06 5.55
N PRO B 331 -2.95 -41.97 4.59
CA PRO B 331 -3.42 -43.35 4.79
C PRO B 331 -2.76 -44.01 5.98
N ALA B 332 -1.45 -43.86 6.13
CA ALA B 332 -0.77 -44.43 7.29
C ALA B 332 -1.30 -43.82 8.58
N ASN B 333 -1.58 -42.52 8.57
CA ASN B 333 -2.18 -41.90 9.75
C ASN B 333 -3.60 -42.42 9.97
N ALA B 334 -4.36 -42.60 8.88
CA ALA B 334 -5.71 -43.16 8.98
C ALA B 334 -5.67 -44.56 9.56
N GLU B 335 -4.70 -45.36 9.11
CA GLU B 335 -4.50 -46.71 9.61
C GLU B 335 -4.24 -46.68 11.11
N SER B 336 -3.47 -45.68 11.57
CA SER B 336 -3.14 -45.57 12.99
C SER B 336 -4.36 -45.30 13.83
N VAL B 337 -5.14 -44.27 13.47
CA VAL B 337 -6.29 -43.91 14.30
C VAL B 337 -7.40 -44.94 14.21
N VAL B 338 -7.50 -45.67 13.09
CA VAL B 338 -8.46 -46.76 13.02
C VAL B 338 -8.05 -47.90 13.96
N GLY B 339 -6.75 -48.25 13.95
CA GLY B 339 -6.26 -49.27 14.85
C GLY B 339 -6.38 -48.93 16.31
N LEU B 340 -6.54 -47.65 16.64
CA LEU B 340 -6.73 -47.20 18.00
C LEU B 340 -8.19 -47.22 18.44
N GLY B 341 -9.11 -47.59 17.53
CA GLY B 341 -10.51 -47.67 17.87
C GLY B 341 -11.20 -46.34 18.11
N ILE B 342 -10.79 -45.29 17.40
CA ILE B 342 -11.36 -43.96 17.61
C ILE B 342 -11.72 -43.31 16.29
N ALA B 343 -11.68 -44.06 15.19
CA ALA B 343 -11.86 -43.45 13.89
C ALA B 343 -12.43 -44.45 12.90
N ARG B 344 -13.07 -43.91 11.86
CA ARG B 344 -13.54 -44.65 10.70
C ARG B 344 -12.91 -44.06 9.45
N ARG B 345 -12.62 -44.92 8.48
CA ARG B 345 -11.93 -44.52 7.26
C ARG B 345 -12.91 -44.53 6.10
N ILE B 346 -12.96 -43.45 5.34
CA ILE B 346 -13.83 -43.31 4.18
C ILE B 346 -13.01 -42.87 2.98
N ASP B 347 -13.56 -43.12 1.78
CA ASP B 347 -12.96 -42.69 0.52
C ASP B 347 -13.85 -41.60 -0.07
N ILE B 348 -13.36 -40.37 -0.09
CA ILE B 348 -14.13 -39.22 -0.54
C ILE B 348 -14.71 -39.46 -1.93
N ALA B 349 -13.98 -40.19 -2.78
CA ALA B 349 -14.43 -40.44 -4.14
C ALA B 349 -15.65 -41.36 -4.18
N THR B 350 -15.70 -42.35 -3.29
CA THR B 350 -16.68 -43.44 -3.35
C THR B 350 -17.75 -43.39 -2.27
N VAL B 351 -17.44 -42.85 -1.09
CA VAL B 351 -18.34 -42.88 0.06
C VAL B 351 -19.72 -42.38 -0.34
N THR B 352 -20.76 -42.97 0.25
CA THR B 352 -22.16 -42.63 0.05
C THR B 352 -22.71 -41.95 1.30
N PRO B 353 -23.84 -41.24 1.19
CA PRO B 353 -24.44 -40.63 2.38
C PRO B 353 -24.77 -41.63 3.48
N ASP B 354 -25.20 -42.84 3.14
CA ASP B 354 -25.56 -43.82 4.14
C ASP B 354 -24.37 -44.24 5.00
N ARG B 355 -23.24 -44.56 4.35
CA ARG B 355 -22.06 -44.94 5.14
C ARG B 355 -21.53 -43.76 5.94
N LEU B 356 -21.58 -42.56 5.36
CA LEU B 356 -21.10 -41.37 6.06
C LEU B 356 -21.95 -41.06 7.28
N ARG B 357 -23.28 -41.07 7.13
CA ARG B 357 -24.14 -40.73 8.26
C ARG B 357 -24.01 -41.75 9.39
N ALA B 358 -23.78 -43.02 9.06
CA ALA B 358 -23.60 -44.02 10.10
C ALA B 358 -22.32 -43.76 10.89
N ALA B 359 -21.20 -43.59 10.18
CA ALA B 359 -19.93 -43.35 10.85
C ALA B 359 -19.99 -42.13 11.77
N VAL B 360 -20.72 -41.09 11.36
CA VAL B 360 -20.81 -39.89 12.20
C VAL B 360 -21.62 -40.17 13.46
N VAL B 361 -22.85 -40.70 13.30
CA VAL B 361 -23.73 -40.85 14.45
C VAL B 361 -23.28 -42.01 15.34
N GLU B 362 -22.73 -43.07 14.76
CA GLU B 362 -22.25 -44.19 15.57
C GLU B 362 -21.05 -43.78 16.40
N LEU B 363 -20.07 -43.13 15.78
CA LEU B 363 -18.87 -42.71 16.51
C LEU B 363 -19.24 -41.79 17.66
N ALA B 364 -20.15 -40.85 17.43
CA ALA B 364 -20.53 -39.92 18.49
C ALA B 364 -21.40 -40.59 19.55
N SER B 365 -22.07 -41.69 19.21
CA SER B 365 -22.91 -42.39 20.18
C SER B 365 -22.17 -43.47 20.95
N ASP B 366 -21.22 -44.13 20.31
CA ASP B 366 -20.51 -45.25 20.92
C ASP B 366 -19.75 -44.80 22.16
N PRO B 367 -20.11 -45.28 23.35
CA PRO B 367 -19.39 -44.84 24.55
C PRO B 367 -18.01 -45.47 24.71
N ALA B 368 -17.75 -46.59 24.03
CA ALA B 368 -16.41 -47.17 24.06
C ALA B 368 -15.40 -46.27 23.35
N VAL B 369 -15.81 -45.63 22.25
CA VAL B 369 -14.93 -44.69 21.57
C VAL B 369 -14.59 -43.52 22.49
N ALA B 370 -15.58 -43.02 23.23
CA ALA B 370 -15.32 -41.90 24.14
C ALA B 370 -14.33 -42.30 25.21
N GLU B 371 -14.42 -43.54 25.71
CA GLU B 371 -13.49 -44.01 26.72
C GLU B 371 -12.08 -44.15 26.15
N ARG B 372 -11.97 -44.62 24.90
CA ARG B 372 -10.65 -44.72 24.28
C ARG B 372 -10.02 -43.35 24.08
N LEU B 373 -10.83 -42.36 23.68
CA LEU B 373 -10.32 -41.01 23.50
C LEU B 373 -9.82 -40.42 24.81
N SER B 374 -10.55 -40.65 25.90
CA SER B 374 -10.11 -40.15 27.19
C SER B 374 -8.75 -40.76 27.56
N GLY B 375 -8.59 -42.06 27.34
CA GLY B 375 -7.32 -42.70 27.66
C GLY B 375 -6.18 -42.23 26.79
N LEU B 376 -6.42 -42.09 25.48
CA LEU B 376 -5.37 -41.63 24.58
C LEU B 376 -4.97 -40.18 24.88
N ARG B 377 -5.93 -39.34 25.26
CA ARG B 377 -5.58 -37.98 25.68
C ARG B 377 -4.67 -38.02 26.91
N ARG B 378 -4.93 -38.96 27.82
CA ARG B 378 -4.08 -39.13 28.98
C ARG B 378 -2.69 -39.64 28.58
N GLU B 379 -2.64 -40.56 27.62
CA GLU B 379 -1.36 -41.06 27.13
C GLU B 379 -0.59 -39.97 26.41
N LEU B 380 -1.31 -39.05 25.76
CA LEU B 380 -0.68 -37.98 24.99
C LEU B 380 0.25 -37.14 25.86
N ARG B 381 -0.25 -36.64 26.99
CA ARG B 381 0.54 -35.78 27.87
C ARG B 381 1.74 -36.51 28.47
N ALA B 382 1.61 -37.81 28.76
CA ALA B 382 2.66 -38.54 29.45
C ALA B 382 3.96 -38.63 28.66
N HIS B 383 3.94 -38.28 27.37
CA HIS B 383 5.18 -38.30 26.58
C HIS B 383 6.11 -37.15 26.90
N GLY B 384 5.66 -36.12 27.60
CA GLY B 384 6.54 -35.05 28.02
C GLY B 384 6.22 -33.70 27.41
N GLY B 385 5.91 -33.69 26.12
CA GLY B 385 5.53 -32.41 25.53
C GLY B 385 6.67 -31.40 25.53
N THR B 386 6.29 -30.12 25.46
CA THR B 386 7.28 -29.07 25.30
C THR B 386 8.23 -29.00 26.48
N MET B 387 7.71 -29.23 27.69
CA MET B 387 8.59 -29.18 28.87
C MET B 387 9.67 -30.25 28.82
N ARG B 388 9.32 -31.47 28.41
CA ARG B 388 10.35 -32.50 28.28
C ARG B 388 11.32 -32.17 27.15
N ALA B 389 10.81 -31.66 26.03
CA ALA B 389 11.68 -31.36 24.91
C ALA B 389 12.65 -30.24 25.24
N ALA B 390 12.18 -29.19 25.92
CA ALA B 390 13.06 -28.08 26.29
C ALA B 390 14.14 -28.53 27.26
N ASP B 391 13.80 -29.41 28.21
CA ASP B 391 14.80 -29.94 29.14
C ASP B 391 15.86 -30.74 28.40
N LEU B 392 15.44 -31.52 27.40
CA LEU B 392 16.41 -32.32 26.66
C LEU B 392 17.34 -31.44 25.83
N ILE B 393 16.82 -30.33 25.29
CA ILE B 393 17.67 -29.42 24.53
C ILE B 393 18.65 -28.71 25.44
N GLU B 394 18.18 -28.22 26.60
CA GLU B 394 19.06 -27.55 27.55
C GLU B 394 20.18 -28.46 28.06
N ARG B 395 20.02 -29.78 27.95
CA ARG B 395 21.09 -30.68 28.36
C ARG B 395 22.32 -30.51 27.48
N GLN B 396 22.14 -30.10 26.24
CA GLN B 396 23.24 -29.93 25.30
C GLN B 396 23.92 -28.57 25.42
N LEU B 397 23.51 -27.75 26.35
CA LEU B 397 24.00 -26.42 26.68
C LEU B 397 25.06 -26.49 27.78
N PRO B 398 26.05 -25.61 27.76
CA PRO B 398 27.06 -25.60 28.81
C PRO B 398 26.47 -25.14 30.13
N ALA B 399 27.00 -25.71 31.22
CA ALA B 399 26.55 -25.35 32.55
C ALA B 399 27.09 -23.98 32.96
N PRO C 5 -13.52 46.44 -15.05
CA PRO C 5 -13.59 47.62 -15.93
C PRO C 5 -15.03 47.98 -16.29
N ARG C 6 -15.20 49.02 -17.09
CA ARG C 6 -16.48 49.45 -17.64
C ARG C 6 -17.41 49.81 -16.48
N PRO C 7 -17.19 50.97 -15.85
CA PRO C 7 -17.99 51.37 -14.68
C PRO C 7 -19.48 51.34 -14.97
N GLY C 8 -20.21 50.67 -14.10
CA GLY C 8 -21.65 50.50 -14.28
C GLY C 8 -22.45 50.83 -13.04
N HIS C 9 -23.74 50.50 -13.06
CA HIS C 9 -24.65 50.76 -11.96
C HIS C 9 -24.89 49.46 -11.21
N ILE C 10 -24.46 49.42 -9.96
CA ILE C 10 -24.62 48.26 -9.08
C ILE C 10 -25.60 48.64 -7.97
N ALA C 11 -26.67 47.87 -7.83
CA ALA C 11 -27.71 48.13 -6.85
C ALA C 11 -27.67 47.09 -5.76
N MET C 12 -27.41 47.51 -4.53
CA MET C 12 -27.44 46.64 -3.37
C MET C 12 -28.74 46.87 -2.62
N VAL C 13 -29.38 45.78 -2.20
CA VAL C 13 -30.63 45.86 -1.46
C VAL C 13 -30.49 45.02 -0.20
N SER C 14 -30.81 45.60 0.95
CA SER C 14 -30.73 44.87 2.20
C SER C 14 -31.85 45.34 3.13
N VAL C 15 -31.79 44.91 4.37
CA VAL C 15 -32.81 45.18 5.38
C VAL C 15 -32.13 45.80 6.59
N PRO C 16 -32.88 46.49 7.45
CA PRO C 16 -32.24 47.20 8.57
C PRO C 16 -31.67 46.29 9.66
N SER C 17 -32.01 45.01 9.68
CA SER C 17 -31.54 44.12 10.73
C SER C 17 -30.02 44.12 10.81
N ARG C 18 -29.50 44.03 12.04
CA ARG C 18 -28.08 44.29 12.28
C ARG C 18 -27.20 43.28 11.57
N GLY C 19 -27.63 42.02 11.52
CA GLY C 19 -26.90 40.97 10.86
C GLY C 19 -26.97 40.94 9.35
N HIS C 20 -27.74 41.83 8.74
CA HIS C 20 -27.88 41.87 7.29
C HIS C 20 -27.33 43.14 6.68
N LEU C 21 -26.71 44.00 7.47
CA LEU C 21 -26.13 45.27 7.04
C LEU C 21 -24.62 45.27 7.18
N HIS C 22 -24.13 44.90 8.35
CA HIS C 22 -22.70 44.89 8.62
C HIS C 22 -21.89 43.92 7.77
N PRO C 23 -22.35 42.69 7.46
CA PRO C 23 -21.46 41.74 6.77
C PRO C 23 -20.97 42.19 5.39
N SER C 24 -21.70 43.06 4.70
CA SER C 24 -21.37 43.42 3.33
C SER C 24 -20.93 44.88 3.16
N LEU C 25 -20.75 45.61 4.25
CA LEU C 25 -20.37 47.02 4.16
C LEU C 25 -19.04 47.19 3.43
N GLU C 26 -18.03 46.40 3.81
CA GLU C 26 -16.71 46.55 3.19
C GLU C 26 -16.73 46.11 1.73
N LEU C 27 -17.62 45.18 1.37
CA LEU C 27 -17.75 44.77 -0.02
C LEU C 27 -18.28 45.91 -0.89
N ILE C 28 -19.27 46.64 -0.37
CA ILE C 28 -19.83 47.76 -1.12
C ILE C 28 -18.82 48.88 -1.25
N ARG C 29 -18.04 49.12 -0.20
CA ARG C 29 -17.00 50.15 -0.25
C ARG C 29 -15.97 49.85 -1.34
N GLU C 30 -15.58 48.59 -1.46
CA GLU C 30 -14.59 48.22 -2.47
C GLU C 30 -15.13 48.41 -3.88
N LEU C 31 -16.41 48.09 -4.09
CA LEU C 31 -17.03 48.30 -5.40
C LEU C 31 -17.08 49.78 -5.76
N VAL C 32 -17.28 50.64 -4.77
CA VAL C 32 -17.23 52.08 -5.02
C VAL C 32 -15.81 52.50 -5.35
N ALA C 33 -14.83 51.97 -4.60
CA ALA C 33 -13.43 52.30 -4.83
C ALA C 33 -12.96 51.92 -6.23
N ARG C 34 -13.68 51.03 -6.91
CA ARG C 34 -13.33 50.62 -8.26
C ARG C 34 -14.01 51.48 -9.33
N GLY C 35 -14.63 52.58 -8.94
CA GLY C 35 -15.17 53.53 -9.89
C GLY C 35 -16.58 53.25 -10.38
N HIS C 36 -17.30 52.34 -9.73
CA HIS C 36 -18.65 52.00 -10.16
C HIS C 36 -19.68 52.89 -9.47
N ARG C 37 -20.83 53.03 -10.12
CA ARG C 37 -21.97 53.69 -9.50
C ARG C 37 -22.73 52.67 -8.67
N VAL C 38 -22.71 52.84 -7.36
CA VAL C 38 -23.32 51.87 -6.44
C VAL C 38 -24.47 52.56 -5.72
N THR C 39 -25.68 52.04 -5.93
CA THR C 39 -26.85 52.42 -5.16
C THR C 39 -27.16 51.35 -4.12
N TYR C 40 -27.58 51.79 -2.94
CA TYR C 40 -27.84 50.88 -1.82
C TYR C 40 -29.24 51.19 -1.30
N ALA C 41 -30.18 50.26 -1.53
CA ALA C 41 -31.55 50.42 -1.07
C ALA C 41 -31.69 49.75 0.29
N ASN C 42 -32.07 50.55 1.29
CA ASN C 42 -32.27 50.06 2.65
C ASN C 42 -33.18 51.04 3.36
N ASP C 43 -33.56 50.69 4.59
CA ASP C 43 -34.39 51.58 5.38
C ASP C 43 -33.59 52.80 5.81
N PRO C 44 -34.20 53.99 5.85
CA PRO C 44 -33.44 55.19 6.24
C PRO C 44 -32.92 55.14 7.67
N SER C 45 -33.38 54.19 8.50
CA SER C 45 -32.86 54.07 9.85
C SER C 45 -31.39 53.65 9.88
N VAL C 46 -30.88 53.07 8.80
CA VAL C 46 -29.49 52.66 8.73
C VAL C 46 -28.79 53.50 7.68
N ALA C 47 -29.32 54.71 7.44
CA ALA C 47 -28.73 55.59 6.43
C ALA C 47 -27.29 55.95 6.75
N ALA C 48 -26.95 56.03 8.04
CA ALA C 48 -25.56 56.33 8.40
C ALA C 48 -24.62 55.25 7.87
N ALA C 49 -24.90 53.99 8.20
CA ALA C 49 -24.03 52.90 7.76
C ALA C 49 -24.02 52.76 6.24
N VAL C 50 -25.17 52.97 5.60
CA VAL C 50 -25.24 52.87 4.15
C VAL C 50 -24.39 53.95 3.49
N THR C 51 -24.53 55.20 3.94
CA THR C 51 -23.80 56.30 3.34
C THR C 51 -22.31 56.23 3.63
N GLU C 52 -21.92 55.74 4.82
CA GLU C 52 -20.51 55.69 5.17
C GLU C 52 -19.72 54.87 4.16
N THR C 53 -20.37 53.91 3.52
CA THR C 53 -19.75 53.13 2.47
C THR C 53 -19.38 53.98 1.25
N GLY C 54 -20.12 55.05 1.00
CA GLY C 54 -19.95 55.83 -0.21
C GLY C 54 -20.92 55.53 -1.32
N ALA C 55 -21.94 54.70 -1.08
CA ALA C 55 -22.94 54.35 -2.08
C ALA C 55 -24.15 55.27 -1.96
N GLU C 56 -24.90 55.38 -3.05
CA GLU C 56 -26.12 56.19 -3.06
C GLU C 56 -27.21 55.49 -2.25
N LEU C 57 -27.66 56.13 -1.18
CA LEU C 57 -28.77 55.59 -0.40
C LEU C 57 -30.07 55.77 -1.15
N VAL C 58 -30.80 54.69 -1.33
CA VAL C 58 -32.13 54.70 -1.94
C VAL C 58 -33.14 54.25 -0.89
N PRO C 59 -33.86 55.20 -0.29
CA PRO C 59 -34.69 54.84 0.87
C PRO C 59 -35.95 54.08 0.49
N TYR C 60 -36.29 53.09 1.31
CA TYR C 60 -37.59 52.46 1.27
C TYR C 60 -38.00 52.15 2.71
N THR C 61 -39.30 52.09 2.94
CA THR C 61 -39.84 51.84 4.27
C THR C 61 -39.91 50.34 4.53
N SER C 62 -39.22 49.90 5.57
CA SER C 62 -39.20 48.49 5.93
C SER C 62 -40.33 48.16 6.91
N ALA C 63 -40.94 47.01 6.72
CA ALA C 63 -41.98 46.49 7.61
C ALA C 63 -41.44 45.49 8.63
N LEU C 64 -40.15 45.23 8.65
CA LEU C 64 -39.61 44.26 9.59
C LEU C 64 -39.61 44.82 11.01
N PRO C 65 -39.91 43.99 12.01
CA PRO C 65 -39.88 44.47 13.39
C PRO C 65 -38.46 44.73 13.87
N SER C 66 -38.36 45.61 14.86
CA SER C 66 -37.08 46.00 15.43
C SER C 66 -36.36 44.80 16.06
N ASP C 76 -43.96 34.92 15.59
CA ASP C 76 -43.85 33.98 16.70
C ASP C 76 -43.77 32.54 16.21
N GLN C 77 -44.54 32.23 15.16
CA GLN C 77 -44.58 30.90 14.59
C GLN C 77 -45.05 30.99 13.15
N ILE C 78 -46.34 30.77 12.91
CA ILE C 78 -46.89 31.01 11.57
C ILE C 78 -46.96 32.51 11.34
N ALA C 79 -47.17 33.29 12.40
CA ALA C 79 -47.20 34.74 12.28
C ALA C 79 -45.84 35.29 11.87
N GLN C 80 -44.75 34.70 12.37
CA GLN C 80 -43.42 35.17 11.99
C GLN C 80 -43.16 35.01 10.51
N MET C 81 -43.66 33.92 9.90
CA MET C 81 -43.49 33.76 8.47
C MET C 81 -44.32 34.77 7.69
N ASP C 82 -45.47 35.20 8.25
CA ASP C 82 -46.31 36.17 7.58
C ASP C 82 -45.70 37.56 7.60
N VAL C 83 -45.07 37.95 8.72
CA VAL C 83 -44.46 39.26 8.81
C VAL C 83 -43.34 39.39 7.78
N PHE C 84 -42.57 38.33 7.58
CA PHE C 84 -41.54 38.35 6.55
C PHE C 84 -42.17 38.45 5.16
N LEU C 85 -43.32 37.81 4.96
CA LEU C 85 -44.01 37.91 3.67
C LEU C 85 -44.54 39.31 3.44
N ASP C 86 -45.07 39.95 4.49
CA ASP C 86 -45.58 41.31 4.34
C ASP C 86 -44.49 42.28 3.94
N ASP C 87 -43.29 42.13 4.51
CA ASP C 87 -42.20 43.03 4.17
C ASP C 87 -41.76 42.86 2.72
N ALA C 88 -41.71 41.61 2.25
CA ALA C 88 -41.36 41.38 0.85
C ALA C 88 -42.39 41.99 -0.09
N VAL C 89 -43.67 41.87 0.24
CA VAL C 89 -44.73 42.44 -0.58
C VAL C 89 -44.61 43.96 -0.62
N GLY C 90 -44.32 44.58 0.52
CA GLY C 90 -44.16 46.02 0.54
C GLY C 90 -42.87 46.49 -0.09
N MET C 91 -41.82 45.66 -0.05
CA MET C 91 -40.51 46.08 -0.55
C MET C 91 -40.51 46.21 -2.07
N LEU C 92 -41.15 45.27 -2.78
CA LEU C 92 -41.05 45.23 -4.24
C LEU C 92 -41.52 46.52 -4.92
N PRO C 93 -42.70 47.07 -4.62
CA PRO C 93 -43.10 48.31 -5.30
C PRO C 93 -42.19 49.48 -5.00
N GLN C 94 -41.65 49.57 -3.79
CA GLN C 94 -40.72 50.64 -3.49
C GLN C 94 -39.44 50.49 -4.30
N LEU C 95 -38.95 49.26 -4.46
CA LEU C 95 -37.81 49.03 -5.34
C LEU C 95 -38.17 49.30 -6.79
N ARG C 96 -39.38 48.92 -7.20
CA ARG C 96 -39.79 49.16 -8.58
C ARG C 96 -39.86 50.65 -8.89
N ALA C 97 -40.49 51.42 -8.00
CA ALA C 97 -40.60 52.86 -8.22
C ALA C 97 -39.24 53.53 -8.22
N ALA C 98 -38.34 53.09 -7.35
CA ALA C 98 -37.04 53.74 -7.25
C ALA C 98 -36.17 53.47 -8.47
N TYR C 99 -36.22 52.25 -9.00
CA TYR C 99 -35.32 51.84 -10.07
C TYR C 99 -35.99 51.74 -11.43
N GLU C 100 -37.28 52.12 -11.53
CA GLU C 100 -38.00 51.91 -12.79
C GLU C 100 -37.33 52.65 -13.94
N GLU C 101 -36.94 53.90 -13.72
CA GLU C 101 -36.30 54.71 -14.74
C GLU C 101 -34.80 54.81 -14.55
N ASP C 102 -34.24 54.06 -13.60
CA ASP C 102 -32.81 54.06 -13.31
C ASP C 102 -32.33 52.63 -13.10
N ARG C 103 -32.57 51.77 -14.08
CA ARG C 103 -32.33 50.35 -13.91
C ARG C 103 -30.84 50.06 -13.78
N PRO C 104 -30.43 49.16 -12.90
CA PRO C 104 -29.01 48.89 -12.69
C PRO C 104 -28.48 47.80 -13.61
N ASP C 105 -27.16 47.72 -13.68
CA ASP C 105 -26.51 46.66 -14.45
C ASP C 105 -26.62 45.31 -13.75
N VAL C 106 -26.63 45.29 -12.41
CA VAL C 106 -26.73 44.07 -11.65
C VAL C 106 -27.45 44.38 -10.34
N PHE C 107 -28.20 43.38 -9.84
CA PHE C 107 -28.88 43.49 -8.56
C PHE C 107 -28.16 42.60 -7.55
N LEU C 108 -27.67 43.21 -6.47
CA LEU C 108 -27.16 42.50 -5.32
C LEU C 108 -28.22 42.59 -4.23
N TYR C 109 -28.52 41.47 -3.59
CA TYR C 109 -29.57 41.47 -2.59
C TYR C 109 -29.23 40.55 -1.43
N ASP C 110 -29.50 41.04 -0.22
CA ASP C 110 -29.41 40.23 0.98
C ASP C 110 -30.46 39.12 0.93
N VAL C 111 -30.24 38.09 1.76
CA VAL C 111 -31.11 36.93 1.78
C VAL C 111 -32.55 37.32 2.07
N LEU C 112 -32.76 38.40 2.83
CA LEU C 112 -34.10 38.87 3.15
C LEU C 112 -34.62 39.90 2.15
N ALA C 113 -33.84 40.23 1.12
CA ALA C 113 -34.25 41.20 0.11
C ALA C 113 -34.41 40.54 -1.25
N TYR C 114 -34.96 39.33 -1.27
CA TYR C 114 -35.21 38.63 -2.52
C TYR C 114 -36.20 39.33 -3.46
N PRO C 115 -37.06 40.26 -2.99
CA PRO C 115 -37.82 41.07 -3.95
C PRO C 115 -36.96 41.75 -5.00
N ALA C 116 -35.70 42.04 -4.69
CA ALA C 116 -34.80 42.57 -5.71
C ALA C 116 -34.57 41.55 -6.83
N ARG C 117 -34.58 40.26 -6.49
CA ARG C 117 -34.45 39.23 -7.52
C ARG C 117 -35.68 39.19 -8.42
N VAL C 118 -36.87 39.33 -7.84
CA VAL C 118 -38.10 39.37 -8.64
C VAL C 118 -38.02 40.51 -9.64
N LEU C 119 -37.54 41.67 -9.20
CA LEU C 119 -37.37 42.80 -10.10
C LEU C 119 -36.34 42.49 -11.18
N ALA C 120 -35.24 41.81 -10.82
CA ALA C 120 -34.20 41.52 -11.79
C ALA C 120 -34.72 40.57 -12.88
N MET C 121 -35.58 39.63 -12.51
CA MET C 121 -36.14 38.72 -13.51
C MET C 121 -37.07 39.46 -14.48
N ASN C 122 -37.87 40.41 -13.96
CA ASN C 122 -38.76 41.18 -14.83
C ASN C 122 -37.98 42.00 -15.85
N TRP C 123 -36.84 42.56 -15.44
CA TRP C 123 -36.09 43.50 -16.25
C TRP C 123 -34.90 42.88 -16.97
N GLY C 124 -34.78 41.55 -16.94
CA GLY C 124 -33.64 40.91 -17.59
C GLY C 124 -32.31 41.39 -17.08
N ILE C 125 -32.16 41.53 -15.77
CA ILE C 125 -30.96 42.06 -15.14
C ILE C 125 -30.34 40.94 -14.30
N PRO C 126 -29.01 40.77 -14.31
CA PRO C 126 -28.40 39.73 -13.48
C PRO C 126 -28.55 40.06 -12.00
N SER C 127 -28.75 39.02 -11.19
CA SER C 127 -28.90 39.18 -9.76
C SER C 127 -27.94 38.26 -9.03
N ILE C 128 -27.43 38.73 -7.89
CA ILE C 128 -26.50 37.98 -7.06
C ILE C 128 -26.96 38.05 -5.62
N GLN C 129 -27.16 36.90 -4.99
CA GLN C 129 -27.52 36.86 -3.59
C GLN C 129 -26.29 37.05 -2.70
N ILE C 130 -26.45 37.88 -1.68
CA ILE C 130 -25.41 38.13 -0.69
C ILE C 130 -25.91 37.56 0.62
N SER C 131 -25.38 36.40 1.02
CA SER C 131 -25.82 35.75 2.25
C SER C 131 -24.90 36.11 3.39
N PRO C 132 -25.40 36.74 4.46
CA PRO C 132 -24.52 37.14 5.57
C PRO C 132 -24.14 36.00 6.49
N THR C 133 -24.71 34.81 6.29
CA THR C 133 -24.36 33.64 7.09
C THR C 133 -24.51 32.40 6.21
N TRP C 134 -24.42 31.22 6.82
CA TRP C 134 -24.47 29.99 6.04
C TRP C 134 -25.86 29.81 5.43
N VAL C 135 -25.89 29.21 4.25
CA VAL C 135 -27.14 28.98 3.53
C VAL C 135 -27.65 27.59 3.88
N MET C 136 -28.89 27.31 3.50
CA MET C 136 -29.47 26.00 3.77
C MET C 136 -29.12 25.08 2.61
N PRO C 137 -28.43 23.96 2.84
CA PRO C 137 -28.07 23.10 1.72
C PRO C 137 -29.33 22.53 1.08
N GLU C 138 -29.31 22.41 -0.26
CA GLU C 138 -30.50 21.96 -0.96
C GLU C 138 -30.69 20.45 -0.76
N LYS C 139 -30.37 19.97 0.42
CA LYS C 139 -30.84 18.66 0.85
C LYS C 139 -31.76 18.79 2.05
N TYR C 140 -31.56 19.85 2.85
CA TYR C 140 -32.42 20.15 3.99
C TYR C 140 -33.81 20.59 3.54
N ARG C 141 -33.94 21.20 2.36
CA ARG C 141 -35.25 21.56 1.85
C ARG C 141 -36.14 20.35 1.70
N GLU C 142 -35.60 19.26 1.12
CA GLU C 142 -36.39 18.05 1.03
C GLU C 142 -36.65 17.46 2.41
N ARG C 143 -35.69 17.61 3.32
CA ARG C 143 -35.88 17.17 4.70
C ARG C 143 -36.96 17.96 5.42
N MET C 144 -37.10 19.25 5.11
CA MET C 144 -38.13 20.07 5.71
C MET C 144 -39.45 20.02 4.93
N ALA C 145 -39.48 19.32 3.81
CA ALA C 145 -40.72 19.22 3.04
C ALA C 145 -41.88 18.63 3.83
N PRO C 146 -41.72 17.62 4.67
CA PRO C 146 -42.85 17.21 5.53
C PRO C 146 -43.36 18.33 6.42
N VAL C 147 -42.46 19.10 7.02
CA VAL C 147 -42.89 20.19 7.89
C VAL C 147 -43.68 21.23 7.10
N VAL C 148 -43.29 21.50 5.85
CA VAL C 148 -44.08 22.39 5.00
C VAL C 148 -45.40 21.74 4.60
N GLU C 149 -45.38 20.44 4.32
CA GLU C 149 -46.60 19.75 3.91
C GLU C 149 -47.57 19.56 5.08
N GLN C 150 -47.05 19.33 6.29
CA GLN C 150 -47.90 19.35 7.49
C GLN C 150 -48.13 20.76 8.03
N LEU C 151 -47.63 21.79 7.34
CA LEU C 151 -48.01 23.15 7.67
C LEU C 151 -49.12 23.65 6.76
N LYS C 152 -49.28 23.03 5.60
CA LYS C 152 -50.37 23.24 4.66
C LYS C 152 -51.69 22.64 5.17
N GLN C 153 -51.72 22.19 6.43
CA GLN C 153 -52.92 21.66 7.05
C GLN C 153 -53.78 22.75 7.70
N ASP C 154 -53.63 23.99 7.24
CA ASP C 154 -54.55 25.12 7.43
C ASP C 154 -54.64 25.75 8.82
N PRO C 155 -53.57 25.75 9.67
CA PRO C 155 -53.65 26.56 10.90
C PRO C 155 -53.58 28.05 10.59
N ARG C 156 -53.65 28.35 9.28
CA ARG C 156 -53.30 29.56 8.55
C ARG C 156 -52.25 29.15 7.53
N GLY C 157 -51.48 28.13 7.87
CA GLY C 157 -50.39 27.66 7.05
C GLY C 157 -50.72 27.36 5.60
N ALA C 158 -52.00 27.15 5.27
CA ALA C 158 -52.39 26.95 3.89
C ALA C 158 -52.89 28.23 3.23
N ALA C 159 -52.92 29.34 3.96
CA ALA C 159 -53.23 30.65 3.42
C ALA C 159 -52.00 31.49 3.20
N HIS C 160 -50.95 31.26 3.98
CA HIS C 160 -49.68 31.94 3.77
C HIS C 160 -49.11 31.57 2.41
N TYR C 161 -49.00 30.26 2.15
CA TYR C 161 -48.45 29.79 0.87
C TYR C 161 -49.31 30.25 -0.31
N ARG C 162 -50.63 30.16 -0.19
CA ARG C 162 -51.48 30.64 -1.28
C ARG C 162 -51.28 32.13 -1.54
N ARG C 163 -51.17 32.93 -0.48
CA ARG C 163 -50.83 34.34 -0.67
C ARG C 163 -49.44 34.48 -1.27
N PHE C 164 -48.49 33.65 -0.81
CA PHE C 164 -47.15 33.70 -1.36
C PHE C 164 -47.13 33.32 -2.84
N ASP C 165 -47.76 32.19 -3.18
CA ASP C 165 -47.82 31.79 -4.58
C ASP C 165 -48.57 32.80 -5.43
N ALA C 166 -49.65 33.38 -4.89
CA ALA C 166 -50.39 34.40 -5.62
C ALA C 166 -49.52 35.63 -5.85
N TRP C 167 -48.70 36.00 -4.86
CA TRP C 167 -47.79 37.13 -5.03
C TRP C 167 -46.78 36.86 -6.14
N LEU C 168 -46.27 35.63 -6.21
CA LEU C 168 -45.34 35.29 -7.29
C LEU C 168 -46.01 35.41 -8.65
N GLU C 169 -47.24 34.92 -8.77
CA GLU C 169 -47.99 35.06 -10.02
C GLU C 169 -48.31 36.54 -10.28
N ASP C 170 -48.64 37.28 -9.23
CA ASP C 170 -48.92 38.70 -9.37
C ASP C 170 -47.70 39.49 -9.83
N SER C 171 -46.50 39.07 -9.41
CA SER C 171 -45.28 39.82 -9.65
C SER C 171 -44.60 39.50 -10.99
N GLY C 172 -45.16 38.59 -11.78
CA GLY C 172 -44.59 38.30 -13.08
C GLY C 172 -43.57 37.19 -13.11
N VAL C 173 -43.52 36.36 -12.09
CA VAL C 173 -42.59 35.24 -12.05
C VAL C 173 -43.35 33.98 -11.65
N PRO C 174 -44.27 33.50 -12.49
CA PRO C 174 -45.04 32.30 -12.11
C PRO C 174 -44.22 31.02 -12.20
N GLY C 175 -43.20 30.98 -13.05
CA GLY C 175 -42.47 29.75 -13.26
C GLY C 175 -41.41 29.45 -12.21
N ILE C 176 -41.60 29.96 -10.99
CA ILE C 176 -40.65 29.72 -9.91
C ILE C 176 -41.42 29.48 -8.62
N ASP C 177 -40.90 28.58 -7.79
CA ASP C 177 -41.51 28.24 -6.52
C ASP C 177 -41.15 29.27 -5.46
N ALA C 178 -41.99 29.35 -4.43
CA ALA C 178 -41.71 30.25 -3.31
C ALA C 178 -40.43 29.87 -2.58
N GLY C 179 -40.03 28.60 -2.63
CA GLY C 179 -38.76 28.18 -2.07
C GLY C 179 -37.58 28.42 -2.99
N ASP C 180 -37.74 28.11 -4.28
CA ASP C 180 -36.63 28.23 -5.23
C ASP C 180 -36.17 29.67 -5.33
N LEU C 181 -37.07 30.58 -5.67
CA LEU C 181 -36.81 31.98 -5.41
C LEU C 181 -36.82 32.18 -3.91
N VAL C 182 -35.73 32.73 -3.37
CA VAL C 182 -35.38 32.92 -1.96
C VAL C 182 -34.19 32.04 -1.62
N ASN C 183 -34.33 30.72 -1.74
CA ASN C 183 -33.33 29.78 -1.25
C ASN C 183 -32.54 29.09 -2.37
N LEU C 184 -32.86 29.35 -3.63
CA LEU C 184 -32.09 28.81 -4.75
C LEU C 184 -31.82 29.93 -5.75
N PRO C 185 -30.98 30.90 -5.38
CA PRO C 185 -30.70 32.00 -6.29
C PRO C 185 -29.91 31.53 -7.51
N GLU C 186 -29.89 32.37 -8.54
CA GLU C 186 -29.02 32.09 -9.68
C GLU C 186 -27.56 32.08 -9.25
N ARG C 187 -27.12 33.14 -8.57
CA ARG C 187 -25.77 33.20 -8.02
C ARG C 187 -25.83 33.76 -6.60
N SER C 188 -24.93 33.28 -5.75
CA SER C 188 -24.91 33.67 -4.35
C SER C 188 -23.48 33.77 -3.85
N LEU C 189 -23.21 34.79 -3.04
CA LEU C 189 -21.94 34.98 -2.37
C LEU C 189 -22.17 34.74 -0.89
N VAL C 190 -21.59 33.67 -0.35
CA VAL C 190 -21.78 33.27 1.03
C VAL C 190 -20.60 33.81 1.83
N LEU C 191 -20.86 34.77 2.72
CA LEU C 191 -19.79 35.44 3.45
C LEU C 191 -19.39 34.72 4.73
N VAL C 192 -19.32 33.40 4.68
CA VAL C 192 -18.73 32.59 5.75
C VAL C 192 -17.78 31.61 5.10
N PRO C 193 -16.79 31.12 5.85
CA PRO C 193 -15.95 30.04 5.32
C PRO C 193 -16.71 28.74 5.27
N ARG C 194 -16.21 27.80 4.47
CA ARG C 194 -16.91 26.54 4.31
C ARG C 194 -17.00 25.78 5.63
N PHE C 195 -16.00 25.95 6.51
CA PHE C 195 -16.01 25.21 7.77
C PHE C 195 -16.97 25.80 8.79
N LEU C 196 -17.61 26.93 8.49
CA LEU C 196 -18.72 27.44 9.29
C LEU C 196 -20.06 27.22 8.60
N GLN C 197 -20.08 26.47 7.49
CA GLN C 197 -21.29 26.14 6.77
C GLN C 197 -21.67 24.70 7.02
N PRO C 198 -22.79 24.44 7.71
CA PRO C 198 -23.18 23.05 7.93
C PRO C 198 -23.48 22.34 6.62
N ASP C 199 -23.05 21.08 6.52
CA ASP C 199 -23.28 20.25 5.34
C ASP C 199 -22.75 20.92 4.09
N ALA C 200 -21.51 21.40 4.15
CA ALA C 200 -20.94 22.15 3.04
C ALA C 200 -20.86 21.31 1.77
N ASP C 201 -20.67 19.99 1.90
CA ASP C 201 -20.63 19.14 0.72
C ASP C 201 -21.98 19.06 0.03
N ASP C 202 -23.06 19.29 0.76
CA ASP C 202 -24.41 19.29 0.19
C ASP C 202 -24.78 20.64 -0.42
N VAL C 203 -23.85 21.59 -0.47
CA VAL C 203 -24.07 22.89 -1.08
C VAL C 203 -23.42 22.89 -2.46
N ASP C 204 -24.20 23.23 -3.48
CA ASP C 204 -23.71 23.26 -4.85
C ASP C 204 -22.88 24.51 -5.08
N GLU C 205 -21.57 24.35 -5.24
CA GLU C 205 -20.69 25.49 -5.41
C GLU C 205 -20.59 25.97 -6.86
N LYS C 206 -21.31 25.35 -7.80
CA LYS C 206 -21.55 26.03 -9.06
C LYS C 206 -22.42 27.27 -8.85
N ARG C 207 -23.29 27.22 -7.84
CA ARG C 207 -24.25 28.27 -7.55
C ARG C 207 -23.80 29.17 -6.41
N PHE C 208 -23.38 28.58 -5.30
CA PHE C 208 -22.93 29.32 -4.13
C PHE C 208 -21.40 29.37 -4.10
N THR C 209 -20.84 30.51 -3.73
CA THR C 209 -19.40 30.66 -3.55
C THR C 209 -19.12 31.07 -2.11
N PHE C 210 -18.32 30.26 -1.42
CA PHE C 210 -17.91 30.57 -0.06
C PHE C 210 -16.80 31.61 -0.11
N ILE C 211 -17.09 32.81 0.38
CA ILE C 211 -16.21 33.96 0.25
C ILE C 211 -15.45 34.17 1.56
N GLY C 212 -16.08 33.80 2.67
CA GLY C 212 -15.61 34.17 3.98
C GLY C 212 -16.04 35.58 4.29
N PRO C 213 -15.70 36.09 5.46
CA PRO C 213 -16.10 37.45 5.82
C PRO C 213 -15.42 38.48 4.92
N CYS C 214 -16.10 39.61 4.75
CA CYS C 214 -15.57 40.72 3.96
C CYS C 214 -15.07 41.81 4.90
N LEU C 215 -13.75 41.97 4.97
CA LEU C 215 -13.09 42.87 5.91
C LEU C 215 -12.41 44.01 5.17
N GLY C 216 -11.98 45.02 5.94
CA GLY C 216 -11.25 46.14 5.37
C GLY C 216 -10.46 46.93 6.38
N ARG C 217 -9.24 46.47 6.69
CA ARG C 217 -8.33 47.11 7.63
C ARG C 217 -8.87 47.20 9.06
N ARG C 218 -8.02 47.61 9.98
CA ARG C 218 -8.36 47.70 11.40
C ARG C 218 -9.54 48.65 11.62
N ALA C 219 -10.27 48.41 12.71
CA ALA C 219 -11.50 49.12 13.04
C ALA C 219 -11.25 50.52 13.60
N HIS C 220 -10.07 51.10 13.32
CA HIS C 220 -9.62 52.41 13.76
C HIS C 220 -10.32 52.99 14.98
N GLN C 221 -11.47 53.62 14.77
CA GLN C 221 -12.18 54.36 15.81
C GLN C 221 -12.45 53.52 17.06
N GLY C 222 -11.67 53.75 18.10
CA GLY C 222 -11.87 53.06 19.34
C GLY C 222 -10.66 52.17 19.63
N ASP C 223 -10.30 52.09 20.89
CA ASP C 223 -9.17 51.26 21.28
C ASP C 223 -9.38 50.78 22.70
N TRP C 224 -8.63 49.75 23.05
CA TRP C 224 -8.72 49.15 24.38
C TRP C 224 -7.35 48.50 24.56
N LYS C 225 -6.45 49.22 25.23
CA LYS C 225 -5.12 48.73 25.46
C LYS C 225 -5.14 47.89 26.72
N ARG C 226 -4.24 46.92 26.78
CA ARG C 226 -4.21 46.06 27.94
C ARG C 226 -3.99 46.91 29.19
N PRO C 227 -4.71 46.64 30.27
CA PRO C 227 -4.36 47.28 31.54
C PRO C 227 -2.94 46.90 31.91
N ALA C 228 -2.16 47.87 32.36
CA ALA C 228 -0.78 47.56 32.69
C ALA C 228 -0.77 46.49 33.77
N GLY C 229 0.05 45.47 33.57
CA GLY C 229 0.03 44.35 34.48
C GLY C 229 -1.17 43.43 34.30
N ALA C 230 -1.75 43.37 33.11
CA ALA C 230 -2.83 42.44 32.81
C ALA C 230 -2.29 41.28 32.00
N GLU C 231 -2.42 40.08 32.55
CA GLU C 231 -1.89 38.85 31.98
C GLU C 231 -2.83 38.21 30.96
N LYS C 232 -4.09 38.00 31.34
CA LYS C 232 -5.06 37.35 30.47
C LYS C 232 -6.40 38.09 30.54
N VAL C 233 -7.04 38.30 29.39
CA VAL C 233 -8.29 39.05 29.29
C VAL C 233 -9.43 38.13 28.87
N ALA C 234 -10.59 38.32 29.47
CA ALA C 234 -11.80 37.58 29.12
C ALA C 234 -12.90 38.56 28.70
N LEU C 235 -13.64 38.21 27.66
CA LEU C 235 -14.74 39.03 27.17
C LEU C 235 -16.03 38.22 27.14
N VAL C 236 -17.07 38.74 27.78
CA VAL C 236 -18.40 38.16 27.75
C VAL C 236 -19.33 39.15 27.07
N SER C 237 -19.91 38.76 25.93
CA SER C 237 -20.86 39.61 25.23
C SER C 237 -21.84 38.70 24.52
N LEU C 238 -23.10 38.73 24.93
CA LEU C 238 -24.15 37.85 24.45
C LEU C 238 -24.89 38.35 23.22
N GLY C 239 -24.29 39.22 22.40
CA GLY C 239 -25.14 39.82 21.39
C GLY C 239 -24.53 40.77 20.38
N SER C 240 -24.53 40.36 19.10
CA SER C 240 -24.26 41.38 18.08
C SER C 240 -25.42 42.37 17.95
N HIS C 241 -26.39 42.26 18.87
CA HIS C 241 -27.42 43.26 19.09
C HIS C 241 -28.08 43.04 20.45
N LEU C 242 -28.93 42.02 20.56
CA LEU C 242 -29.84 41.87 21.69
C LEU C 242 -29.37 40.82 22.68
N THR C 243 -29.54 41.14 23.98
CA THR C 243 -29.34 40.19 25.08
C THR C 243 -30.42 40.47 26.12
N ASN C 244 -30.69 39.49 26.99
CA ASN C 244 -31.73 39.73 27.99
C ASN C 244 -31.63 38.94 29.30
N GLN C 245 -30.65 38.06 29.50
CA GLN C 245 -30.65 37.14 30.64
C GLN C 245 -29.83 37.70 31.80
N LEU C 246 -30.51 38.36 32.73
CA LEU C 246 -29.84 38.90 33.93
C LEU C 246 -29.26 37.83 34.84
N PRO C 247 -29.95 36.73 35.18
CA PRO C 247 -29.38 35.80 36.18
C PRO C 247 -28.05 35.20 35.77
N PHE C 248 -27.87 34.91 34.48
CA PHE C 248 -26.60 34.36 34.02
C PHE C 248 -25.45 35.33 34.28
N TYR C 249 -25.73 36.63 34.27
CA TYR C 249 -24.69 37.62 34.53
C TYR C 249 -24.09 37.45 35.92
N GLU C 250 -24.94 37.15 36.92
CA GLU C 250 -24.44 36.98 38.28
C GLU C 250 -23.44 35.83 38.35
N THR C 251 -23.69 34.75 37.60
CA THR C 251 -22.75 33.63 37.57
C THR C 251 -21.41 34.07 37.01
N CYS C 252 -21.42 34.97 36.03
CA CYS C 252 -20.16 35.46 35.45
C CYS C 252 -19.33 36.21 36.49
N VAL C 253 -19.95 37.15 37.22
CA VAL C 253 -19.21 37.84 38.28
C VAL C 253 -18.81 36.87 39.37
N GLU C 254 -19.67 35.88 39.66
CA GLU C 254 -19.31 34.85 40.63
C GLU C 254 -18.12 34.04 40.14
N VAL C 255 -18.15 33.61 38.87
CA VAL C 255 -17.04 32.84 38.32
C VAL C 255 -15.75 33.65 38.39
N PHE C 256 -15.79 34.87 37.87
CA PHE C 256 -14.59 35.70 37.90
C PHE C 256 -14.44 36.33 39.28
N ALA C 257 -13.89 37.55 39.33
CA ALA C 257 -13.79 38.31 40.57
C ALA C 257 -12.81 37.63 41.52
N ALA C 258 -12.95 36.32 41.72
CA ALA C 258 -12.07 35.54 42.57
C ALA C 258 -10.86 34.99 41.82
N LEU C 259 -10.76 35.25 40.52
CA LEU C 259 -9.54 34.99 39.76
C LEU C 259 -8.80 36.31 39.62
N PRO C 260 -7.60 36.45 40.19
CA PRO C 260 -6.93 37.75 40.22
C PRO C 260 -6.37 38.21 38.88
N ASP C 261 -5.32 37.54 38.39
CA ASP C 261 -4.67 37.88 37.14
C ASP C 261 -5.62 37.96 35.95
N TRP C 262 -6.84 37.45 36.09
CA TRP C 262 -7.83 37.54 35.02
C TRP C 262 -8.63 38.84 35.12
N HIS C 263 -9.00 39.36 33.95
CA HIS C 263 -9.75 40.61 33.84
C HIS C 263 -11.03 40.34 33.05
N LEU C 264 -12.18 40.44 33.71
CA LEU C 264 -13.46 40.20 33.07
C LEU C 264 -13.99 41.49 32.45
N VAL C 265 -14.37 41.42 31.19
CA VAL C 265 -14.98 42.54 30.47
C VAL C 265 -16.38 42.09 30.07
N LEU C 266 -17.36 42.39 30.89
CA LEU C 266 -18.73 41.93 30.66
C LEU C 266 -19.50 43.03 29.95
N GLN C 267 -20.18 42.68 28.86
CA GLN C 267 -21.01 43.62 28.12
C GLN C 267 -22.48 43.23 28.31
N ILE C 268 -23.20 44.03 29.08
CA ILE C 268 -24.62 43.81 29.33
C ILE C 268 -25.50 44.48 28.28
N GLY C 269 -24.98 45.46 27.55
CA GLY C 269 -25.71 46.12 26.49
C GLY C 269 -26.33 47.44 26.87
N ARG C 270 -26.31 48.37 25.91
CA ARG C 270 -26.87 49.71 26.01
C ARG C 270 -28.26 49.76 26.63
N HIS C 271 -29.09 48.76 26.36
CA HIS C 271 -30.46 48.76 26.85
C HIS C 271 -30.56 48.42 28.34
N VAL C 272 -29.48 47.95 28.97
CA VAL C 272 -29.50 47.71 30.41
C VAL C 272 -28.22 48.27 31.02
N ASP C 273 -28.14 49.60 31.16
CA ASP C 273 -26.93 50.17 31.75
C ASP C 273 -26.95 50.14 33.27
N ALA C 274 -28.12 50.33 33.87
CA ALA C 274 -28.29 50.21 35.32
C ALA C 274 -28.29 48.74 35.72
N GLY C 275 -27.84 48.47 36.95
CA GLY C 275 -27.81 47.09 37.41
C GLY C 275 -26.47 46.40 37.54
N GLU C 276 -25.59 46.93 38.40
CA GLU C 276 -24.29 46.33 38.66
C GLU C 276 -24.34 45.61 40.01
N LEU C 277 -23.19 45.15 40.48
CA LEU C 277 -23.10 44.40 41.73
C LEU C 277 -21.98 45.00 42.58
N GLY C 278 -22.38 45.74 43.61
CA GLY C 278 -21.43 46.42 44.46
C GLY C 278 -20.68 47.44 43.60
N GLU C 279 -19.52 47.86 44.11
CA GLU C 279 -18.70 48.77 43.32
C GLU C 279 -17.87 48.02 42.28
N LEU C 280 -18.09 46.69 42.17
CA LEU C 280 -17.44 45.74 41.27
C LEU C 280 -16.00 45.47 41.68
N PRO C 281 -15.55 44.21 41.61
CA PRO C 281 -14.15 43.90 41.95
C PRO C 281 -13.22 44.60 40.99
N PRO C 282 -11.93 44.75 41.35
CA PRO C 282 -11.02 45.46 40.44
C PRO C 282 -10.74 44.75 39.13
N ASN C 283 -10.97 43.44 39.05
CA ASN C 283 -10.77 42.71 37.81
C ASN C 283 -11.92 42.87 36.82
N VAL C 284 -13.12 43.24 37.28
CA VAL C 284 -14.32 43.23 36.43
C VAL C 284 -14.71 44.67 36.13
N GLU C 285 -14.76 44.99 34.84
CA GLU C 285 -15.30 46.24 34.33
C GLU C 285 -16.44 45.94 33.38
N VAL C 286 -17.49 46.76 33.44
CA VAL C 286 -18.76 46.45 32.80
C VAL C 286 -19.08 47.56 31.80
N HIS C 287 -19.48 47.17 30.60
CA HIS C 287 -19.79 48.11 29.53
C HIS C 287 -21.13 47.76 28.92
N ASN C 288 -21.76 48.76 28.33
CA ASN C 288 -22.92 48.57 27.48
C ASN C 288 -22.55 48.35 26.01
N TRP C 289 -21.41 48.89 25.60
CA TRP C 289 -20.88 48.67 24.26
C TRP C 289 -19.38 48.85 24.32
N VAL C 290 -18.64 47.91 23.73
CA VAL C 290 -17.19 47.99 23.65
C VAL C 290 -16.82 47.84 22.18
N PRO C 291 -15.71 48.43 21.72
CA PRO C 291 -15.22 48.09 20.39
C PRO C 291 -14.79 46.64 20.37
N GLN C 292 -15.70 45.75 19.96
CA GLN C 292 -15.50 44.32 20.15
C GLN C 292 -14.22 43.85 19.49
N LEU C 293 -13.88 44.41 18.32
CA LEU C 293 -12.64 44.06 17.66
C LEU C 293 -11.42 44.44 18.50
N ALA C 294 -11.47 45.59 19.16
CA ALA C 294 -10.33 46.06 19.93
C ALA C 294 -10.05 45.17 21.15
N VAL C 295 -11.11 44.77 21.86
CA VAL C 295 -10.92 43.91 23.02
C VAL C 295 -10.45 42.51 22.61
N LEU C 296 -10.99 42.00 21.50
CA LEU C 296 -10.60 40.68 21.01
C LEU C 296 -9.13 40.60 20.66
N GLU C 297 -8.48 41.74 20.36
CA GLU C 297 -7.05 41.74 20.09
C GLU C 297 -6.24 41.38 21.33
N GLN C 298 -6.78 41.61 22.52
CA GLN C 298 -6.10 41.28 23.76
C GLN C 298 -6.84 40.24 24.58
N ALA C 299 -7.81 39.56 24.00
CA ALA C 299 -8.59 38.58 24.76
C ALA C 299 -7.95 37.20 24.66
N ASP C 300 -8.16 36.40 25.70
CA ASP C 300 -7.71 35.03 25.74
C ASP C 300 -8.86 34.03 25.77
N VAL C 301 -10.08 34.50 26.04
CA VAL C 301 -11.29 33.70 25.90
C VAL C 301 -12.44 34.66 25.63
N PHE C 302 -13.43 34.18 24.89
CA PHE C 302 -14.56 34.99 24.46
C PHE C 302 -15.84 34.22 24.70
N VAL C 303 -16.69 34.72 25.60
CA VAL C 303 -17.99 34.11 25.85
C VAL C 303 -19.00 34.83 24.97
N THR C 304 -19.81 34.05 24.25
CA THR C 304 -20.68 34.63 23.25
C THR C 304 -21.92 33.77 23.11
N HIS C 305 -22.90 34.31 22.38
CA HIS C 305 -24.17 33.65 22.13
C HIS C 305 -24.13 32.75 20.91
N GLY C 306 -23.07 32.81 20.12
CA GLY C 306 -22.97 32.01 18.92
C GLY C 306 -23.50 32.66 17.67
N GLY C 307 -23.64 33.98 17.66
CA GLY C 307 -23.97 34.67 16.42
C GLY C 307 -22.81 34.61 15.44
N MET C 308 -23.17 34.52 14.15
CA MET C 308 -22.14 34.39 13.12
C MET C 308 -21.20 35.60 13.10
N GLY C 309 -21.71 36.79 13.42
CA GLY C 309 -20.86 37.95 13.43
C GLY C 309 -19.77 37.89 14.49
N GLY C 310 -20.15 37.52 15.72
CA GLY C 310 -19.17 37.41 16.79
C GLY C 310 -18.22 36.26 16.59
N ILE C 311 -18.72 35.12 16.11
CA ILE C 311 -17.88 33.94 15.91
C ILE C 311 -16.80 34.23 14.88
N GLN C 312 -17.18 34.84 13.75
CA GLN C 312 -16.19 35.17 12.73
C GLN C 312 -15.20 36.21 13.23
N GLU C 313 -15.62 37.08 14.15
CA GLU C 313 -14.69 38.03 14.74
C GLU C 313 -13.75 37.34 15.72
N GLY C 314 -14.28 36.38 16.49
CA GLY C 314 -13.42 35.58 17.35
C GLY C 314 -12.41 34.75 16.56
N LEU C 315 -12.85 34.20 15.43
CA LEU C 315 -11.94 33.45 14.57
C LEU C 315 -10.83 34.34 14.03
N PHE C 316 -11.18 35.52 13.55
CA PHE C 316 -10.15 36.41 12.98
C PHE C 316 -9.16 36.86 14.04
N SER C 317 -9.60 36.98 15.29
CA SER C 317 -8.73 37.39 16.38
C SER C 317 -8.01 36.20 17.03
N GLY C 318 -8.28 34.98 16.60
CA GLY C 318 -7.63 33.82 17.18
C GLY C 318 -7.93 33.63 18.65
N VAL C 319 -9.18 33.81 19.05
CA VAL C 319 -9.60 33.76 20.45
C VAL C 319 -10.53 32.57 20.63
N PRO C 320 -10.22 31.62 21.51
CA PRO C 320 -11.16 30.52 21.76
C PRO C 320 -12.45 31.06 22.36
N MET C 321 -13.53 30.32 22.15
CA MET C 321 -14.86 30.83 22.46
C MET C 321 -15.62 29.89 23.37
N VAL C 322 -16.38 30.48 24.29
CA VAL C 322 -17.38 29.76 25.08
C VAL C 322 -18.74 30.20 24.53
N VAL C 323 -19.45 29.27 23.90
CA VAL C 323 -20.63 29.59 23.12
C VAL C 323 -21.86 29.18 23.92
N ALA C 324 -22.81 30.09 24.05
CA ALA C 324 -24.07 29.85 24.77
C ALA C 324 -25.24 30.11 23.81
N PRO C 325 -25.55 29.14 22.95
CA PRO C 325 -26.60 29.36 21.95
C PRO C 325 -27.98 29.43 22.60
N GLN C 326 -28.86 30.24 21.99
CA GLN C 326 -30.19 30.44 22.53
C GLN C 326 -31.31 30.17 21.53
N ALA C 327 -31.33 30.90 20.41
CA ALA C 327 -32.45 30.93 19.48
C ALA C 327 -32.00 30.42 18.14
N ASN C 328 -32.43 31.01 16.99
CA ASN C 328 -32.21 30.54 15.60
C ASN C 328 -30.90 29.82 15.25
N ASP C 329 -30.16 30.35 14.25
CA ASP C 329 -28.93 29.77 13.71
C ASP C 329 -27.88 29.37 14.75
N GLN C 330 -28.04 29.87 15.98
CA GLN C 330 -26.98 29.81 16.98
C GLN C 330 -26.55 28.40 17.41
N PRO C 331 -27.45 27.42 17.63
CA PRO C 331 -26.95 26.08 17.97
C PRO C 331 -26.10 25.44 16.89
N ALA C 332 -26.48 25.59 15.62
CA ALA C 332 -25.65 25.06 14.54
C ALA C 332 -24.28 25.72 14.53
N ASN C 333 -24.22 27.03 14.82
CA ASN C 333 -22.95 27.72 14.90
C ASN C 333 -22.10 27.18 16.04
N ALA C 334 -22.74 26.86 17.17
CA ALA C 334 -22.02 26.30 18.30
C ALA C 334 -21.41 24.94 17.96
N GLU C 335 -22.20 24.09 17.31
CA GLU C 335 -21.68 22.78 16.92
C GLU C 335 -20.51 22.90 15.97
N SER C 336 -20.55 23.87 15.06
CA SER C 336 -19.44 24.04 14.12
C SER C 336 -18.15 24.40 14.84
N VAL C 337 -18.19 25.42 15.69
CA VAL C 337 -16.97 25.83 16.39
C VAL C 337 -16.56 24.77 17.42
N VAL C 338 -17.52 24.02 17.95
CA VAL C 338 -17.17 22.90 18.80
C VAL C 338 -16.50 21.80 17.98
N GLY C 339 -17.05 21.50 16.80
CA GLY C 339 -16.45 20.50 15.93
C GLY C 339 -15.08 20.88 15.41
N LEU C 340 -14.74 22.17 15.41
CA LEU C 340 -13.43 22.62 14.97
C LEU C 340 -12.40 22.60 16.08
N GLY C 341 -12.79 22.21 17.29
CA GLY C 341 -11.86 22.15 18.40
C GLY C 341 -11.40 23.48 18.92
N ILE C 342 -12.25 24.51 18.89
CA ILE C 342 -11.86 25.83 19.33
C ILE C 342 -12.91 26.43 20.25
N ALA C 343 -13.88 25.63 20.68
CA ALA C 343 -14.99 26.18 21.44
C ALA C 343 -15.62 25.12 22.34
N ARG C 344 -16.29 25.58 23.38
CA ARG C 344 -17.11 24.76 24.26
C ARG C 344 -18.52 25.33 24.31
N ARG C 345 -19.52 24.46 24.41
CA ARG C 345 -20.92 24.85 24.36
C ARG C 345 -21.56 24.70 25.74
N ILE C 346 -22.28 25.75 26.18
CA ILE C 346 -22.97 25.76 27.46
C ILE C 346 -24.43 26.15 27.24
N ASP C 347 -25.27 25.77 28.19
CA ASP C 347 -26.70 26.12 28.19
C ASP C 347 -26.96 27.09 29.33
N ILE C 348 -27.25 28.34 28.97
CA ILE C 348 -27.35 29.45 29.93
C ILE C 348 -28.26 29.12 31.11
N ALA C 349 -29.27 28.28 30.90
CA ALA C 349 -30.19 27.96 31.99
C ALA C 349 -29.49 27.18 33.10
N THR C 350 -28.57 26.28 32.74
CA THR C 350 -28.03 25.32 33.69
C THR C 350 -26.56 25.52 34.06
N VAL C 351 -25.81 26.38 33.37
CA VAL C 351 -24.39 26.51 33.64
C VAL C 351 -24.16 26.77 35.12
N THR C 352 -23.07 26.21 35.64
CA THR C 352 -22.63 26.38 37.00
C THR C 352 -21.36 27.20 37.04
N PRO C 353 -21.02 27.80 38.18
CA PRO C 353 -19.72 28.49 38.26
C PRO C 353 -18.55 27.56 37.95
N ASP C 354 -18.64 26.30 38.37
CA ASP C 354 -17.58 25.35 38.08
C ASP C 354 -17.48 25.07 36.58
N ARG C 355 -18.61 24.86 35.92
CA ARG C 355 -18.60 24.59 34.48
C ARG C 355 -18.12 25.79 33.69
N LEU C 356 -18.52 27.00 34.07
CA LEU C 356 -18.06 28.19 33.37
C LEU C 356 -16.57 28.41 33.56
N ARG C 357 -16.10 28.36 34.82
CA ARG C 357 -14.69 28.61 35.08
C ARG C 357 -13.81 27.53 34.44
N ALA C 358 -14.30 26.29 34.41
CA ALA C 358 -13.54 25.21 33.78
C ALA C 358 -13.41 25.44 32.28
N ALA C 359 -14.54 25.68 31.61
CA ALA C 359 -14.52 25.93 30.17
C ALA C 359 -13.64 27.11 29.83
N VAL C 360 -13.66 28.15 30.66
CA VAL C 360 -12.83 29.33 30.39
C VAL C 360 -11.36 29.00 30.57
N VAL C 361 -11.00 28.39 31.70
CA VAL C 361 -9.59 28.17 32.01
C VAL C 361 -8.98 27.10 31.10
N GLU C 362 -9.77 26.10 30.73
CA GLU C 362 -9.25 25.06 29.83
C GLU C 362 -9.03 25.59 28.43
N LEU C 363 -10.01 26.29 27.86
CA LEU C 363 -9.92 26.75 26.48
C LEU C 363 -8.73 27.69 26.27
N ALA C 364 -8.54 28.64 27.18
CA ALA C 364 -7.47 29.63 27.02
C ALA C 364 -6.09 29.05 27.26
N SER C 365 -5.98 27.96 28.00
CA SER C 365 -4.69 27.36 28.33
C SER C 365 -4.23 26.32 27.32
N ASP C 366 -5.16 25.59 26.72
CA ASP C 366 -4.82 24.49 25.81
C ASP C 366 -4.05 25.00 24.60
N PRO C 367 -2.79 24.60 24.40
CA PRO C 367 -2.05 25.05 23.21
C PRO C 367 -2.49 24.36 21.93
N ALA C 368 -3.13 23.19 22.03
CA ALA C 368 -3.70 22.58 20.84
C ALA C 368 -4.86 23.41 20.30
N VAL C 369 -5.64 24.01 21.19
CA VAL C 369 -6.70 24.91 20.76
C VAL C 369 -6.11 26.12 20.06
N ALA C 370 -5.03 26.69 20.61
CA ALA C 370 -4.42 27.89 20.03
C ALA C 370 -3.87 27.60 18.64
N GLU C 371 -3.28 26.42 18.44
CA GLU C 371 -2.76 26.07 17.12
C GLU C 371 -3.89 25.89 16.11
N ARG C 372 -5.02 25.35 16.56
CA ARG C 372 -6.15 25.20 15.66
C ARG C 372 -6.68 26.56 15.22
N LEU C 373 -6.69 27.55 16.13
CA LEU C 373 -7.08 28.91 15.71
C LEU C 373 -6.10 29.46 14.67
N SER C 374 -4.80 29.20 14.84
CA SER C 374 -3.83 29.67 13.88
C SER C 374 -4.12 29.14 12.48
N GLY C 375 -4.44 27.85 12.38
CA GLY C 375 -4.76 27.27 11.09
C GLY C 375 -6.05 27.82 10.51
N LEU C 376 -7.09 27.97 11.34
CA LEU C 376 -8.36 28.48 10.85
C LEU C 376 -8.25 29.90 10.33
N ARG C 377 -7.38 30.72 10.92
CA ARG C 377 -7.16 32.06 10.37
C ARG C 377 -6.61 32.00 8.96
N ARG C 378 -5.68 31.08 8.70
CA ARG C 378 -5.14 30.96 7.34
C ARG C 378 -6.18 30.43 6.38
N GLU C 379 -6.99 29.47 6.81
CA GLU C 379 -8.04 28.94 5.95
C GLU C 379 -9.10 30.00 5.67
N LEU C 380 -9.41 30.83 6.67
CA LEU C 380 -10.38 31.90 6.48
C LEU C 380 -9.93 32.84 5.37
N ARG C 381 -8.68 33.30 5.43
CA ARG C 381 -8.18 34.22 4.41
C ARG C 381 -8.23 33.59 3.03
N ALA C 382 -7.97 32.29 2.94
CA ALA C 382 -7.85 31.62 1.66
C ALA C 382 -9.17 31.60 0.88
N HIS C 383 -10.28 31.95 1.53
CA HIS C 383 -11.56 31.97 0.84
C HIS C 383 -11.71 33.16 -0.11
N GLY C 384 -10.87 34.18 0.01
CA GLY C 384 -10.91 35.26 -0.96
C GLY C 384 -11.32 36.61 -0.41
N GLY C 385 -12.34 36.63 0.46
CA GLY C 385 -12.77 37.87 1.06
C GLY C 385 -13.35 38.84 0.04
N THR C 386 -13.33 40.11 0.43
CA THR C 386 -14.00 41.14 -0.37
C THR C 386 -13.38 41.27 -1.77
N MET C 387 -12.06 41.10 -1.86
CA MET C 387 -11.42 41.20 -3.17
C MET C 387 -11.92 40.12 -4.12
N ARG C 388 -12.10 38.89 -3.62
CA ARG C 388 -12.68 37.86 -4.47
C ARG C 388 -14.14 38.17 -4.78
N ALA C 389 -14.89 38.67 -3.80
CA ALA C 389 -16.30 38.98 -4.03
C ALA C 389 -16.49 40.10 -5.04
N ALA C 390 -15.66 41.15 -4.94
CA ALA C 390 -15.77 42.27 -5.87
C ALA C 390 -15.45 41.84 -7.30
N ASP C 391 -14.45 40.97 -7.46
CA ASP C 391 -14.12 40.46 -8.79
C ASP C 391 -15.27 39.64 -9.38
N LEU C 392 -15.92 38.84 -8.54
CA LEU C 392 -17.04 38.03 -9.02
C LEU C 392 -18.22 38.90 -9.44
N ILE C 393 -18.46 40.01 -8.73
CA ILE C 393 -19.54 40.90 -9.09
C ILE C 393 -19.24 41.61 -10.41
N GLU C 394 -18.01 42.10 -10.57
CA GLU C 394 -17.62 42.75 -11.81
C GLU C 394 -17.69 41.80 -13.01
N ARG C 395 -17.63 40.49 -12.76
CA ARG C 395 -17.76 39.53 -13.85
C ARG C 395 -19.15 39.60 -14.49
N GLN C 396 -20.16 39.99 -13.72
CA GLN C 396 -21.52 40.12 -14.24
C GLN C 396 -21.78 41.49 -14.85
N LEU C 397 -20.77 42.36 -14.90
CA LEU C 397 -21.07 43.63 -15.54
C LEU C 397 -20.66 43.58 -17.01
N PRO C 398 -21.45 44.16 -17.92
CA PRO C 398 -21.11 44.21 -19.34
C PRO C 398 -19.95 45.16 -19.63
N PRO D 5 48.69 -5.38 -0.45
CA PRO D 5 47.26 -5.50 -0.78
C PRO D 5 46.34 -5.36 0.44
N ARG D 6 46.80 -4.63 1.47
CA ARG D 6 46.07 -4.19 2.66
C ARG D 6 44.57 -4.46 2.59
N PRO D 7 44.04 -5.34 3.43
CA PRO D 7 42.60 -5.67 3.36
C PRO D 7 41.74 -4.41 3.42
N GLY D 8 40.83 -4.26 2.45
CA GLY D 8 39.97 -3.09 2.32
C GLY D 8 38.51 -3.43 2.10
N HIS D 9 37.62 -2.48 1.81
CA HIS D 9 36.20 -2.78 1.65
C HIS D 9 35.84 -2.77 0.18
N ILE D 10 35.40 -3.92 -0.33
CA ILE D 10 35.00 -4.08 -1.73
C ILE D 10 33.50 -4.36 -1.77
N ALA D 11 32.77 -3.52 -2.49
CA ALA D 11 31.31 -3.64 -2.61
C ALA D 11 30.97 -4.06 -4.04
N MET D 12 30.40 -5.25 -4.18
CA MET D 12 29.93 -5.75 -5.46
C MET D 12 28.43 -5.56 -5.57
N VAL D 13 27.97 -5.08 -6.73
CA VAL D 13 26.55 -4.86 -6.99
C VAL D 13 26.19 -5.54 -8.30
N SER D 14 25.11 -6.32 -8.29
CA SER D 14 24.62 -6.95 -9.51
C SER D 14 23.10 -7.06 -9.44
N VAL D 15 22.53 -7.81 -10.37
CA VAL D 15 21.08 -7.96 -10.48
C VAL D 15 20.78 -9.45 -10.44
N PRO D 16 19.55 -9.84 -10.09
CA PRO D 16 19.25 -11.26 -9.90
C PRO D 16 19.26 -12.09 -11.19
N SER D 17 19.20 -11.47 -12.37
CA SER D 17 19.15 -12.21 -13.62
C SER D 17 20.35 -13.15 -13.74
N ARG D 18 20.10 -14.35 -14.30
CA ARG D 18 21.08 -15.43 -14.25
C ARG D 18 22.36 -15.08 -15.01
N GLY D 19 22.22 -14.39 -16.15
CA GLY D 19 23.40 -14.05 -16.91
C GLY D 19 24.24 -12.95 -16.32
N HIS D 20 23.82 -12.37 -15.21
CA HIS D 20 24.57 -11.31 -14.54
C HIS D 20 25.03 -11.74 -13.15
N LEU D 21 24.83 -13.00 -12.78
CA LEU D 21 25.21 -13.50 -11.48
C LEU D 21 26.32 -14.52 -11.55
N HIS D 22 26.17 -15.55 -12.40
CA HIS D 22 27.19 -16.59 -12.50
C HIS D 22 28.55 -16.10 -13.01
N PRO D 23 28.65 -15.19 -13.98
CA PRO D 23 29.98 -14.89 -14.54
C PRO D 23 31.01 -14.36 -13.54
N SER D 24 30.60 -13.74 -12.44
CA SER D 24 31.55 -13.13 -11.53
C SER D 24 31.64 -13.84 -10.18
N LEU D 25 30.98 -15.00 -10.04
CA LEU D 25 30.97 -15.70 -8.75
C LEU D 25 32.37 -16.04 -8.27
N GLU D 26 33.19 -16.64 -9.14
CA GLU D 26 34.53 -17.05 -8.74
C GLU D 26 35.44 -15.85 -8.49
N LEU D 27 35.20 -14.73 -9.19
CA LEU D 27 35.98 -13.53 -8.93
C LEU D 27 35.73 -13.00 -7.53
N ILE D 28 34.47 -13.01 -7.09
CA ILE D 28 34.15 -12.55 -5.74
C ILE D 28 34.75 -13.50 -4.70
N ARG D 29 34.67 -14.81 -4.97
CA ARG D 29 35.26 -15.77 -4.05
C ARG D 29 36.76 -15.54 -3.88
N GLU D 30 37.45 -15.24 -4.98
CA GLU D 30 38.90 -15.01 -4.90
C GLU D 30 39.21 -13.77 -4.07
N LEU D 31 38.40 -12.73 -4.18
CA LEU D 31 38.62 -11.53 -3.38
C LEU D 31 38.45 -11.81 -1.89
N VAL D 32 37.50 -12.70 -1.54
CA VAL D 32 37.33 -13.08 -0.14
C VAL D 32 38.53 -13.89 0.33
N ALA D 33 38.98 -14.84 -0.48
CA ALA D 33 40.12 -15.68 -0.09
C ALA D 33 41.39 -14.86 0.11
N ARG D 34 41.47 -13.66 -0.44
CA ARG D 34 42.64 -12.82 -0.28
C ARG D 34 42.54 -11.93 0.94
N GLY D 35 41.57 -12.15 1.82
CA GLY D 35 41.48 -11.44 3.07
C GLY D 35 40.70 -10.15 3.06
N HIS D 36 39.97 -9.86 2.00
CA HIS D 36 39.17 -8.64 1.95
C HIS D 36 37.77 -8.94 2.47
N ARG D 37 37.12 -7.92 3.01
CA ARG D 37 35.69 -7.96 3.33
C ARG D 37 34.94 -7.54 2.07
N VAL D 38 34.15 -8.45 1.51
CA VAL D 38 33.42 -8.21 0.27
C VAL D 38 31.93 -8.19 0.60
N THR D 39 31.28 -7.06 0.32
CA THR D 39 29.83 -6.97 0.42
C THR D 39 29.26 -7.08 -0.99
N TYR D 40 28.15 -7.81 -1.11
CA TYR D 40 27.54 -8.10 -2.40
C TYR D 40 26.07 -7.69 -2.33
N ALA D 41 25.72 -6.62 -3.03
CA ALA D 41 24.35 -6.14 -3.07
C ALA D 41 23.62 -6.78 -4.24
N ASN D 42 22.55 -7.50 -3.94
CA ASN D 42 21.74 -8.12 -4.96
C ASN D 42 20.36 -8.39 -4.36
N ASP D 43 19.44 -8.87 -5.18
CA ASP D 43 18.11 -9.22 -4.70
C ASP D 43 18.19 -10.48 -3.84
N PRO D 44 17.41 -10.56 -2.76
CA PRO D 44 17.47 -11.76 -1.90
C PRO D 44 17.08 -13.05 -2.61
N SER D 45 16.47 -12.99 -3.79
CA SER D 45 16.13 -14.22 -4.51
C SER D 45 17.35 -15.00 -4.96
N VAL D 46 18.53 -14.37 -5.02
CA VAL D 46 19.75 -15.06 -5.39
C VAL D 46 20.69 -15.05 -4.19
N ALA D 47 20.13 -14.99 -2.98
CA ALA D 47 20.96 -14.96 -1.78
C ALA D 47 21.80 -16.23 -1.66
N ALA D 48 21.30 -17.35 -2.17
CA ALA D 48 22.07 -18.59 -2.10
C ALA D 48 23.39 -18.45 -2.85
N ALA D 49 23.33 -18.03 -4.11
CA ALA D 49 24.54 -17.89 -4.92
C ALA D 49 25.45 -16.81 -4.35
N VAL D 50 24.87 -15.71 -3.87
CA VAL D 50 25.68 -14.63 -3.33
C VAL D 50 26.41 -15.08 -2.08
N THR D 51 25.71 -15.72 -1.14
CA THR D 51 26.34 -16.10 0.11
C THR D 51 27.37 -17.20 -0.09
N GLU D 52 27.17 -18.09 -1.07
CA GLU D 52 28.13 -19.16 -1.31
C GLU D 52 29.51 -18.63 -1.67
N THR D 53 29.56 -17.44 -2.29
CA THR D 53 30.85 -16.82 -2.59
C THR D 53 31.64 -16.51 -1.33
N GLY D 54 30.97 -16.33 -0.20
CA GLY D 54 31.61 -15.88 1.01
C GLY D 54 31.49 -14.40 1.25
N ALA D 55 30.71 -13.69 0.45
CA ALA D 55 30.54 -12.26 0.59
C ALA D 55 29.31 -11.95 1.43
N GLU D 56 29.32 -10.76 2.02
CA GLU D 56 28.20 -10.28 2.82
C GLU D 56 27.06 -9.85 1.89
N LEU D 57 25.92 -10.51 1.99
CA LEU D 57 24.78 -10.13 1.16
C LEU D 57 24.18 -8.82 1.66
N VAL D 58 24.03 -7.87 0.75
CA VAL D 58 23.39 -6.59 1.07
C VAL D 58 22.08 -6.54 0.28
N PRO D 59 20.96 -6.88 0.89
CA PRO D 59 19.73 -7.07 0.10
C PRO D 59 19.15 -5.75 -0.36
N TYR D 60 18.65 -5.75 -1.60
CA TYR D 60 17.82 -4.67 -2.12
C TYR D 60 16.75 -5.30 -2.99
N THR D 61 15.63 -4.61 -3.11
CA THR D 61 14.51 -5.12 -3.88
C THR D 61 14.70 -4.71 -5.35
N SER D 62 14.78 -5.71 -6.22
CA SER D 62 14.96 -5.49 -7.64
C SER D 62 13.61 -5.34 -8.32
N ALA D 63 13.54 -4.42 -9.27
CA ALA D 63 12.32 -4.24 -10.07
C ALA D 63 12.38 -4.99 -11.39
N LEU D 64 13.47 -5.72 -11.66
CA LEU D 64 13.59 -6.50 -12.88
C LEU D 64 12.74 -7.76 -12.79
N PRO D 65 12.10 -8.18 -13.89
CA PRO D 65 11.27 -9.40 -13.87
C PRO D 65 12.09 -10.67 -13.67
N THR D 75 7.24 -5.66 -23.80
CA THR D 75 7.26 -6.24 -25.13
C THR D 75 7.79 -5.24 -26.16
N ASP D 76 7.36 -3.99 -26.01
CA ASP D 76 7.80 -2.93 -26.90
C ASP D 76 9.28 -2.64 -26.68
N GLN D 77 9.89 -1.96 -27.66
CA GLN D 77 11.31 -1.61 -27.55
C GLN D 77 11.54 -0.55 -26.49
N ILE D 78 10.74 0.53 -26.51
CA ILE D 78 10.88 1.55 -25.47
C ILE D 78 10.39 1.01 -24.13
N ALA D 79 9.42 0.09 -24.15
CA ALA D 79 8.93 -0.48 -22.90
C ALA D 79 10.02 -1.28 -22.20
N GLN D 80 10.86 -2.00 -22.96
CA GLN D 80 11.95 -2.72 -22.34
C GLN D 80 12.95 -1.74 -21.71
N MET D 81 13.17 -0.60 -22.36
CA MET D 81 14.04 0.42 -21.80
C MET D 81 13.41 1.08 -20.58
N ASP D 82 12.08 1.12 -20.51
CA ASP D 82 11.40 1.75 -19.39
C ASP D 82 11.55 0.92 -18.13
N VAL D 83 11.46 -0.41 -18.25
CA VAL D 83 11.60 -1.28 -17.08
C VAL D 83 13.02 -1.19 -16.51
N PHE D 84 14.02 -1.14 -17.39
CA PHE D 84 15.40 -1.03 -16.92
C PHE D 84 15.64 0.29 -16.20
N LEU D 85 15.02 1.37 -16.68
CA LEU D 85 15.19 2.66 -16.02
C LEU D 85 14.53 2.67 -14.65
N ASP D 86 13.35 2.06 -14.54
CA ASP D 86 12.67 2.01 -13.25
C ASP D 86 13.51 1.27 -12.21
N ASP D 87 14.17 0.18 -12.62
CA ASP D 87 15.01 -0.56 -11.69
C ASP D 87 16.21 0.26 -11.25
N ALA D 88 16.81 1.02 -12.17
CA ALA D 88 17.91 1.90 -11.79
C ALA D 88 17.45 2.99 -10.83
N VAL D 89 16.27 3.57 -11.08
CA VAL D 89 15.75 4.61 -10.20
C VAL D 89 15.49 4.04 -8.81
N GLY D 90 14.92 2.83 -8.75
CA GLY D 90 14.68 2.21 -7.46
C GLY D 90 15.93 1.70 -6.79
N MET D 91 16.94 1.31 -7.57
CA MET D 91 18.14 0.70 -7.00
C MET D 91 18.99 1.73 -6.26
N LEU D 92 19.11 2.94 -6.81
CA LEU D 92 20.06 3.90 -6.25
C LEU D 92 19.79 4.26 -4.80
N PRO D 93 18.57 4.61 -4.38
CA PRO D 93 18.37 4.93 -2.95
C PRO D 93 18.62 3.75 -2.03
N GLN D 94 18.35 2.52 -2.47
CA GLN D 94 18.59 1.36 -1.62
C GLN D 94 20.08 1.15 -1.37
N LEU D 95 20.93 1.34 -2.39
CA LEU D 95 22.37 1.28 -2.15
C LEU D 95 22.85 2.42 -1.27
N ARG D 96 22.30 3.63 -1.48
CA ARG D 96 22.71 4.77 -0.67
C ARG D 96 22.43 4.53 0.81
N ALA D 97 21.22 4.08 1.13
CA ALA D 97 20.89 3.77 2.51
C ALA D 97 21.76 2.66 3.06
N ALA D 98 22.05 1.65 2.24
CA ALA D 98 22.82 0.50 2.71
C ALA D 98 24.27 0.87 2.99
N TYR D 99 24.86 1.74 2.18
CA TYR D 99 26.29 2.03 2.26
C TYR D 99 26.63 3.40 2.83
N GLU D 100 25.64 4.17 3.30
CA GLU D 100 25.91 5.55 3.73
C GLU D 100 26.93 5.60 4.86
N GLU D 101 26.77 4.75 5.86
CA GLU D 101 27.68 4.68 7.01
C GLU D 101 28.63 3.49 6.92
N ASP D 102 28.63 2.79 5.80
CA ASP D 102 29.49 1.63 5.61
C ASP D 102 30.10 1.69 4.21
N ARG D 103 30.76 2.81 3.93
CA ARG D 103 31.23 3.09 2.57
C ARG D 103 32.39 2.17 2.21
N PRO D 104 32.43 1.67 0.97
CA PRO D 104 33.49 0.76 0.56
C PRO D 104 34.68 1.51 -0.02
N ASP D 105 35.79 0.79 -0.13
CA ASP D 105 36.97 1.36 -0.78
C ASP D 105 36.78 1.43 -2.29
N VAL D 106 36.05 0.48 -2.87
CA VAL D 106 35.82 0.43 -4.30
C VAL D 106 34.44 -0.18 -4.55
N PHE D 107 33.79 0.26 -5.62
CA PHE D 107 32.50 -0.25 -6.03
C PHE D 107 32.69 -1.11 -7.29
N LEU D 108 32.29 -2.38 -7.21
CA LEU D 108 32.18 -3.25 -8.37
C LEU D 108 30.72 -3.35 -8.75
N TYR D 109 30.41 -3.19 -10.04
CA TYR D 109 29.02 -3.23 -10.44
C TYR D 109 28.88 -3.90 -11.80
N ASP D 110 27.85 -4.75 -11.90
CA ASP D 110 27.46 -5.34 -13.16
C ASP D 110 27.01 -4.25 -14.13
N VAL D 111 26.99 -4.59 -15.42
CA VAL D 111 26.63 -3.62 -16.44
C VAL D 111 25.24 -3.04 -16.19
N LEU D 112 24.35 -3.82 -15.59
CA LEU D 112 23.00 -3.36 -15.28
C LEU D 112 22.89 -2.70 -13.91
N ALA D 113 23.98 -2.60 -13.17
CA ALA D 113 23.98 -2.00 -11.84
C ALA D 113 24.77 -0.71 -11.81
N TYR D 114 24.67 0.08 -12.89
CA TYR D 114 25.35 1.36 -12.99
C TYR D 114 24.92 2.39 -11.93
N PRO D 115 23.74 2.28 -11.29
CA PRO D 115 23.49 3.16 -10.13
C PRO D 115 24.60 3.12 -9.11
N ALA D 116 25.32 2.00 -9.01
CA ALA D 116 26.48 1.94 -8.13
C ALA D 116 27.57 2.92 -8.54
N ARG D 117 27.74 3.15 -9.85
CA ARG D 117 28.70 4.15 -10.29
C ARG D 117 28.28 5.55 -9.87
N VAL D 118 26.98 5.86 -10.00
CA VAL D 118 26.47 7.14 -9.55
C VAL D 118 26.76 7.36 -8.08
N LEU D 119 26.59 6.31 -7.27
CA LEU D 119 26.92 6.40 -5.85
C LEU D 119 28.41 6.64 -5.65
N ALA D 120 29.25 5.97 -6.44
CA ALA D 120 30.69 6.13 -6.31
C ALA D 120 31.12 7.55 -6.68
N MET D 121 30.48 8.14 -7.69
CA MET D 121 30.81 9.50 -8.07
C MET D 121 30.41 10.50 -7.00
N ASN D 122 29.25 10.29 -6.36
CA ASN D 122 28.84 11.20 -5.28
C ASN D 122 29.82 11.18 -4.14
N TRP D 123 30.37 10.01 -3.81
CA TRP D 123 31.24 9.83 -2.66
C TRP D 123 32.72 9.86 -3.01
N GLY D 124 33.05 10.18 -4.26
CA GLY D 124 34.45 10.19 -4.66
C GLY D 124 35.13 8.86 -4.47
N ILE D 125 34.46 7.77 -4.85
CA ILE D 125 34.98 6.42 -4.64
C ILE D 125 35.26 5.81 -6.01
N PRO D 126 36.37 5.09 -6.19
CA PRO D 126 36.61 4.45 -7.49
C PRO D 126 35.61 3.34 -7.74
N SER D 127 35.20 3.21 -9.01
CA SER D 127 34.25 2.18 -9.42
C SER D 127 34.82 1.41 -10.60
N ILE D 128 34.47 0.13 -10.68
CA ILE D 128 34.90 -0.76 -11.75
C ILE D 128 33.67 -1.50 -12.27
N GLN D 129 33.43 -1.40 -13.57
CA GLN D 129 32.35 -2.15 -14.21
C GLN D 129 32.80 -3.59 -14.46
N ILE D 130 31.91 -4.54 -14.17
CA ILE D 130 32.14 -5.95 -14.44
C ILE D 130 31.15 -6.35 -15.52
N SER D 131 31.64 -6.51 -16.75
CA SER D 131 30.77 -6.81 -17.89
C SER D 131 30.70 -8.32 -18.10
N PRO D 132 29.53 -8.94 -18.01
CA PRO D 132 29.43 -10.40 -18.19
C PRO D 132 29.49 -10.84 -19.64
N THR D 133 29.47 -9.91 -20.58
CA THR D 133 29.59 -10.23 -22.00
C THR D 133 30.33 -9.08 -22.68
N TRP D 134 30.35 -9.09 -24.01
CA TRP D 134 31.08 -8.07 -24.74
C TRP D 134 30.46 -6.70 -24.56
N VAL D 135 31.31 -5.67 -24.60
CA VAL D 135 30.91 -4.28 -24.42
C VAL D 135 30.68 -3.64 -25.78
N MET D 136 30.13 -2.42 -25.78
CA MET D 136 29.85 -1.72 -27.02
C MET D 136 31.04 -0.84 -27.41
N PRO D 137 31.62 -1.05 -28.60
CA PRO D 137 32.77 -0.23 -29.03
C PRO D 137 32.44 1.25 -29.18
N GLU D 138 33.50 2.06 -29.16
CA GLU D 138 33.34 3.51 -29.20
C GLU D 138 32.85 3.99 -30.57
N LYS D 139 33.01 3.17 -31.61
CA LYS D 139 32.39 3.45 -32.90
C LYS D 139 30.96 2.94 -32.96
N TYR D 140 30.65 1.94 -32.14
CA TYR D 140 29.30 1.38 -32.08
C TYR D 140 28.30 2.36 -31.44
N ARG D 141 28.74 3.17 -30.48
CA ARG D 141 27.86 4.17 -29.88
C ARG D 141 27.40 5.21 -30.89
N GLU D 142 28.34 5.78 -31.65
CA GLU D 142 27.99 6.80 -32.62
C GLU D 142 27.16 6.24 -33.77
N ARG D 143 27.40 4.98 -34.14
CA ARG D 143 26.60 4.34 -35.18
C ARG D 143 25.15 4.16 -34.75
N MET D 144 24.89 3.94 -33.47
CA MET D 144 23.53 3.80 -32.97
C MET D 144 22.89 5.13 -32.61
N ALA D 145 23.62 6.24 -32.72
CA ALA D 145 23.04 7.55 -32.43
C ALA D 145 21.85 7.91 -33.33
N PRO D 146 21.82 7.59 -34.62
CA PRO D 146 20.59 7.84 -35.40
C PRO D 146 19.36 7.18 -34.83
N VAL D 147 19.47 5.92 -34.37
CA VAL D 147 18.33 5.23 -33.79
C VAL D 147 17.77 5.99 -32.60
N VAL D 148 18.63 6.72 -31.88
CA VAL D 148 18.14 7.55 -30.78
C VAL D 148 17.20 8.64 -31.29
N GLU D 149 17.56 9.29 -32.40
CA GLU D 149 16.64 10.27 -32.98
C GLU D 149 15.45 9.59 -33.65
N GLN D 150 15.63 8.36 -34.14
CA GLN D 150 14.50 7.57 -34.60
C GLN D 150 13.73 6.95 -33.44
N LEU D 151 14.12 7.29 -32.20
CA LEU D 151 13.29 7.00 -31.02
C LEU D 151 12.61 8.22 -30.42
N LYS D 152 13.12 9.43 -30.66
CA LYS D 152 12.48 10.63 -30.12
C LYS D 152 11.25 11.12 -30.88
N GLN D 153 10.82 10.48 -31.98
CA GLN D 153 9.57 10.92 -32.58
C GLN D 153 8.40 10.12 -32.06
N ASP D 154 8.62 8.88 -31.65
CA ASP D 154 7.69 8.21 -30.76
C ASP D 154 7.60 9.08 -29.52
N PRO D 155 6.41 9.51 -29.10
CA PRO D 155 6.33 10.30 -27.87
C PRO D 155 6.70 9.53 -26.62
N ARG D 156 7.05 8.25 -26.75
CA ARG D 156 7.45 7.44 -25.61
C ARG D 156 8.96 7.43 -25.45
N GLY D 157 9.68 7.35 -26.57
CA GLY D 157 11.14 7.40 -26.56
C GLY D 157 11.72 8.75 -26.19
N ALA D 158 10.96 9.82 -26.39
CA ALA D 158 11.45 11.16 -26.07
C ALA D 158 11.02 11.61 -24.68
N ALA D 159 10.27 10.77 -23.97
CA ALA D 159 9.94 10.97 -22.57
C ALA D 159 10.79 10.08 -21.69
N HIS D 160 11.24 8.94 -22.22
CA HIS D 160 12.16 8.07 -21.51
C HIS D 160 13.51 8.77 -21.31
N TYR D 161 14.11 9.25 -22.39
CA TYR D 161 15.38 9.96 -22.28
C TYR D 161 15.26 11.20 -21.39
N ARG D 162 14.18 11.96 -21.55
CA ARG D 162 13.97 13.12 -20.69
C ARG D 162 13.90 12.70 -19.23
N ARG D 163 13.20 11.59 -18.95
CA ARG D 163 13.21 11.01 -17.61
C ARG D 163 14.61 10.57 -17.21
N PHE D 164 15.35 9.96 -18.12
CA PHE D 164 16.70 9.50 -17.82
C PHE D 164 17.61 10.66 -17.47
N ASP D 165 17.62 11.70 -18.32
CA ASP D 165 18.44 12.88 -18.05
C ASP D 165 18.00 13.57 -16.77
N ALA D 166 16.68 13.60 -16.51
CA ALA D 166 16.20 14.21 -15.28
C ALA D 166 16.70 13.45 -14.06
N TRP D 167 16.72 12.11 -14.12
CA TRP D 167 17.21 11.31 -13.01
C TRP D 167 18.69 11.56 -12.74
N LEU D 168 19.49 11.68 -13.80
CA LEU D 168 20.91 11.97 -13.60
C LEU D 168 21.11 13.32 -12.93
N GLU D 169 20.32 14.31 -13.31
CA GLU D 169 20.41 15.62 -12.67
C GLU D 169 19.97 15.56 -11.22
N ASP D 170 18.91 14.79 -10.92
CA ASP D 170 18.46 14.64 -9.54
C ASP D 170 19.48 13.89 -8.69
N SER D 171 20.23 12.98 -9.29
CA SER D 171 21.13 12.10 -8.54
C SER D 171 22.48 12.74 -8.24
N GLY D 172 22.71 13.97 -8.69
CA GLY D 172 23.95 14.67 -8.37
C GLY D 172 25.07 14.51 -9.37
N VAL D 173 24.78 14.05 -10.58
CA VAL D 173 25.80 13.91 -11.61
C VAL D 173 25.32 14.52 -12.92
N PRO D 174 25.13 15.85 -12.99
CA PRO D 174 24.67 16.45 -14.24
C PRO D 174 25.73 16.49 -15.33
N GLY D 175 27.01 16.49 -14.96
CA GLY D 175 28.08 16.62 -15.93
C GLY D 175 28.47 15.33 -16.64
N ILE D 176 27.53 14.40 -16.78
CA ILE D 176 27.78 13.14 -17.48
C ILE D 176 26.58 12.79 -18.34
N ASP D 177 26.85 12.19 -19.49
CA ASP D 177 25.80 11.83 -20.44
C ASP D 177 25.10 10.54 -20.02
N ALA D 178 23.85 10.39 -20.47
CA ALA D 178 23.11 9.16 -20.20
C ALA D 178 23.76 7.97 -20.89
N GLY D 179 24.48 8.19 -21.99
CA GLY D 179 25.24 7.13 -22.62
C GLY D 179 26.59 6.92 -21.96
N ASP D 180 27.27 8.01 -21.62
CA ASP D 180 28.59 7.92 -21.00
C ASP D 180 28.52 7.19 -19.66
N LEU D 181 27.66 7.67 -18.77
CA LEU D 181 27.25 6.85 -17.64
C LEU D 181 26.47 5.67 -18.19
N VAL D 182 26.89 4.46 -17.82
CA VAL D 182 26.41 3.14 -18.26
C VAL D 182 27.42 2.48 -19.21
N ASN D 183 27.68 3.11 -20.36
CA ASN D 183 28.44 2.48 -21.43
C ASN D 183 29.85 3.03 -21.60
N LEU D 184 30.26 4.00 -20.79
CA LEU D 184 31.62 4.51 -20.78
C LEU D 184 32.10 4.55 -19.34
N PRO D 185 32.33 3.38 -18.74
CA PRO D 185 32.74 3.34 -17.34
C PRO D 185 34.12 3.92 -17.15
N GLU D 186 34.43 4.21 -15.87
CA GLU D 186 35.77 4.66 -15.51
C GLU D 186 36.80 3.59 -15.87
N ARG D 187 36.62 2.38 -15.33
CA ARG D 187 37.41 1.20 -15.65
C ARG D 187 36.45 0.02 -15.71
N SER D 188 36.75 -0.95 -16.58
CA SER D 188 35.83 -2.06 -16.79
C SER D 188 36.58 -3.38 -16.98
N LEU D 189 36.03 -4.45 -16.40
CA LEU D 189 36.54 -5.81 -16.56
C LEU D 189 35.54 -6.60 -17.40
N VAL D 190 35.94 -6.97 -18.60
CA VAL D 190 35.10 -7.67 -19.56
C VAL D 190 35.42 -9.15 -19.47
N LEU D 191 34.46 -9.95 -18.99
CA LEU D 191 34.69 -11.37 -18.74
C LEU D 191 34.47 -12.23 -19.97
N VAL D 192 34.92 -11.76 -21.14
CA VAL D 192 34.97 -12.59 -22.34
C VAL D 192 36.36 -12.41 -22.95
N PRO D 193 36.86 -13.38 -23.71
CA PRO D 193 38.12 -13.19 -24.42
C PRO D 193 37.94 -12.23 -25.59
N ARG D 194 39.06 -11.72 -26.08
CA ARG D 194 38.98 -10.73 -27.16
C ARG D 194 38.37 -11.33 -28.42
N PHE D 195 38.55 -12.63 -28.66
CA PHE D 195 38.00 -13.23 -29.87
C PHE D 195 36.50 -13.50 -29.78
N LEU D 196 35.87 -13.25 -28.64
CA LEU D 196 34.42 -13.25 -28.53
C LEU D 196 33.86 -11.83 -28.41
N GLN D 197 34.68 -10.81 -28.63
CA GLN D 197 34.25 -9.42 -28.57
C GLN D 197 34.15 -8.86 -29.98
N PRO D 198 32.96 -8.53 -30.48
CA PRO D 198 32.86 -7.95 -31.82
C PRO D 198 33.54 -6.59 -31.89
N ASP D 199 34.26 -6.36 -32.99
CA ASP D 199 34.96 -5.10 -33.24
C ASP D 199 35.90 -4.76 -32.09
N ALA D 200 36.69 -5.75 -31.67
CA ALA D 200 37.54 -5.57 -30.50
C ALA D 200 38.55 -4.45 -30.69
N ASP D 201 39.03 -4.24 -31.92
CA ASP D 201 40.01 -3.17 -32.15
C ASP D 201 39.43 -1.79 -31.89
N ASP D 202 38.12 -1.62 -31.99
CA ASP D 202 37.47 -0.35 -31.69
C ASP D 202 37.18 -0.18 -30.20
N VAL D 203 37.63 -1.11 -29.35
CA VAL D 203 37.46 -1.03 -27.91
C VAL D 203 38.75 -0.51 -27.29
N ASP D 204 38.65 0.57 -26.52
CA ASP D 204 39.82 1.20 -25.90
C ASP D 204 40.23 0.38 -24.68
N GLU D 205 41.39 -0.27 -24.77
CA GLU D 205 41.85 -1.14 -23.69
C GLU D 205 42.60 -0.39 -22.59
N LYS D 206 42.73 0.93 -22.68
CA LYS D 206 43.06 1.71 -21.49
C LYS D 206 41.91 1.67 -20.49
N ARG D 207 40.68 1.53 -20.99
CA ARG D 207 39.46 1.56 -20.19
C ARG D 207 38.92 0.15 -19.95
N PHE D 208 38.80 -0.65 -21.00
CA PHE D 208 38.28 -2.01 -20.89
C PHE D 208 39.44 -3.00 -20.90
N THR D 209 39.36 -4.02 -20.06
CA THR D 209 40.34 -5.10 -20.04
C THR D 209 39.62 -6.41 -20.31
N PHE D 210 40.06 -7.12 -21.34
CA PHE D 210 39.49 -8.44 -21.64
C PHE D 210 40.13 -9.45 -20.70
N ILE D 211 39.30 -10.02 -19.81
CA ILE D 211 39.78 -10.87 -18.74
C ILE D 211 39.54 -12.32 -19.13
N GLY D 212 38.49 -12.56 -19.90
CA GLY D 212 38.02 -13.90 -20.13
C GLY D 212 37.16 -14.33 -18.97
N PRO D 213 36.65 -15.56 -19.02
CA PRO D 213 35.80 -16.04 -17.93
C PRO D 213 36.59 -16.17 -16.64
N CYS D 214 35.89 -16.06 -15.53
CA CYS D 214 36.48 -16.22 -14.20
C CYS D 214 36.08 -17.59 -13.66
N LEU D 215 37.07 -18.48 -13.56
CA LEU D 215 36.88 -19.89 -13.22
C LEU D 215 37.47 -20.19 -11.85
N GLY D 216 37.23 -21.41 -11.37
CA GLY D 216 37.74 -21.78 -10.06
C GLY D 216 37.93 -23.26 -9.80
N ARG D 217 39.15 -23.74 -10.10
CA ARG D 217 39.56 -25.12 -9.90
C ARG D 217 38.75 -26.06 -10.79
N ARG D 218 37.54 -26.41 -10.36
CA ARG D 218 36.64 -27.30 -11.10
C ARG D 218 35.33 -27.50 -10.35
N ALA D 219 34.21 -27.41 -11.04
CA ALA D 219 32.89 -27.50 -10.43
C ALA D 219 32.54 -28.95 -10.09
N HIS D 220 31.48 -29.13 -9.30
CA HIS D 220 31.13 -30.46 -8.78
C HIS D 220 29.81 -30.92 -9.32
N GLN D 221 28.73 -30.94 -8.53
CA GLN D 221 27.39 -31.48 -8.80
C GLN D 221 27.32 -32.81 -9.56
N GLY D 222 28.42 -33.52 -9.76
CA GLY D 222 28.35 -34.83 -10.36
C GLY D 222 29.05 -34.94 -11.71
N ASP D 223 28.83 -36.10 -12.34
CA ASP D 223 29.41 -36.53 -13.61
C ASP D 223 28.31 -37.04 -14.55
N TRP D 224 28.66 -37.19 -15.83
CA TRP D 224 27.73 -37.66 -16.85
C TRP D 224 28.55 -38.31 -17.96
N LYS D 225 28.61 -39.64 -17.96
CA LYS D 225 29.28 -40.40 -19.00
C LYS D 225 28.30 -40.88 -20.07
N ARG D 226 28.84 -41.20 -21.24
CA ARG D 226 28.07 -41.65 -22.38
C ARG D 226 27.23 -42.89 -22.06
N PRO D 227 26.00 -42.97 -22.56
CA PRO D 227 25.32 -44.27 -22.59
C PRO D 227 26.13 -45.17 -23.52
N ALA D 228 26.36 -46.40 -23.08
CA ALA D 228 27.23 -47.29 -23.84
C ALA D 228 26.69 -47.51 -25.24
N GLY D 229 27.61 -47.49 -26.21
CA GLY D 229 27.25 -47.60 -27.60
C GLY D 229 26.70 -46.34 -28.21
N ALA D 230 26.98 -45.19 -27.62
CA ALA D 230 26.71 -43.90 -28.25
C ALA D 230 28.07 -43.37 -28.70
N GLU D 231 28.24 -43.24 -30.00
CA GLU D 231 29.54 -42.85 -30.54
C GLU D 231 29.73 -41.34 -30.49
N LYS D 232 28.70 -40.57 -30.84
CA LYS D 232 28.79 -39.12 -30.85
C LYS D 232 27.64 -38.59 -30.00
N VAL D 233 27.94 -37.61 -29.15
CA VAL D 233 26.98 -37.09 -28.18
C VAL D 233 26.59 -35.67 -28.57
N ALA D 234 25.30 -35.37 -28.46
CA ALA D 234 24.79 -34.05 -28.73
C ALA D 234 24.04 -33.52 -27.53
N LEU D 235 24.19 -32.22 -27.27
CA LEU D 235 23.44 -31.54 -26.24
C LEU D 235 22.73 -30.38 -26.93
N VAL D 236 21.41 -30.36 -26.84
CA VAL D 236 20.60 -29.28 -27.38
C VAL D 236 19.94 -28.62 -26.18
N SER D 237 20.36 -27.40 -25.86
CA SER D 237 19.80 -26.71 -24.70
C SER D 237 19.95 -25.21 -24.86
N LEU D 238 18.82 -24.50 -24.89
CA LEU D 238 18.81 -23.05 -24.91
C LEU D 238 18.87 -22.58 -23.46
N GLY D 239 19.49 -23.40 -22.61
CA GLY D 239 19.42 -23.38 -21.16
C GLY D 239 20.10 -22.25 -20.41
N SER D 240 20.78 -21.30 -21.06
CA SER D 240 21.18 -20.09 -20.33
C SER D 240 20.03 -19.55 -19.50
N HIS D 241 18.83 -19.49 -20.09
CA HIS D 241 17.61 -19.23 -19.34
C HIS D 241 16.35 -19.68 -20.06
N LEU D 242 15.96 -18.97 -21.13
CA LEU D 242 14.61 -19.09 -21.66
C LEU D 242 14.54 -20.05 -22.85
N THR D 243 13.50 -20.87 -22.85
CA THR D 243 13.16 -21.75 -23.96
C THR D 243 11.64 -21.84 -24.07
N ASN D 244 11.17 -22.22 -25.27
CA ASN D 244 9.73 -22.39 -25.48
C ASN D 244 9.36 -22.96 -26.86
N GLN D 245 10.35 -23.29 -27.70
CA GLN D 245 10.08 -23.58 -29.11
C GLN D 245 9.82 -25.07 -29.25
N LEU D 246 8.54 -25.45 -29.16
CA LEU D 246 8.17 -26.86 -29.28
C LEU D 246 8.43 -27.45 -30.66
N PRO D 247 8.06 -26.81 -31.79
CA PRO D 247 8.25 -27.48 -33.09
C PRO D 247 9.71 -27.81 -33.37
N PHE D 248 10.62 -26.90 -33.00
CA PHE D 248 12.04 -27.17 -33.20
C PHE D 248 12.54 -28.32 -32.34
N TYR D 249 11.97 -28.51 -31.14
CA TYR D 249 12.41 -29.60 -30.28
C TYR D 249 12.11 -30.96 -30.90
N GLU D 250 10.91 -31.12 -31.46
CA GLU D 250 10.56 -32.39 -32.07
C GLU D 250 11.46 -32.68 -33.26
N THR D 251 11.84 -31.63 -34.02
CA THR D 251 12.77 -31.81 -35.13
C THR D 251 14.09 -32.38 -34.63
N CYS D 252 14.52 -31.97 -33.44
CA CYS D 252 15.75 -32.52 -32.86
C CYS D 252 15.61 -34.02 -32.64
N VAL D 253 14.51 -34.44 -32.00
CA VAL D 253 14.26 -35.87 -31.83
C VAL D 253 14.04 -36.52 -33.19
N GLU D 254 13.45 -35.78 -34.14
CA GLU D 254 13.28 -36.28 -35.49
C GLU D 254 14.62 -36.57 -36.16
N VAL D 255 15.56 -35.63 -36.03
CA VAL D 255 16.88 -35.81 -36.63
C VAL D 255 17.58 -37.02 -36.04
N PHE D 256 17.60 -37.12 -34.71
CA PHE D 256 18.33 -38.19 -34.05
C PHE D 256 17.61 -39.53 -34.08
N ALA D 257 16.29 -39.53 -34.34
CA ALA D 257 15.61 -40.79 -34.63
C ALA D 257 16.16 -41.38 -35.92
N ALA D 258 16.25 -42.72 -35.95
CA ALA D 258 16.82 -43.51 -37.05
C ALA D 258 18.27 -43.16 -37.30
N LEU D 259 18.81 -42.22 -36.54
CA LEU D 259 20.24 -42.03 -36.50
C LEU D 259 20.76 -42.72 -35.26
N PRO D 260 21.33 -43.89 -35.39
CA PRO D 260 21.82 -44.58 -34.18
C PRO D 260 23.07 -43.87 -33.67
N ASP D 261 24.20 -44.61 -33.59
CA ASP D 261 25.42 -44.13 -32.94
C ASP D 261 25.39 -42.74 -32.26
N TRP D 262 24.36 -41.88 -32.47
CA TRP D 262 24.24 -40.56 -31.81
C TRP D 262 23.34 -40.65 -30.58
N HIS D 263 23.63 -39.82 -29.59
CA HIS D 263 22.80 -39.71 -28.39
C HIS D 263 22.37 -38.27 -28.23
N LEU D 264 21.07 -38.02 -28.38
CA LEU D 264 20.54 -36.69 -28.21
C LEU D 264 20.21 -36.51 -26.73
N VAL D 265 20.73 -35.44 -26.14
CA VAL D 265 20.43 -35.08 -24.76
C VAL D 265 19.73 -33.74 -24.86
N LEU D 266 18.41 -33.78 -24.96
CA LEU D 266 17.61 -32.60 -25.21
C LEU D 266 17.12 -32.06 -23.88
N GLN D 267 17.33 -30.76 -23.66
CA GLN D 267 16.82 -30.09 -22.47
C GLN D 267 15.74 -29.14 -22.96
N ILE D 268 14.48 -29.49 -22.66
CA ILE D 268 13.37 -28.68 -23.13
C ILE D 268 13.06 -27.51 -22.21
N GLY D 269 13.44 -27.58 -20.94
CA GLY D 269 13.32 -26.43 -20.08
C GLY D 269 12.06 -26.33 -19.25
N ARG D 270 12.23 -25.80 -18.04
CA ARG D 270 11.20 -25.47 -17.05
C ARG D 270 9.79 -25.31 -17.59
N HIS D 271 9.61 -24.72 -18.78
CA HIS D 271 8.27 -24.54 -19.32
C HIS D 271 7.66 -25.80 -19.90
N VAL D 272 8.46 -26.84 -20.20
CA VAL D 272 7.92 -28.09 -20.70
C VAL D 272 8.60 -29.26 -19.98
N ASP D 273 7.90 -30.39 -19.97
CA ASP D 273 8.42 -31.63 -19.43
C ASP D 273 7.72 -32.77 -20.14
N ALA D 274 6.41 -32.60 -20.38
CA ALA D 274 5.62 -33.51 -21.19
C ALA D 274 5.87 -33.18 -22.66
N GLY D 275 5.10 -33.80 -23.56
CA GLY D 275 5.24 -33.57 -24.98
C GLY D 275 5.99 -34.66 -25.70
N GLU D 276 6.74 -35.47 -24.95
CA GLU D 276 7.52 -36.60 -25.43
C GLU D 276 6.68 -37.68 -26.10
N LEU D 277 7.27 -38.85 -26.32
CA LEU D 277 6.60 -39.98 -26.98
C LEU D 277 6.80 -41.20 -26.09
N GLY D 278 5.73 -41.61 -25.41
CA GLY D 278 5.68 -42.72 -24.49
C GLY D 278 6.44 -43.97 -24.88
N GLU D 279 7.76 -43.89 -24.70
CA GLU D 279 8.77 -44.91 -24.96
C GLU D 279 10.11 -44.23 -25.12
N LEU D 280 10.36 -43.79 -26.36
CA LEU D 280 11.55 -43.13 -26.85
C LEU D 280 12.76 -44.05 -26.77
N PRO D 281 13.47 -44.22 -27.87
CA PRO D 281 14.64 -45.11 -27.90
C PRO D 281 15.73 -44.61 -26.96
N PRO D 282 16.71 -45.46 -26.65
CA PRO D 282 17.87 -44.98 -25.89
C PRO D 282 18.65 -43.91 -26.64
N ASN D 283 18.27 -43.64 -27.88
CA ASN D 283 18.91 -42.58 -28.67
C ASN D 283 18.61 -41.21 -28.09
N VAL D 284 17.42 -41.04 -27.51
CA VAL D 284 16.96 -39.75 -27.00
C VAL D 284 16.66 -39.91 -25.51
N GLU D 285 17.30 -39.08 -24.68
CA GLU D 285 16.92 -38.93 -23.29
C GLU D 285 16.58 -37.47 -23.05
N VAL D 286 15.52 -37.22 -22.30
CA VAL D 286 14.91 -35.90 -22.22
C VAL D 286 14.91 -35.44 -20.78
N HIS D 287 15.36 -34.20 -20.55
CA HIS D 287 15.44 -33.61 -19.24
C HIS D 287 14.89 -32.19 -19.30
N ASN D 288 14.45 -31.68 -18.16
CA ASN D 288 14.19 -30.26 -18.00
C ASN D 288 15.45 -29.50 -17.60
N TRP D 289 16.40 -30.19 -16.99
CA TRP D 289 17.68 -29.61 -16.60
C TRP D 289 18.72 -30.72 -16.59
N VAL D 290 19.89 -30.43 -17.18
CA VAL D 290 21.02 -31.36 -17.17
C VAL D 290 22.21 -30.65 -16.56
N PRO D 291 23.14 -31.37 -15.93
CA PRO D 291 24.42 -30.73 -15.54
C PRO D 291 25.21 -30.38 -16.79
N GLN D 292 25.03 -29.15 -17.27
CA GLN D 292 25.49 -28.80 -18.63
C GLN D 292 26.99 -28.98 -18.78
N LEU D 293 27.77 -28.61 -17.75
CA LEU D 293 29.22 -28.83 -17.84
C LEU D 293 29.56 -30.31 -17.92
N ALA D 294 28.84 -31.15 -17.17
CA ALA D 294 29.14 -32.57 -17.18
C ALA D 294 28.79 -33.19 -18.53
N VAL D 295 27.66 -32.82 -19.11
CA VAL D 295 27.28 -33.35 -20.42
C VAL D 295 28.21 -32.78 -21.50
N LEU D 296 28.54 -31.50 -21.41
CA LEU D 296 29.43 -30.87 -22.38
C LEU D 296 30.84 -31.41 -22.34
N GLU D 297 31.28 -31.97 -21.20
CA GLU D 297 32.64 -32.51 -21.14
C GLU D 297 32.81 -33.74 -22.03
N GLN D 298 31.74 -34.51 -22.27
CA GLN D 298 31.84 -35.73 -23.04
C GLN D 298 30.98 -35.67 -24.31
N ALA D 299 30.55 -34.48 -24.69
CA ALA D 299 29.72 -34.28 -25.87
C ALA D 299 30.61 -34.03 -27.09
N ASP D 300 30.06 -34.32 -28.27
CA ASP D 300 30.75 -34.09 -29.52
C ASP D 300 30.17 -32.95 -30.34
N VAL D 301 28.98 -32.47 -29.99
CA VAL D 301 28.41 -31.26 -30.57
C VAL D 301 27.46 -30.67 -29.55
N PHE D 302 27.30 -29.35 -29.59
CA PHE D 302 26.48 -28.62 -28.64
C PHE D 302 25.60 -27.66 -29.42
N VAL D 303 24.30 -27.85 -29.33
CA VAL D 303 23.34 -26.95 -29.96
C VAL D 303 22.91 -25.94 -28.92
N THR D 304 22.93 -24.66 -29.29
CA THR D 304 22.71 -23.60 -28.34
C THR D 304 22.09 -22.39 -29.03
N HIS D 305 21.66 -21.44 -28.20
CA HIS D 305 21.07 -20.18 -28.63
C HIS D 305 22.11 -19.09 -28.84
N GLY D 306 23.35 -19.32 -28.43
CA GLY D 306 24.37 -18.29 -28.54
C GLY D 306 24.51 -17.39 -27.34
N GLY D 307 24.04 -17.81 -26.17
CA GLY D 307 24.34 -17.06 -24.96
C GLY D 307 25.82 -17.17 -24.63
N MET D 308 26.37 -16.09 -24.09
CA MET D 308 27.80 -16.06 -23.82
C MET D 308 28.20 -17.13 -22.81
N GLY D 309 27.33 -17.43 -21.85
CA GLY D 309 27.65 -18.44 -20.85
C GLY D 309 27.79 -19.82 -21.47
N GLY D 310 26.86 -20.19 -22.34
CA GLY D 310 26.94 -21.49 -22.99
C GLY D 310 28.10 -21.58 -23.97
N ILE D 311 28.33 -20.51 -24.73
CA ILE D 311 29.42 -20.53 -25.72
C ILE D 311 30.76 -20.69 -25.02
N GLN D 312 30.99 -19.90 -23.97
CA GLN D 312 32.25 -20.01 -23.23
C GLN D 312 32.38 -21.37 -22.56
N GLU D 313 31.26 -21.97 -22.17
CA GLU D 313 31.32 -23.32 -21.61
C GLU D 313 31.58 -24.34 -22.71
N GLY D 314 30.97 -24.15 -23.88
CA GLY D 314 31.30 -24.99 -25.02
C GLY D 314 32.73 -24.82 -25.46
N LEU D 315 33.23 -23.57 -25.45
CA LEU D 315 34.62 -23.32 -25.81
C LEU D 315 35.57 -24.00 -24.83
N PHE D 316 35.31 -23.86 -23.53
CA PHE D 316 36.19 -24.42 -22.53
C PHE D 316 36.24 -25.95 -22.59
N SER D 317 35.13 -26.58 -22.99
CA SER D 317 35.06 -28.03 -23.09
C SER D 317 35.51 -28.55 -24.46
N GLY D 318 35.86 -27.67 -25.39
CA GLY D 318 36.28 -28.09 -26.72
C GLY D 318 35.20 -28.77 -27.53
N VAL D 319 33.98 -28.25 -27.49
CA VAL D 319 32.85 -28.85 -28.19
C VAL D 319 32.35 -27.87 -29.25
N PRO D 320 32.32 -28.26 -30.53
CA PRO D 320 31.77 -27.37 -31.55
C PRO D 320 30.29 -27.12 -31.31
N MET D 321 29.80 -26.00 -31.84
CA MET D 321 28.48 -25.52 -31.47
C MET D 321 27.61 -25.26 -32.70
N VAL D 322 26.32 -25.58 -32.57
CA VAL D 322 25.30 -25.17 -33.52
C VAL D 322 24.48 -24.09 -32.85
N VAL D 323 24.54 -22.87 -33.37
CA VAL D 323 23.99 -21.69 -32.71
C VAL D 323 22.71 -21.27 -33.43
N ALA D 324 21.65 -21.07 -32.65
CA ALA D 324 20.34 -20.62 -33.15
C ALA D 324 20.00 -19.33 -32.42
N PRO D 325 20.55 -18.20 -32.87
CA PRO D 325 20.36 -16.94 -32.14
C PRO D 325 18.92 -16.44 -32.20
N GLN D 326 18.48 -15.84 -31.09
CA GLN D 326 17.14 -15.29 -30.97
C GLN D 326 17.15 -13.85 -30.49
N ALA D 327 17.63 -13.61 -29.27
CA ALA D 327 17.56 -12.27 -28.70
C ALA D 327 18.58 -11.33 -29.34
N ASN D 328 19.06 -10.33 -28.60
CA ASN D 328 19.93 -9.35 -29.21
C ASN D 328 21.41 -9.69 -29.09
N ASP D 329 21.84 -10.29 -27.98
CA ASP D 329 23.25 -10.62 -27.80
C ASP D 329 23.67 -11.82 -28.63
N GLN D 330 22.72 -12.67 -28.99
CA GLN D 330 22.92 -13.98 -29.62
C GLN D 330 23.36 -13.94 -31.08
N PRO D 331 22.82 -13.05 -31.94
CA PRO D 331 23.29 -13.03 -33.33
C PRO D 331 24.76 -12.68 -33.46
N ALA D 332 25.22 -11.67 -32.72
CA ALA D 332 26.64 -11.32 -32.75
C ALA D 332 27.49 -12.48 -32.25
N ASN D 333 27.03 -13.18 -31.21
CA ASN D 333 27.76 -14.33 -30.71
C ASN D 333 27.81 -15.43 -31.76
N ALA D 334 26.73 -15.62 -32.51
CA ALA D 334 26.73 -16.63 -33.55
C ALA D 334 27.76 -16.32 -34.62
N GLU D 335 27.83 -15.07 -35.07
CA GLU D 335 28.83 -14.70 -36.06
C GLU D 335 30.25 -14.91 -35.54
N SER D 336 30.49 -14.63 -34.26
CA SER D 336 31.84 -14.77 -33.72
C SER D 336 32.32 -16.21 -33.81
N VAL D 337 31.55 -17.15 -33.28
CA VAL D 337 31.96 -18.55 -33.30
C VAL D 337 31.93 -19.11 -34.71
N VAL D 338 31.10 -18.54 -35.58
CA VAL D 338 31.19 -18.89 -37.00
C VAL D 338 32.50 -18.41 -37.59
N GLY D 339 32.88 -17.16 -37.28
CA GLY D 339 34.15 -16.63 -37.75
C GLY D 339 35.36 -17.34 -37.18
N LEU D 340 35.21 -18.03 -36.06
CA LEU D 340 36.29 -18.78 -35.45
C LEU D 340 36.42 -20.18 -36.03
N GLY D 341 35.53 -20.56 -36.96
CA GLY D 341 35.58 -21.88 -37.56
C GLY D 341 35.22 -23.01 -36.65
N ILE D 342 34.30 -22.78 -35.71
CA ILE D 342 33.95 -23.81 -34.74
C ILE D 342 32.43 -23.94 -34.61
N ALA D 343 31.68 -23.25 -35.47
CA ALA D 343 30.24 -23.23 -35.32
C ALA D 343 29.54 -22.94 -36.64
N ARG D 344 28.29 -23.37 -36.71
CA ARG D 344 27.36 -23.03 -37.79
C ARG D 344 26.12 -22.35 -37.21
N ARG D 345 25.57 -21.44 -38.00
CA ARG D 345 24.43 -20.62 -37.61
C ARG D 345 23.19 -21.12 -38.34
N ILE D 346 22.11 -21.31 -37.59
CA ILE D 346 20.86 -21.78 -38.14
C ILE D 346 19.78 -20.76 -37.78
N ASP D 347 18.70 -20.76 -38.56
CA ASP D 347 17.60 -19.82 -38.37
C ASP D 347 16.38 -20.59 -37.86
N ILE D 348 16.03 -20.36 -36.59
CA ILE D 348 14.94 -21.07 -35.93
C ILE D 348 13.66 -20.99 -36.75
N ALA D 349 13.49 -19.94 -37.56
CA ALA D 349 12.26 -19.76 -38.32
C ALA D 349 12.08 -20.87 -39.35
N THR D 350 13.17 -21.32 -39.98
CA THR D 350 13.06 -22.28 -41.08
C THR D 350 13.62 -23.58 -40.61
N VAL D 351 14.92 -23.84 -40.78
CA VAL D 351 15.69 -25.08 -40.54
C VAL D 351 14.96 -26.37 -40.89
N THR D 352 15.67 -27.28 -41.53
CA THR D 352 15.19 -28.61 -41.88
C THR D 352 15.93 -29.67 -41.08
N PRO D 353 15.38 -30.88 -40.97
CA PRO D 353 16.17 -31.96 -40.35
C PRO D 353 17.45 -32.24 -41.10
N ASP D 354 17.41 -32.12 -42.44
CA ASP D 354 18.60 -32.35 -43.25
C ASP D 354 19.67 -31.29 -42.98
N ARG D 355 19.29 -30.01 -42.97
CA ARG D 355 20.26 -28.96 -42.68
C ARG D 355 20.73 -29.04 -41.23
N LEU D 356 19.84 -29.41 -40.31
CA LEU D 356 20.24 -29.59 -38.92
C LEU D 356 21.24 -30.75 -38.78
N ARG D 357 20.92 -31.90 -39.39
CA ARG D 357 21.81 -33.05 -39.28
C ARG D 357 23.14 -32.77 -39.98
N ALA D 358 23.13 -31.97 -41.06
CA ALA D 358 24.36 -31.67 -41.77
C ALA D 358 25.32 -30.88 -40.89
N ALA D 359 24.85 -29.78 -40.30
CA ALA D 359 25.69 -29.01 -39.39
C ALA D 359 26.18 -29.87 -38.23
N VAL D 360 25.32 -30.77 -37.74
CA VAL D 360 25.70 -31.63 -36.62
C VAL D 360 26.75 -32.63 -37.03
N VAL D 361 26.52 -33.35 -38.14
CA VAL D 361 27.41 -34.45 -38.50
C VAL D 361 28.76 -33.93 -39.01
N GLU D 362 28.76 -32.79 -39.70
CA GLU D 362 30.01 -32.22 -40.20
C GLU D 362 30.88 -31.72 -39.05
N LEU D 363 30.30 -30.94 -38.15
CA LEU D 363 31.06 -30.34 -37.06
C LEU D 363 31.77 -31.40 -36.24
N ALA D 364 31.11 -32.52 -35.96
CA ALA D 364 31.71 -33.56 -35.13
C ALA D 364 32.82 -34.32 -35.86
N SER D 365 32.81 -34.32 -37.19
CA SER D 365 33.81 -35.05 -37.95
C SER D 365 35.04 -34.24 -38.32
N ASP D 366 34.89 -32.94 -38.57
CA ASP D 366 35.97 -32.10 -39.07
C ASP D 366 37.11 -32.03 -38.05
N PRO D 367 38.29 -32.55 -38.35
CA PRO D 367 39.41 -32.46 -37.39
C PRO D 367 40.04 -31.08 -37.33
N ALA D 368 39.86 -30.28 -38.38
CA ALA D 368 40.34 -28.90 -38.33
C ALA D 368 39.57 -28.10 -37.29
N VAL D 369 38.28 -28.40 -37.14
CA VAL D 369 37.48 -27.76 -36.09
C VAL D 369 38.04 -28.11 -34.72
N ALA D 370 38.41 -29.38 -34.52
CA ALA D 370 38.93 -29.80 -33.23
C ALA D 370 40.25 -29.12 -32.89
N GLU D 371 41.11 -28.92 -33.88
CA GLU D 371 42.39 -28.27 -33.62
C GLU D 371 42.20 -26.80 -33.26
N ARG D 372 41.21 -26.14 -33.89
CA ARG D 372 40.92 -24.75 -33.55
C ARG D 372 40.41 -24.61 -32.13
N LEU D 373 39.60 -25.57 -31.64
CA LEU D 373 39.19 -25.54 -30.24
C LEU D 373 40.38 -25.66 -29.31
N SER D 374 41.35 -26.51 -29.66
CA SER D 374 42.55 -26.62 -28.82
C SER D 374 43.26 -25.29 -28.72
N GLY D 375 43.41 -24.58 -29.84
CA GLY D 375 44.06 -23.29 -29.81
C GLY D 375 43.27 -22.24 -29.05
N LEU D 376 41.95 -22.18 -29.28
CA LEU D 376 41.12 -21.22 -28.57
C LEU D 376 41.09 -21.51 -27.09
N ARG D 377 41.18 -22.79 -26.69
CA ARG D 377 41.28 -23.14 -25.28
C ARG D 377 42.53 -22.52 -24.67
N ARG D 378 43.66 -22.55 -25.38
CA ARG D 378 44.87 -21.94 -24.88
C ARG D 378 44.78 -20.42 -24.88
N GLU D 379 44.15 -19.83 -25.90
CA GLU D 379 43.98 -18.39 -25.94
C GLU D 379 43.06 -17.91 -24.83
N LEU D 380 42.08 -18.73 -24.48
CA LEU D 380 41.11 -18.37 -23.45
C LEU D 380 41.81 -18.08 -22.12
N ARG D 381 42.64 -19.01 -21.65
CA ARG D 381 43.30 -18.86 -20.36
C ARG D 381 44.27 -17.69 -20.35
N ALA D 382 44.92 -17.41 -21.47
CA ALA D 382 45.96 -16.39 -21.53
C ALA D 382 45.44 -14.97 -21.27
N HIS D 383 44.11 -14.79 -21.24
CA HIS D 383 43.54 -13.48 -20.97
C HIS D 383 43.64 -13.09 -19.50
N GLY D 384 43.95 -14.02 -18.60
CA GLY D 384 44.17 -13.67 -17.21
C GLY D 384 43.20 -14.28 -16.22
N GLY D 385 41.92 -14.31 -16.54
CA GLY D 385 40.96 -14.92 -15.64
C GLY D 385 40.84 -14.20 -14.30
N THR D 386 40.35 -14.95 -13.31
CA THR D 386 40.04 -14.34 -12.02
C THR D 386 41.28 -13.76 -11.35
N MET D 387 42.42 -14.45 -11.48
CA MET D 387 43.63 -13.95 -10.83
C MET D 387 44.04 -12.59 -11.38
N ARG D 388 43.96 -12.41 -12.70
CA ARG D 388 44.26 -11.09 -13.24
C ARG D 388 43.22 -10.05 -12.81
N ALA D 389 41.95 -10.43 -12.78
CA ALA D 389 40.90 -9.49 -12.40
C ALA D 389 41.05 -9.06 -10.95
N ALA D 390 41.35 -10.00 -10.05
CA ALA D 390 41.49 -9.66 -8.64
C ALA D 390 42.67 -8.73 -8.41
N ASP D 391 43.77 -8.95 -9.14
CA ASP D 391 44.93 -8.05 -9.02
C ASP D 391 44.59 -6.65 -9.49
N LEU D 392 43.81 -6.54 -10.57
CA LEU D 392 43.43 -5.23 -11.08
C LEU D 392 42.48 -4.52 -10.12
N ILE D 393 41.60 -5.26 -9.46
CA ILE D 393 40.73 -4.65 -8.46
C ILE D 393 41.51 -4.25 -7.22
N GLU D 394 42.40 -5.13 -6.75
CA GLU D 394 43.24 -4.80 -5.60
C GLU D 394 44.12 -3.59 -5.89
N ARG D 395 44.37 -3.29 -7.16
CA ARG D 395 45.14 -2.12 -7.52
C ARG D 395 44.43 -0.85 -7.11
N GLN D 396 43.10 -0.88 -7.05
CA GLN D 396 42.30 0.28 -6.66
C GLN D 396 42.13 0.41 -5.16
N LEU D 397 42.75 -0.48 -4.38
CA LEU D 397 42.68 -0.39 -2.93
C LEU D 397 43.90 0.33 -2.38
N PRO D 398 43.74 1.16 -1.34
CA PRO D 398 44.89 1.84 -0.73
C PRO D 398 45.78 0.87 0.05
#